data_1P9K
#
_entry.id   1P9K
#
_cell.length_a   1.000
_cell.length_b   1.000
_cell.length_c   1.000
_cell.angle_alpha   90.00
_cell.angle_beta   90.00
_cell.angle_gamma   90.00
#
_symmetry.space_group_name_H-M   'P 1'
#
_entity_poly.entity_id   1
_entity_poly.type   'polypeptide(L)'
_entity_poly.pdbx_seq_one_letter_code
;GSMIHRMSNMATFSLGKHPHVELCDLLKLEGWSESGAQAKIAIAEGQVKVDGAVETRKRCKIVAGQTVSFAGHSVQVVA
;
_entity_poly.pdbx_strand_id   A
#
# COMPACT_ATOMS: atom_id res chain seq x y z
N GLY A 1 -7.48 -24.30 -22.94
CA GLY A 1 -6.99 -23.26 -21.99
C GLY A 1 -6.55 -21.99 -22.70
N SER A 2 -7.03 -20.86 -22.22
CA SER A 2 -6.67 -19.57 -22.81
C SER A 2 -6.72 -18.46 -21.77
N MET A 3 -5.67 -18.35 -20.97
CA MET A 3 -5.59 -17.34 -19.93
C MET A 3 -4.18 -17.24 -19.36
N ILE A 4 -3.26 -16.68 -20.13
CA ILE A 4 -1.88 -16.52 -19.67
C ILE A 4 -1.63 -15.10 -19.18
N HIS A 5 -0.74 -14.97 -18.20
CA HIS A 5 -0.41 -13.67 -17.65
C HIS A 5 0.65 -12.97 -18.48
N ARG A 6 1.12 -11.82 -18.01
CA ARG A 6 2.13 -11.05 -18.73
C ARG A 6 3.02 -10.30 -17.75
N MET A 7 4.28 -10.74 -17.64
CA MET A 7 5.25 -10.13 -16.74
C MET A 7 4.96 -10.51 -15.28
N SER A 8 3.68 -10.71 -14.95
CA SER A 8 3.28 -11.08 -13.60
C SER A 8 3.53 -9.93 -12.63
N ASN A 9 2.44 -9.41 -12.05
CA ASN A 9 2.53 -8.31 -11.10
C ASN A 9 2.23 -8.78 -9.69
N MET A 10 3.24 -9.32 -9.02
CA MET A 10 3.08 -9.80 -7.65
C MET A 10 3.53 -8.73 -6.66
N ALA A 11 2.73 -7.68 -6.53
CA ALA A 11 3.04 -6.59 -5.62
C ALA A 11 2.73 -6.97 -4.18
N THR A 12 3.76 -7.30 -3.41
CA THR A 12 3.59 -7.69 -2.02
C THR A 12 4.58 -6.94 -1.12
N PHE A 13 4.05 -6.23 -0.14
CA PHE A 13 4.89 -5.47 0.80
C PHE A 13 5.04 -6.23 2.12
N SER A 14 6.15 -5.98 2.81
CA SER A 14 6.42 -6.63 4.09
C SER A 14 6.22 -5.67 5.26
N LEU A 15 5.90 -6.21 6.42
CA LEU A 15 5.69 -5.40 7.61
C LEU A 15 6.50 -5.94 8.79
N GLY A 16 6.55 -7.26 8.92
CA GLY A 16 7.30 -7.88 9.99
C GLY A 16 6.48 -8.02 11.27
N LYS A 17 6.86 -7.25 12.29
CA LYS A 17 6.17 -7.29 13.58
C LYS A 17 6.12 -5.90 14.20
N HIS A 18 5.54 -4.95 13.46
CA HIS A 18 5.43 -3.58 13.94
C HIS A 18 3.97 -3.24 14.25
N PRO A 19 3.73 -2.12 14.95
CA PRO A 19 2.36 -1.71 15.31
C PRO A 19 1.54 -1.40 14.07
N HIS A 20 2.16 -0.73 13.09
CA HIS A 20 1.49 -0.38 11.84
C HIS A 20 2.36 0.55 11.01
N VAL A 21 1.80 1.10 9.94
CA VAL A 21 2.55 2.01 9.07
C VAL A 21 1.68 3.11 8.50
N GLU A 22 2.33 4.19 8.07
CA GLU A 22 1.64 5.32 7.47
C GLU A 22 1.51 5.11 5.96
N LEU A 23 0.36 5.46 5.40
CA LEU A 23 0.12 5.29 3.97
C LEU A 23 1.34 5.71 3.14
N CYS A 24 2.10 6.68 3.66
CA CYS A 24 3.29 7.17 2.98
C CYS A 24 4.41 6.13 3.05
N ASP A 25 4.56 5.49 4.21
CA ASP A 25 5.60 4.49 4.40
C ASP A 25 5.35 3.28 3.49
N LEU A 26 4.15 2.72 3.60
CA LEU A 26 3.78 1.56 2.80
C LEU A 26 3.97 1.84 1.32
N LEU A 27 3.46 2.98 0.88
CA LEU A 27 3.55 3.39 -0.51
C LEU A 27 4.98 3.65 -0.94
N LYS A 28 5.62 4.65 -0.31
CA LYS A 28 6.99 5.00 -0.62
C LYS A 28 7.86 3.77 -0.76
N LEU A 29 7.93 2.99 0.31
CA LEU A 29 8.74 1.76 0.31
C LEU A 29 8.33 0.83 -0.83
N GLU A 30 7.03 0.61 -0.99
CA GLU A 30 6.54 -0.27 -2.06
C GLU A 30 6.90 0.27 -3.43
N GLY A 31 7.29 1.54 -3.51
CA GLY A 31 7.66 2.12 -4.78
C GLY A 31 6.52 2.88 -5.45
N TRP A 32 5.57 3.36 -4.65
CA TRP A 32 4.45 4.11 -5.20
C TRP A 32 4.88 5.55 -5.49
N SER A 33 5.25 6.28 -4.44
CA SER A 33 5.69 7.66 -4.58
C SER A 33 7.19 7.77 -4.38
N GLU A 34 7.86 8.52 -5.25
CA GLU A 34 9.30 8.71 -5.15
C GLU A 34 9.67 9.56 -3.95
N SER A 35 8.80 10.51 -3.62
CA SER A 35 9.02 11.40 -2.48
C SER A 35 8.13 11.00 -1.32
N GLY A 36 6.88 10.64 -1.64
CA GLY A 36 5.93 10.25 -0.62
C GLY A 36 4.70 11.12 -0.62
N ALA A 37 4.87 12.38 -1.02
CA ALA A 37 3.75 13.32 -1.07
C ALA A 37 3.81 14.19 -2.34
N GLN A 38 4.76 13.90 -3.23
CA GLN A 38 4.91 14.65 -4.46
C GLN A 38 3.61 14.69 -5.25
N ALA A 39 3.27 13.57 -5.88
CA ALA A 39 2.05 13.47 -6.66
C ALA A 39 0.81 13.35 -5.78
N LYS A 40 0.96 13.69 -4.50
CA LYS A 40 -0.15 13.61 -3.56
C LYS A 40 -0.60 12.16 -3.40
N ILE A 41 0.33 11.24 -3.65
CA ILE A 41 0.04 9.82 -3.56
C ILE A 41 -0.29 9.41 -2.13
N ALA A 42 0.09 10.24 -1.17
CA ALA A 42 -0.18 9.96 0.22
C ALA A 42 -1.67 10.17 0.54
N ILE A 43 -2.05 11.44 0.72
CA ILE A 43 -3.43 11.79 1.01
C ILE A 43 -4.39 11.06 0.07
N ALA A 44 -4.04 11.05 -1.22
CA ALA A 44 -4.86 10.37 -2.22
C ALA A 44 -5.09 8.92 -1.84
N GLU A 45 -4.03 8.12 -1.87
CA GLU A 45 -4.12 6.69 -1.52
C GLU A 45 -5.18 6.46 -0.45
N GLY A 46 -5.17 7.32 0.56
CA GLY A 46 -6.17 7.20 1.61
C GLY A 46 -7.57 7.32 1.02
N GLN A 47 -7.94 8.54 0.67
CA GLN A 47 -9.27 8.82 0.09
C GLN A 47 -9.67 7.83 -1.00
N VAL A 48 -8.71 7.06 -1.51
CA VAL A 48 -9.01 6.09 -2.55
C VAL A 48 -9.75 4.89 -1.96
N LYS A 49 -9.02 3.88 -1.49
CA LYS A 49 -9.65 2.71 -0.89
C LYS A 49 -8.60 1.78 -0.27
N VAL A 50 -8.83 1.41 0.99
CA VAL A 50 -7.91 0.52 1.69
C VAL A 50 -8.65 -0.70 2.23
N ASP A 51 -7.95 -1.82 2.32
CA ASP A 51 -8.55 -3.07 2.80
C ASP A 51 -9.15 -2.88 4.18
N GLY A 52 -10.40 -2.42 4.22
CA GLY A 52 -11.08 -2.21 5.48
C GLY A 52 -11.23 -0.75 5.84
N ALA A 53 -10.63 0.14 5.05
CA ALA A 53 -10.71 1.57 5.31
C ALA A 53 -11.05 2.35 4.04
N VAL A 54 -11.97 3.29 4.15
CA VAL A 54 -12.36 4.13 3.03
C VAL A 54 -12.22 5.61 3.40
N GLU A 55 -11.17 5.93 4.15
CA GLU A 55 -10.94 7.30 4.61
C GLU A 55 -9.78 7.98 3.87
N THR A 56 -9.10 8.92 4.53
CA THR A 56 -7.98 9.63 3.94
C THR A 56 -7.19 10.42 4.99
N ARG A 57 -6.70 9.70 5.99
CA ARG A 57 -5.92 10.32 7.06
C ARG A 57 -4.45 10.42 6.68
N LYS A 58 -3.65 11.06 7.54
CA LYS A 58 -2.22 11.20 7.29
C LYS A 58 -1.52 9.87 7.57
N ARG A 59 -1.85 9.27 8.71
CA ARG A 59 -1.28 7.99 9.09
C ARG A 59 -2.36 6.92 9.16
N CYS A 60 -1.98 5.66 8.95
CA CYS A 60 -2.94 4.56 8.98
C CYS A 60 -2.51 3.49 9.96
N LYS A 61 -3.46 2.97 10.73
CA LYS A 61 -3.19 1.92 11.70
C LYS A 61 -3.58 0.56 11.14
N ILE A 62 -2.74 0.02 10.26
CA ILE A 62 -3.00 -1.28 9.64
C ILE A 62 -1.76 -2.16 9.66
N VAL A 63 -1.97 -3.46 9.84
CA VAL A 63 -0.87 -4.43 9.87
C VAL A 63 -1.32 -5.79 9.36
N ALA A 64 -0.36 -6.72 9.26
CA ALA A 64 -0.64 -8.08 8.81
C ALA A 64 -0.87 -8.15 7.30
N GLY A 65 -1.70 -9.12 6.87
CA GLY A 65 -1.98 -9.29 5.46
C GLY A 65 -3.09 -8.40 4.96
N GLN A 66 -2.78 -7.13 4.75
CA GLN A 66 -3.78 -6.16 4.28
C GLN A 66 -3.34 -5.52 2.97
N THR A 67 -4.30 -4.98 2.23
CA THR A 67 -4.02 -4.37 0.93
C THR A 67 -4.35 -2.87 0.93
N VAL A 68 -3.68 -2.14 0.04
CA VAL A 68 -3.89 -0.71 -0.11
C VAL A 68 -4.18 -0.38 -1.59
N SER A 69 -5.07 0.57 -1.85
CA SER A 69 -5.41 0.90 -3.25
C SER A 69 -5.49 2.41 -3.50
N PHE A 70 -4.85 2.85 -4.60
CA PHE A 70 -4.85 4.25 -5.01
C PHE A 70 -4.93 4.34 -6.54
N ALA A 71 -5.95 5.05 -7.03
CA ALA A 71 -6.13 5.24 -8.47
C ALA A 71 -5.98 3.92 -9.23
N GLY A 72 -4.75 3.59 -9.60
CA GLY A 72 -4.49 2.37 -10.33
C GLY A 72 -3.43 1.51 -9.68
N HIS A 73 -2.80 2.03 -8.63
CA HIS A 73 -1.76 1.28 -7.95
C HIS A 73 -2.35 0.45 -6.81
N SER A 74 -2.46 -0.86 -7.04
CA SER A 74 -2.99 -1.77 -6.03
C SER A 74 -1.92 -2.75 -5.58
N VAL A 75 -1.69 -2.81 -4.27
CA VAL A 75 -0.69 -3.70 -3.71
C VAL A 75 -1.13 -4.24 -2.35
N GLN A 76 -0.62 -5.42 -1.99
CA GLN A 76 -0.95 -6.03 -0.71
C GLN A 76 0.26 -6.07 0.21
N VAL A 77 0.01 -6.18 1.51
CA VAL A 77 1.07 -6.22 2.51
C VAL A 77 0.88 -7.40 3.44
N VAL A 78 1.99 -7.90 4.01
CA VAL A 78 1.94 -9.03 4.92
C VAL A 78 2.73 -8.75 6.20
N ALA A 79 2.28 -9.34 7.30
CA ALA A 79 2.94 -9.17 8.60
C ALA A 79 2.53 -10.26 9.58
N GLY A 1 -7.57 -24.95 -21.51
CA GLY A 1 -7.84 -23.65 -20.85
C GLY A 1 -6.82 -23.31 -19.78
N SER A 2 -6.69 -22.02 -19.48
CA SER A 2 -5.75 -21.56 -18.47
C SER A 2 -4.31 -21.88 -18.89
N MET A 3 -3.59 -20.86 -19.35
CA MET A 3 -2.20 -21.03 -19.78
C MET A 3 -1.27 -21.03 -18.57
N ILE A 4 -1.44 -20.06 -17.69
CA ILE A 4 -0.60 -19.95 -16.50
C ILE A 4 0.84 -19.65 -16.86
N HIS A 5 1.03 -18.77 -17.83
CA HIS A 5 2.37 -18.39 -18.28
C HIS A 5 3.07 -17.52 -17.24
N ARG A 6 2.28 -16.91 -16.36
CA ARG A 6 2.83 -16.04 -15.32
C ARG A 6 3.58 -14.86 -15.92
N MET A 7 2.88 -13.74 -16.08
CA MET A 7 3.47 -12.53 -16.65
C MET A 7 3.55 -11.43 -15.61
N SER A 8 2.40 -10.89 -15.22
CA SER A 8 2.35 -9.81 -14.23
C SER A 8 1.85 -10.33 -12.89
N ASN A 9 2.77 -10.49 -11.94
CA ASN A 9 2.42 -10.98 -10.60
C ASN A 9 2.04 -9.84 -9.69
N MET A 10 1.23 -10.13 -8.68
CA MET A 10 0.79 -9.11 -7.72
C MET A 10 1.93 -8.70 -6.81
N ALA A 11 1.84 -7.50 -6.25
CA ALA A 11 2.88 -7.00 -5.36
C ALA A 11 2.49 -7.19 -3.90
N THR A 12 3.43 -7.67 -3.10
CA THR A 12 3.19 -7.91 -1.68
C THR A 12 4.27 -7.25 -0.83
N PHE A 13 3.86 -6.53 0.20
CA PHE A 13 4.80 -5.85 1.08
C PHE A 13 4.82 -6.50 2.46
N SER A 14 5.97 -6.46 3.12
CA SER A 14 6.12 -7.05 4.44
C SER A 14 6.21 -5.96 5.51
N LEU A 15 5.67 -6.26 6.70
CA LEU A 15 5.69 -5.29 7.79
C LEU A 15 6.57 -5.80 8.95
N GLY A 16 6.47 -7.09 9.23
CA GLY A 16 7.26 -7.68 10.30
C GLY A 16 6.48 -7.80 11.59
N LYS A 17 6.75 -6.91 12.54
CA LYS A 17 6.05 -6.93 13.83
C LYS A 17 5.97 -5.52 14.41
N HIS A 18 5.38 -4.61 13.66
CA HIS A 18 5.23 -3.22 14.10
C HIS A 18 3.75 -2.88 14.32
N PRO A 19 3.46 -1.75 14.96
CA PRO A 19 2.08 -1.33 15.22
C PRO A 19 1.31 -1.14 13.93
N HIS A 20 2.01 -0.69 12.88
CA HIS A 20 1.43 -0.47 11.56
C HIS A 20 2.35 0.41 10.73
N VAL A 21 1.85 0.97 9.64
CA VAL A 21 2.66 1.83 8.78
C VAL A 21 1.87 3.00 8.23
N GLU A 22 2.57 4.08 7.91
CA GLU A 22 1.96 5.27 7.35
C GLU A 22 1.81 5.10 5.85
N LEU A 23 0.67 5.52 5.31
CA LEU A 23 0.40 5.41 3.88
C LEU A 23 1.64 5.76 3.05
N CYS A 24 2.44 6.69 3.56
CA CYS A 24 3.65 7.11 2.87
C CYS A 24 4.72 6.02 2.92
N ASP A 25 4.82 5.36 4.08
CA ASP A 25 5.79 4.28 4.25
C ASP A 25 5.51 3.14 3.29
N LEU A 26 4.27 2.67 3.31
CA LEU A 26 3.85 1.58 2.43
C LEU A 26 4.07 1.94 0.97
N LEU A 27 3.66 3.15 0.59
CA LEU A 27 3.80 3.63 -0.78
C LEU A 27 5.27 3.82 -1.16
N LYS A 28 5.95 4.71 -0.44
CA LYS A 28 7.35 5.02 -0.70
C LYS A 28 8.18 3.74 -0.88
N LEU A 29 8.29 2.95 0.18
CA LEU A 29 9.07 1.71 0.14
C LEU A 29 8.65 0.81 -1.02
N GLU A 30 7.35 0.69 -1.27
CA GLU A 30 6.85 -0.16 -2.34
C GLU A 30 7.15 0.43 -3.72
N GLY A 31 7.48 1.72 -3.78
CA GLY A 31 7.79 2.34 -5.04
C GLY A 31 6.60 3.05 -5.67
N TRP A 32 5.67 3.50 -4.83
CA TRP A 32 4.49 4.23 -5.33
C TRP A 32 4.88 5.65 -5.70
N SER A 33 5.24 6.44 -4.69
CA SER A 33 5.64 7.82 -4.91
C SER A 33 7.16 7.95 -4.89
N GLU A 34 7.69 8.90 -5.65
CA GLU A 34 9.14 9.11 -5.71
C GLU A 34 9.60 9.91 -4.50
N SER A 35 8.76 10.82 -4.03
CA SER A 35 9.06 11.64 -2.88
C SER A 35 8.26 11.19 -1.67
N GLY A 36 7.06 10.68 -1.92
CA GLY A 36 6.20 10.21 -0.84
C GLY A 36 4.83 10.85 -0.88
N ALA A 37 4.79 12.17 -0.77
CA ALA A 37 3.53 12.91 -0.80
C ALA A 37 3.59 14.06 -1.80
N GLN A 38 4.67 14.12 -2.58
CA GLN A 38 4.86 15.16 -3.58
C GLN A 38 3.67 15.26 -4.53
N ALA A 39 3.44 14.21 -5.31
CA ALA A 39 2.34 14.19 -6.27
C ALA A 39 0.98 14.02 -5.60
N LYS A 40 0.92 14.22 -4.29
CA LYS A 40 -0.33 14.09 -3.54
C LYS A 40 -0.74 12.63 -3.41
N ILE A 41 0.18 11.72 -3.71
CA ILE A 41 -0.09 10.29 -3.61
C ILE A 41 -0.34 9.88 -2.16
N ALA A 42 0.02 10.77 -1.23
CA ALA A 42 -0.17 10.50 0.20
C ALA A 42 -1.65 10.57 0.57
N ILE A 43 -2.15 11.79 0.76
CA ILE A 43 -3.55 11.98 1.11
C ILE A 43 -4.46 11.24 0.14
N ALA A 44 -4.02 11.16 -1.11
CA ALA A 44 -4.78 10.48 -2.14
C ALA A 44 -4.92 9.00 -1.82
N GLU A 45 -3.81 8.26 -1.95
CA GLU A 45 -3.82 6.82 -1.68
C GLU A 45 -4.74 6.49 -0.52
N GLY A 46 -4.71 7.32 0.51
CA GLY A 46 -5.58 7.10 1.65
C GLY A 46 -7.03 7.20 1.25
N GLN A 47 -7.49 8.42 1.01
CA GLN A 47 -8.88 8.70 0.62
C GLN A 47 -9.37 7.78 -0.52
N VAL A 48 -8.47 7.01 -1.12
CA VAL A 48 -8.86 6.12 -2.21
C VAL A 48 -9.60 4.89 -1.66
N LYS A 49 -8.89 3.81 -1.34
CA LYS A 49 -9.55 2.62 -0.81
C LYS A 49 -8.54 1.63 -0.22
N VAL A 50 -8.68 1.34 1.07
CA VAL A 50 -7.80 0.38 1.72
C VAL A 50 -8.61 -0.84 2.14
N ASP A 51 -7.94 -1.98 2.27
CA ASP A 51 -8.62 -3.22 2.64
C ASP A 51 -9.59 -3.00 3.80
N GLY A 52 -10.86 -2.85 3.46
CA GLY A 52 -11.88 -2.63 4.48
C GLY A 52 -11.64 -1.35 5.25
N ALA A 53 -10.88 -0.43 4.67
CA ALA A 53 -10.59 0.84 5.32
C ALA A 53 -10.48 1.99 4.32
N VAL A 54 -11.63 2.51 3.89
CA VAL A 54 -11.65 3.60 2.93
C VAL A 54 -11.57 4.95 3.63
N GLU A 55 -10.48 5.20 4.33
CA GLU A 55 -10.29 6.46 5.07
C GLU A 55 -9.38 7.41 4.30
N THR A 56 -9.17 8.60 4.87
CA THR A 56 -8.32 9.61 4.24
C THR A 56 -7.45 10.33 5.26
N ARG A 57 -6.91 9.59 6.22
CA ARG A 57 -6.05 10.17 7.25
C ARG A 57 -4.60 10.24 6.78
N LYS A 58 -3.76 10.86 7.60
CA LYS A 58 -2.34 10.98 7.28
C LYS A 58 -1.61 9.66 7.48
N ARG A 59 -1.81 9.06 8.66
CA ARG A 59 -1.19 7.79 8.99
C ARG A 59 -2.22 6.67 8.95
N CYS A 60 -1.86 5.53 8.37
CA CYS A 60 -2.77 4.41 8.26
C CYS A 60 -2.47 3.37 9.33
N LYS A 61 -3.43 3.17 10.24
CA LYS A 61 -3.27 2.21 11.31
C LYS A 61 -3.72 0.83 10.83
N ILE A 62 -2.89 0.19 10.02
CA ILE A 62 -3.20 -1.12 9.47
C ILE A 62 -2.02 -2.07 9.61
N VAL A 63 -2.31 -3.33 9.89
CA VAL A 63 -1.27 -4.34 10.06
C VAL A 63 -1.77 -5.70 9.58
N ALA A 64 -0.88 -6.69 9.58
CA ALA A 64 -1.24 -8.04 9.15
C ALA A 64 -1.37 -8.12 7.63
N GLY A 65 -2.15 -9.08 7.15
CA GLY A 65 -2.36 -9.26 5.73
C GLY A 65 -3.44 -8.37 5.18
N GLN A 66 -3.09 -7.12 4.92
CA GLN A 66 -4.03 -6.15 4.40
C GLN A 66 -3.56 -5.57 3.07
N THR A 67 -4.51 -5.08 2.29
CA THR A 67 -4.22 -4.50 0.97
C THR A 67 -4.51 -3.00 0.93
N VAL A 68 -3.79 -2.30 0.05
CA VAL A 68 -3.95 -0.85 -0.11
C VAL A 68 -4.20 -0.53 -1.59
N SER A 69 -4.99 0.51 -1.88
CA SER A 69 -5.30 0.86 -3.27
C SER A 69 -5.40 2.37 -3.50
N PHE A 70 -4.81 2.82 -4.62
CA PHE A 70 -4.81 4.22 -5.02
C PHE A 70 -4.90 4.33 -6.54
N ALA A 71 -5.94 5.01 -7.03
CA ALA A 71 -6.13 5.20 -8.47
C ALA A 71 -6.01 3.87 -9.21
N GLY A 72 -4.77 3.50 -9.55
CA GLY A 72 -4.53 2.26 -10.26
C GLY A 72 -3.51 1.38 -9.58
N HIS A 73 -2.89 1.89 -8.51
CA HIS A 73 -1.89 1.13 -7.80
C HIS A 73 -2.53 0.27 -6.70
N SER A 74 -2.63 -1.03 -6.95
CA SER A 74 -3.21 -1.95 -5.99
C SER A 74 -2.18 -2.98 -5.52
N VAL A 75 -1.72 -2.81 -4.29
CA VAL A 75 -0.72 -3.71 -3.71
C VAL A 75 -1.19 -4.28 -2.38
N GLN A 76 -0.66 -5.44 -2.00
CA GLN A 76 -1.04 -6.09 -0.75
C GLN A 76 0.12 -6.09 0.24
N VAL A 77 -0.21 -6.21 1.51
CA VAL A 77 0.80 -6.22 2.57
C VAL A 77 0.46 -7.24 3.65
N VAL A 78 1.50 -7.81 4.25
CA VAL A 78 1.33 -8.79 5.31
C VAL A 78 2.36 -8.58 6.42
N ALA A 79 2.28 -9.39 7.46
CA ALA A 79 3.20 -9.28 8.58
C ALA A 79 4.57 -9.86 8.23
N GLY A 1 10.36 0.57 -9.21
CA GLY A 1 10.97 1.34 -8.09
C GLY A 1 12.26 2.04 -8.49
N SER A 2 12.30 2.53 -9.72
CA SER A 2 13.50 3.22 -10.22
C SER A 2 14.66 2.24 -10.36
N MET A 3 15.85 2.78 -10.63
CA MET A 3 17.04 1.95 -10.79
C MET A 3 17.44 1.31 -9.45
N ILE A 4 18.11 0.16 -9.53
CA ILE A 4 18.55 -0.56 -8.34
C ILE A 4 17.38 -0.96 -7.47
N HIS A 5 17.19 -2.26 -7.28
CA HIS A 5 16.11 -2.78 -6.46
C HIS A 5 16.23 -4.29 -6.28
N ARG A 6 16.19 -5.02 -7.39
CA ARG A 6 16.30 -6.47 -7.35
C ARG A 6 15.20 -7.09 -6.49
N MET A 7 15.04 -8.41 -6.59
CA MET A 7 14.02 -9.11 -5.82
C MET A 7 12.64 -8.55 -6.13
N SER A 8 11.63 -9.00 -5.37
CA SER A 8 10.26 -8.54 -5.58
C SER A 8 9.72 -9.04 -6.91
N ASN A 9 8.41 -9.02 -7.05
CA ASN A 9 7.75 -9.47 -8.28
C ASN A 9 6.30 -9.02 -8.31
N MET A 10 5.52 -9.49 -7.34
CA MET A 10 4.12 -9.14 -7.25
C MET A 10 3.95 -7.98 -6.28
N ALA A 11 2.71 -7.59 -6.02
CA ALA A 11 2.44 -6.50 -5.10
C ALA A 11 2.20 -7.03 -3.69
N THR A 12 3.28 -7.27 -2.97
CA THR A 12 3.18 -7.76 -1.60
C THR A 12 4.20 -7.08 -0.70
N PHE A 13 3.72 -6.26 0.22
CA PHE A 13 4.60 -5.54 1.14
C PHE A 13 4.69 -6.26 2.48
N SER A 14 5.87 -6.22 3.09
CA SER A 14 6.08 -6.86 4.39
C SER A 14 6.21 -5.81 5.48
N LEU A 15 5.55 -6.04 6.61
CA LEU A 15 5.61 -5.10 7.73
C LEU A 15 6.83 -5.36 8.59
N GLY A 16 7.21 -6.63 8.68
CA GLY A 16 8.37 -7.00 9.48
C GLY A 16 8.04 -7.12 10.96
N LYS A 17 6.81 -7.55 11.24
CA LYS A 17 6.36 -7.71 12.62
C LYS A 17 6.45 -6.37 13.37
N HIS A 18 5.79 -5.36 12.82
CA HIS A 18 5.79 -4.03 13.43
C HIS A 18 4.38 -3.65 13.89
N PRO A 19 4.25 -2.59 14.71
CA PRO A 19 2.95 -2.13 15.22
C PRO A 19 2.02 -1.70 14.09
N HIS A 20 2.60 -1.09 13.05
CA HIS A 20 1.85 -0.61 11.89
C HIS A 20 2.72 0.31 11.03
N VAL A 21 2.12 0.89 10.00
CA VAL A 21 2.84 1.79 9.12
C VAL A 21 2.00 2.99 8.70
N GLU A 22 2.68 4.03 8.26
CA GLU A 22 2.02 5.24 7.81
C GLU A 22 1.81 5.20 6.29
N LEU A 23 0.67 5.70 5.84
CA LEU A 23 0.34 5.71 4.41
C LEU A 23 1.56 6.00 3.54
N CYS A 24 2.40 6.91 4.00
CA CYS A 24 3.60 7.29 3.25
C CYS A 24 4.66 6.20 3.32
N ASP A 25 4.79 5.56 4.47
CA ASP A 25 5.77 4.50 4.66
C ASP A 25 5.50 3.34 3.70
N LEU A 26 4.29 2.81 3.75
CA LEU A 26 3.90 1.70 2.89
C LEU A 26 4.03 2.04 1.41
N LEU A 27 3.59 3.24 1.05
CA LEU A 27 3.63 3.68 -0.34
C LEU A 27 5.07 3.90 -0.82
N LYS A 28 5.81 4.75 -0.12
CA LYS A 28 7.19 5.05 -0.49
C LYS A 28 8.03 3.78 -0.54
N LEU A 29 8.04 3.04 0.57
CA LEU A 29 8.82 1.81 0.67
C LEU A 29 8.49 0.84 -0.47
N GLU A 30 7.21 0.79 -0.85
CA GLU A 30 6.78 -0.11 -1.91
C GLU A 30 7.10 0.47 -3.29
N GLY A 31 7.49 1.74 -3.35
CA GLY A 31 7.82 2.35 -4.62
C GLY A 31 6.65 3.08 -5.25
N TRP A 32 5.69 3.49 -4.43
CA TRP A 32 4.53 4.22 -4.93
C TRP A 32 4.92 5.66 -5.29
N SER A 33 5.35 6.40 -4.27
CA SER A 33 5.77 7.78 -4.46
C SER A 33 7.28 7.92 -4.35
N GLU A 34 7.88 8.66 -5.27
CA GLU A 34 9.33 8.85 -5.24
C GLU A 34 9.72 9.80 -4.13
N SER A 35 8.86 10.79 -3.88
CA SER A 35 9.08 11.77 -2.83
C SER A 35 8.15 11.50 -1.65
N GLY A 36 6.89 11.24 -1.98
CA GLY A 36 5.89 10.98 -0.95
C GLY A 36 4.85 12.09 -0.88
N ALA A 37 5.21 13.27 -1.38
CA ALA A 37 4.30 14.41 -1.38
C ALA A 37 4.20 15.04 -2.76
N GLN A 38 4.93 14.50 -3.73
CA GLN A 38 4.90 15.02 -5.09
C GLN A 38 3.51 14.92 -5.68
N ALA A 39 3.15 13.72 -6.14
CA ALA A 39 1.84 13.48 -6.73
C ALA A 39 0.76 13.34 -5.66
N LYS A 40 1.10 13.68 -4.41
CA LYS A 40 0.15 13.58 -3.32
C LYS A 40 -0.33 12.13 -3.17
N ILE A 41 0.53 11.18 -3.53
CA ILE A 41 0.19 9.77 -3.45
C ILE A 41 -0.13 9.35 -2.01
N ALA A 42 0.27 10.17 -1.04
CA ALA A 42 0.00 9.86 0.36
C ALA A 42 -1.47 10.11 0.70
N ILE A 43 -1.82 11.38 0.91
CA ILE A 43 -3.20 11.75 1.25
C ILE A 43 -4.19 11.06 0.32
N ALA A 44 -3.80 10.93 -0.95
CA ALA A 44 -4.66 10.27 -1.92
C ALA A 44 -4.93 8.83 -1.53
N GLU A 45 -3.87 8.00 -1.57
CA GLU A 45 -4.01 6.59 -1.20
C GLU A 45 -5.04 6.42 -0.10
N GLY A 46 -5.01 7.32 0.87
CA GLY A 46 -5.98 7.26 1.94
C GLY A 46 -7.39 7.39 1.40
N GLN A 47 -7.77 8.63 1.07
CA GLN A 47 -9.11 8.92 0.55
C GLN A 47 -9.52 7.98 -0.59
N VAL A 48 -8.59 7.18 -1.11
CA VAL A 48 -8.91 6.26 -2.19
C VAL A 48 -9.70 5.06 -1.68
N LYS A 49 -9.03 3.92 -1.41
CA LYS A 49 -9.73 2.74 -0.91
C LYS A 49 -8.75 1.72 -0.33
N VAL A 50 -8.92 1.37 0.95
CA VAL A 50 -8.06 0.38 1.59
C VAL A 50 -8.90 -0.84 1.95
N ASP A 51 -8.27 -2.01 1.97
CA ASP A 51 -8.98 -3.26 2.27
C ASP A 51 -9.90 -3.09 3.48
N GLY A 52 -11.18 -2.84 3.22
CA GLY A 52 -12.14 -2.67 4.28
C GLY A 52 -11.92 -1.38 5.06
N ALA A 53 -11.15 -0.45 4.49
CA ALA A 53 -10.88 0.81 5.16
C ALA A 53 -10.75 1.97 4.17
N VAL A 54 -11.88 2.50 3.73
CA VAL A 54 -11.87 3.61 2.79
C VAL A 54 -11.86 4.94 3.55
N GLU A 55 -10.72 5.26 4.15
CA GLU A 55 -10.57 6.49 4.91
C GLU A 55 -9.86 7.56 4.09
N THR A 56 -9.54 8.69 4.72
CA THR A 56 -8.87 9.78 4.03
C THR A 56 -7.93 10.54 4.96
N ARG A 57 -7.13 9.80 5.73
CA ARG A 57 -6.18 10.42 6.64
C ARG A 57 -4.80 10.47 6.03
N LYS A 58 -3.85 11.10 6.73
CA LYS A 58 -2.49 11.21 6.23
C LYS A 58 -1.77 9.88 6.41
N ARG A 59 -2.05 9.21 7.52
CA ARG A 59 -1.45 7.92 7.82
C ARG A 59 -2.54 6.91 8.16
N CYS A 60 -2.23 5.62 8.02
CA CYS A 60 -3.21 4.58 8.31
C CYS A 60 -2.60 3.46 9.15
N LYS A 61 -3.11 3.31 10.37
CA LYS A 61 -2.64 2.27 11.26
C LYS A 61 -3.15 0.92 10.79
N ILE A 62 -2.34 0.22 10.01
CA ILE A 62 -2.72 -1.09 9.48
C ILE A 62 -1.61 -2.10 9.64
N VAL A 63 -2.01 -3.35 9.89
CA VAL A 63 -1.05 -4.43 10.06
C VAL A 63 -1.62 -5.76 9.57
N ALA A 64 -0.81 -6.80 9.57
CA ALA A 64 -1.25 -8.12 9.13
C ALA A 64 -1.43 -8.20 7.61
N GLY A 65 -2.35 -9.06 7.17
CA GLY A 65 -2.61 -9.23 5.75
C GLY A 65 -3.67 -8.29 5.24
N GLN A 66 -3.28 -7.05 4.97
CA GLN A 66 -4.21 -6.03 4.48
C GLN A 66 -3.77 -5.47 3.13
N THR A 67 -4.73 -4.94 2.39
CA THR A 67 -4.48 -4.39 1.06
C THR A 67 -4.80 -2.91 0.97
N VAL A 68 -4.04 -2.19 0.14
CA VAL A 68 -4.23 -0.76 -0.08
C VAL A 68 -4.44 -0.49 -1.58
N SER A 69 -5.22 0.54 -1.90
CA SER A 69 -5.49 0.87 -3.30
C SER A 69 -5.55 2.38 -3.54
N PHE A 70 -4.94 2.81 -4.65
CA PHE A 70 -4.91 4.22 -5.04
C PHE A 70 -4.81 4.35 -6.56
N ALA A 71 -5.72 5.13 -7.16
CA ALA A 71 -5.73 5.35 -8.60
C ALA A 71 -5.60 4.03 -9.37
N GLY A 72 -4.36 3.59 -9.58
CA GLY A 72 -4.12 2.34 -10.29
C GLY A 72 -3.21 1.40 -9.54
N HIS A 73 -2.62 1.87 -8.44
CA HIS A 73 -1.71 1.04 -7.66
C HIS A 73 -2.46 0.25 -6.59
N SER A 74 -2.56 -1.06 -6.80
CA SER A 74 -3.25 -1.94 -5.85
C SER A 74 -2.26 -2.99 -5.31
N VAL A 75 -1.86 -2.84 -4.06
CA VAL A 75 -0.91 -3.76 -3.44
C VAL A 75 -1.41 -4.27 -2.09
N GLN A 76 -0.96 -5.46 -1.71
CA GLN A 76 -1.33 -6.06 -0.44
C GLN A 76 -0.12 -6.13 0.49
N VAL A 77 -0.38 -6.36 1.78
CA VAL A 77 0.69 -6.43 2.76
C VAL A 77 0.48 -7.60 3.73
N VAL A 78 1.58 -8.16 4.22
CA VAL A 78 1.51 -9.27 5.17
C VAL A 78 2.43 -9.04 6.36
N ALA A 79 2.17 -9.74 7.46
CA ALA A 79 2.97 -9.60 8.67
C ALA A 79 2.90 -10.86 9.52
N GLY A 1 20.91 -17.83 -14.01
CA GLY A 1 21.91 -16.74 -14.01
C GLY A 1 21.28 -15.37 -14.17
N SER A 2 20.61 -15.16 -15.29
CA SER A 2 19.96 -13.88 -15.57
C SER A 2 18.44 -14.04 -15.59
N MET A 3 17.97 -14.94 -16.46
CA MET A 3 16.53 -15.18 -16.59
C MET A 3 16.06 -16.21 -15.57
N ILE A 4 15.13 -15.79 -14.71
CA ILE A 4 14.59 -16.69 -13.69
C ILE A 4 13.08 -16.51 -13.55
N HIS A 5 12.34 -17.00 -14.55
CA HIS A 5 10.90 -16.90 -14.55
C HIS A 5 10.46 -15.44 -14.61
N ARG A 6 9.42 -15.17 -15.40
CA ARG A 6 8.91 -13.81 -15.55
C ARG A 6 7.56 -13.81 -16.26
N MET A 7 6.53 -14.28 -15.56
CA MET A 7 5.18 -14.32 -16.12
C MET A 7 4.36 -13.14 -15.63
N SER A 8 4.16 -13.08 -14.32
CA SER A 8 3.39 -12.00 -13.70
C SER A 8 4.14 -11.44 -12.49
N ASN A 9 3.71 -10.29 -12.00
CA ASN A 9 4.37 -9.66 -10.85
C ASN A 9 3.34 -8.99 -9.94
N MET A 10 3.10 -9.61 -8.79
CA MET A 10 2.15 -9.08 -7.81
C MET A 10 2.87 -8.22 -6.78
N ALA A 11 2.38 -7.00 -6.58
CA ALA A 11 2.99 -6.11 -5.61
C ALA A 11 2.46 -6.37 -4.20
N THR A 12 3.37 -6.73 -3.30
CA THR A 12 3.00 -7.00 -1.92
C THR A 12 4.01 -6.37 -0.97
N PHE A 13 3.52 -5.62 0.01
CA PHE A 13 4.38 -4.95 0.97
C PHE A 13 4.47 -5.76 2.27
N SER A 14 5.57 -5.59 2.99
CA SER A 14 5.77 -6.30 4.24
C SER A 14 5.60 -5.38 5.43
N LEU A 15 5.27 -5.97 6.58
CA LEU A 15 5.07 -5.21 7.82
C LEU A 15 6.00 -5.72 8.91
N GLY A 16 6.31 -7.01 8.86
CA GLY A 16 7.17 -7.61 9.85
C GLY A 16 6.48 -7.80 11.18
N LYS A 17 6.90 -7.04 12.19
CA LYS A 17 6.30 -7.11 13.51
C LYS A 17 6.38 -5.76 14.21
N HIS A 18 5.86 -4.74 13.54
CA HIS A 18 5.87 -3.37 14.06
C HIS A 18 4.45 -2.85 14.23
N PRO A 19 4.28 -1.70 14.93
CA PRO A 19 2.96 -1.11 15.16
C PRO A 19 2.12 -1.01 13.88
N HIS A 20 2.76 -0.57 12.79
CA HIS A 20 2.10 -0.44 11.49
C HIS A 20 2.93 0.46 10.58
N VAL A 21 2.34 0.93 9.47
CA VAL A 21 3.06 1.81 8.55
C VAL A 21 2.21 3.00 8.12
N GLU A 22 2.88 4.13 7.89
CA GLU A 22 2.20 5.33 7.45
C GLU A 22 1.99 5.32 5.93
N LEU A 23 0.86 5.85 5.49
CA LEU A 23 0.54 5.88 4.06
C LEU A 23 1.76 6.22 3.20
N CYS A 24 2.62 7.10 3.72
CA CYS A 24 3.82 7.51 3.01
C CYS A 24 4.90 6.43 3.07
N ASP A 25 4.97 5.73 4.20
CA ASP A 25 5.95 4.67 4.38
C ASP A 25 5.69 3.53 3.40
N LEU A 26 4.52 2.91 3.54
CA LEU A 26 4.13 1.79 2.68
C LEU A 26 4.21 2.17 1.20
N LEU A 27 3.70 3.35 0.87
CA LEU A 27 3.69 3.83 -0.51
C LEU A 27 5.10 3.99 -1.06
N LYS A 28 5.92 4.75 -0.35
CA LYS A 28 7.30 4.99 -0.77
C LYS A 28 8.10 3.69 -0.88
N LEU A 29 8.02 2.87 0.15
CA LEU A 29 8.75 1.60 0.19
C LEU A 29 8.37 0.69 -0.98
N GLU A 30 7.07 0.53 -1.22
CA GLU A 30 6.60 -0.32 -2.30
C GLU A 30 6.90 0.29 -3.67
N GLY A 31 7.27 1.57 -3.68
CA GLY A 31 7.56 2.24 -4.94
C GLY A 31 6.34 2.93 -5.53
N TRP A 32 5.36 3.25 -4.69
CA TRP A 32 4.15 3.91 -5.15
C TRP A 32 4.49 5.31 -5.69
N SER A 33 4.78 6.23 -4.78
CA SER A 33 5.13 7.60 -5.16
C SER A 33 6.65 7.75 -5.30
N GLU A 34 7.06 8.61 -6.22
CA GLU A 34 8.48 8.86 -6.45
C GLU A 34 9.06 9.74 -5.35
N SER A 35 8.24 10.66 -4.86
CA SER A 35 8.66 11.57 -3.80
C SER A 35 8.05 11.17 -2.45
N GLY A 36 6.88 10.55 -2.50
CA GLY A 36 6.20 10.13 -1.28
C GLY A 36 4.89 10.85 -1.07
N ALA A 37 4.96 12.12 -0.71
CA ALA A 37 3.77 12.94 -0.48
C ALA A 37 3.73 14.14 -1.41
N GLN A 38 4.78 14.29 -2.22
CA GLN A 38 4.88 15.40 -3.17
C GLN A 38 3.64 15.47 -4.04
N ALA A 39 3.41 14.42 -4.84
CA ALA A 39 2.26 14.36 -5.73
C ALA A 39 0.96 14.11 -4.96
N LYS A 40 0.99 14.30 -3.64
CA LYS A 40 -0.19 14.08 -2.81
C LYS A 40 -0.56 12.61 -2.75
N ILE A 41 0.36 11.75 -3.15
CA ILE A 41 0.14 10.31 -3.13
C ILE A 41 -0.21 9.83 -1.72
N ALA A 42 0.18 10.62 -0.72
CA ALA A 42 -0.09 10.28 0.67
C ALA A 42 -1.57 10.46 1.00
N ILE A 43 -1.99 11.71 1.17
CA ILE A 43 -3.38 12.02 1.49
C ILE A 43 -4.33 11.28 0.55
N ALA A 44 -3.98 11.25 -0.73
CA ALA A 44 -4.79 10.56 -1.73
C ALA A 44 -4.95 9.08 -1.35
N GLU A 45 -3.83 8.34 -1.39
CA GLU A 45 -3.83 6.92 -1.05
C GLU A 45 -4.90 6.62 -0.01
N GLY A 46 -4.96 7.46 1.02
CA GLY A 46 -5.97 7.29 2.04
C GLY A 46 -7.37 7.37 1.45
N GLN A 47 -7.78 8.59 1.13
CA GLN A 47 -9.10 8.85 0.55
C GLN A 47 -9.47 7.91 -0.61
N VAL A 48 -8.50 7.14 -1.11
CA VAL A 48 -8.76 6.23 -2.22
C VAL A 48 -9.52 4.98 -1.76
N LYS A 49 -8.84 3.85 -1.55
CA LYS A 49 -9.53 2.63 -1.12
C LYS A 49 -8.56 1.62 -0.49
N VAL A 50 -8.99 0.99 0.60
CA VAL A 50 -8.19 -0.02 1.27
C VAL A 50 -9.02 -1.29 1.44
N ASP A 51 -8.36 -2.44 1.40
CA ASP A 51 -9.06 -3.72 1.49
C ASP A 51 -10.13 -3.74 2.58
N GLY A 52 -11.34 -3.31 2.22
CA GLY A 52 -12.44 -3.32 3.17
C GLY A 52 -12.76 -1.98 3.78
N ALA A 53 -11.84 -1.02 3.75
CA ALA A 53 -12.10 0.28 4.36
C ALA A 53 -11.43 1.43 3.62
N VAL A 54 -12.18 2.52 3.45
CA VAL A 54 -11.66 3.71 2.78
C VAL A 54 -11.43 4.81 3.79
N GLU A 55 -10.16 5.11 4.08
CA GLU A 55 -9.82 6.15 5.04
C GLU A 55 -9.38 7.42 4.32
N THR A 56 -8.85 8.38 5.09
CA THR A 56 -8.39 9.64 4.52
C THR A 56 -7.49 10.39 5.49
N ARG A 57 -6.77 9.64 6.32
CA ARG A 57 -5.88 10.24 7.30
C ARG A 57 -4.46 10.36 6.74
N LYS A 58 -3.60 11.07 7.46
CA LYS A 58 -2.22 11.26 7.04
C LYS A 58 -1.41 9.99 7.30
N ARG A 59 -1.61 9.40 8.48
CA ARG A 59 -0.90 8.19 8.85
C ARG A 59 -1.81 6.97 8.71
N CYS A 60 -1.22 5.85 8.27
CA CYS A 60 -1.99 4.63 8.09
C CYS A 60 -1.76 3.68 9.26
N LYS A 61 -2.84 3.40 9.98
CA LYS A 61 -2.76 2.50 11.12
C LYS A 61 -3.34 1.14 10.76
N ILE A 62 -2.54 0.35 10.04
CA ILE A 62 -2.96 -0.97 9.60
C ILE A 62 -1.84 -1.99 9.75
N VAL A 63 -2.20 -3.23 10.01
CA VAL A 63 -1.22 -4.29 10.14
C VAL A 63 -1.82 -5.64 9.73
N ALA A 64 -0.99 -6.68 9.71
CA ALA A 64 -1.45 -8.02 9.34
C ALA A 64 -1.58 -8.19 7.82
N GLY A 65 -2.66 -8.86 7.37
CA GLY A 65 -2.85 -9.10 5.97
C GLY A 65 -3.91 -8.20 5.34
N GLN A 66 -3.52 -6.99 4.96
CA GLN A 66 -4.43 -6.04 4.34
C GLN A 66 -3.96 -5.62 2.95
N THR A 67 -4.86 -5.04 2.16
CA THR A 67 -4.54 -4.59 0.80
C THR A 67 -4.74 -3.09 0.66
N VAL A 68 -3.82 -2.44 -0.06
CA VAL A 68 -3.90 -1.00 -0.28
C VAL A 68 -4.21 -0.71 -1.75
N SER A 69 -5.11 0.24 -2.00
CA SER A 69 -5.48 0.57 -3.37
C SER A 69 -5.45 2.08 -3.61
N PHE A 70 -4.74 2.48 -4.67
CA PHE A 70 -4.64 3.90 -5.03
C PHE A 70 -3.86 4.08 -6.34
N ALA A 71 -4.44 4.84 -7.27
CA ALA A 71 -3.81 5.12 -8.56
C ALA A 71 -3.50 3.83 -9.30
N GLY A 72 -4.46 2.91 -9.32
CA GLY A 72 -4.27 1.65 -10.00
C GLY A 72 -3.27 0.75 -9.31
N HIS A 73 -2.74 1.20 -8.17
CA HIS A 73 -1.78 0.42 -7.44
C HIS A 73 -2.45 -0.41 -6.35
N SER A 74 -2.69 -1.68 -6.65
CA SER A 74 -3.31 -2.58 -5.70
C SER A 74 -2.25 -3.51 -5.10
N VAL A 75 -1.82 -3.20 -3.87
CA VAL A 75 -0.79 -3.98 -3.21
C VAL A 75 -1.29 -4.57 -1.89
N GLN A 76 -0.79 -5.75 -1.54
CA GLN A 76 -1.19 -6.41 -0.31
C GLN A 76 -0.04 -6.44 0.68
N VAL A 77 -0.37 -6.34 1.97
CA VAL A 77 0.65 -6.34 3.02
C VAL A 77 0.43 -7.50 3.99
N VAL A 78 1.53 -8.05 4.50
CA VAL A 78 1.46 -9.15 5.45
C VAL A 78 2.30 -8.85 6.69
N ALA A 79 1.99 -9.51 7.80
CA ALA A 79 2.72 -9.31 9.04
C ALA A 79 4.00 -10.14 9.07
N GLY A 1 14.93 -29.68 -18.16
CA GLY A 1 13.46 -29.55 -18.36
C GLY A 1 12.88 -28.32 -17.71
N SER A 2 12.57 -27.31 -18.53
CA SER A 2 12.01 -26.06 -18.02
C SER A 2 10.50 -26.19 -17.81
N MET A 3 10.01 -25.65 -16.71
CA MET A 3 8.58 -25.70 -16.41
C MET A 3 8.19 -24.54 -15.50
N ILE A 4 7.02 -23.97 -15.76
CA ILE A 4 6.51 -22.85 -14.96
C ILE A 4 5.65 -23.35 -13.80
N HIS A 5 5.81 -22.72 -12.64
CA HIS A 5 5.05 -23.10 -11.46
C HIS A 5 4.58 -21.87 -10.69
N ARG A 6 5.53 -21.06 -10.25
CA ARG A 6 5.22 -19.84 -9.50
C ARG A 6 5.22 -18.62 -10.41
N MET A 7 4.41 -17.62 -10.05
CA MET A 7 4.32 -16.39 -10.83
C MET A 7 4.38 -15.17 -9.92
N SER A 8 4.60 -14.01 -10.51
CA SER A 8 4.70 -12.77 -9.76
C SER A 8 4.06 -11.61 -10.52
N ASN A 9 2.95 -11.09 -10.02
CA ASN A 9 2.25 -9.98 -10.66
C ASN A 9 1.67 -9.03 -9.61
N MET A 10 1.17 -9.58 -8.52
CA MET A 10 0.58 -8.77 -7.45
C MET A 10 1.67 -8.16 -6.58
N ALA A 11 1.50 -6.90 -6.22
CA ALA A 11 2.45 -6.21 -5.37
C ALA A 11 2.15 -6.52 -3.91
N THR A 12 3.19 -6.68 -3.12
CA THR A 12 3.03 -6.97 -1.69
C THR A 12 3.98 -6.12 -0.86
N PHE A 13 3.46 -5.57 0.23
CA PHE A 13 4.26 -4.74 1.12
C PHE A 13 4.62 -5.52 2.39
N SER A 14 5.83 -5.29 2.90
CA SER A 14 6.28 -5.97 4.12
C SER A 14 6.30 -4.99 5.29
N LEU A 15 5.75 -5.39 6.43
CA LEU A 15 5.71 -4.54 7.61
C LEU A 15 7.08 -4.49 8.27
N GLY A 16 7.78 -5.61 8.27
CA GLY A 16 9.10 -5.67 8.87
C GLY A 16 9.04 -5.96 10.36
N LYS A 17 8.00 -6.68 10.78
CA LYS A 17 7.82 -7.01 12.19
C LYS A 17 7.76 -5.75 13.04
N HIS A 18 7.01 -4.76 12.54
CA HIS A 18 6.84 -3.49 13.25
C HIS A 18 5.40 -3.29 13.69
N PRO A 19 5.14 -2.30 14.56
CA PRO A 19 3.79 -2.01 15.05
C PRO A 19 2.77 -1.90 13.91
N HIS A 20 3.16 -1.20 12.85
CA HIS A 20 2.31 -1.02 11.68
C HIS A 20 2.96 -0.04 10.71
N VAL A 21 2.19 0.50 9.77
CA VAL A 21 2.74 1.44 8.79
C VAL A 21 1.78 2.57 8.46
N GLU A 22 2.36 3.69 8.06
CA GLU A 22 1.59 4.85 7.66
C GLU A 22 1.54 4.92 6.15
N LEU A 23 0.49 5.55 5.60
CA LEU A 23 0.34 5.67 4.16
C LEU A 23 1.67 5.96 3.48
N CYS A 24 2.34 7.02 3.92
CA CYS A 24 3.63 7.41 3.35
C CYS A 24 4.63 6.25 3.47
N ASP A 25 4.52 5.48 4.54
CA ASP A 25 5.42 4.36 4.75
C ASP A 25 5.10 3.21 3.80
N LEU A 26 3.85 2.78 3.80
CA LEU A 26 3.42 1.68 2.94
C LEU A 26 3.68 1.99 1.47
N LEU A 27 3.27 3.19 1.06
CA LEU A 27 3.43 3.62 -0.33
C LEU A 27 4.90 3.75 -0.73
N LYS A 28 5.63 4.60 -0.02
CA LYS A 28 7.03 4.84 -0.31
C LYS A 28 7.83 3.55 -0.40
N LEU A 29 7.84 2.77 0.67
CA LEU A 29 8.59 1.51 0.71
C LEU A 29 8.20 0.58 -0.44
N GLU A 30 6.90 0.33 -0.62
CA GLU A 30 6.44 -0.55 -1.68
C GLU A 30 6.81 -0.02 -3.06
N GLY A 31 7.20 1.25 -3.13
CA GLY A 31 7.60 1.82 -4.41
C GLY A 31 6.49 2.61 -5.08
N TRP A 32 5.52 3.09 -4.30
CA TRP A 32 4.43 3.88 -4.85
C TRP A 32 4.94 5.27 -5.23
N SER A 33 5.32 6.03 -4.21
CA SER A 33 5.84 7.37 -4.40
C SER A 33 7.35 7.39 -4.15
N GLU A 34 8.08 8.19 -4.93
CA GLU A 34 9.52 8.27 -4.76
C GLU A 34 9.88 9.00 -3.46
N SER A 35 9.05 9.97 -3.09
CA SER A 35 9.27 10.73 -1.86
C SER A 35 8.28 10.30 -0.79
N GLY A 36 6.99 10.31 -1.15
CA GLY A 36 5.94 9.93 -0.22
C GLY A 36 4.72 10.83 -0.31
N ALA A 37 4.96 12.10 -0.64
CA ALA A 37 3.86 13.06 -0.75
C ALA A 37 4.06 14.02 -1.93
N GLN A 38 5.06 13.74 -2.76
CA GLN A 38 5.36 14.60 -3.91
C GLN A 38 4.12 14.76 -4.81
N ALA A 39 3.76 13.70 -5.51
CA ALA A 39 2.60 13.72 -6.39
C ALA A 39 1.28 13.68 -5.63
N LYS A 40 1.34 13.94 -4.32
CA LYS A 40 0.14 13.90 -3.48
C LYS A 40 -0.33 12.46 -3.29
N ILE A 41 0.58 11.52 -3.52
CA ILE A 41 0.27 10.10 -3.38
C ILE A 41 -0.14 9.76 -1.95
N ALA A 42 0.29 10.60 -1.01
CA ALA A 42 -0.03 10.37 0.40
C ALA A 42 -1.53 10.61 0.66
N ILE A 43 -1.92 11.87 0.74
CA ILE A 43 -3.31 12.23 0.98
C ILE A 43 -4.23 11.52 -0.01
N ALA A 44 -3.80 11.47 -1.27
CA ALA A 44 -4.58 10.82 -2.31
C ALA A 44 -4.83 9.36 -1.95
N GLU A 45 -3.78 8.53 -2.01
CA GLU A 45 -3.89 7.11 -1.69
C GLU A 45 -4.92 6.87 -0.59
N GLY A 46 -4.94 7.76 0.40
CA GLY A 46 -5.91 7.64 1.48
C GLY A 46 -7.32 7.71 0.94
N GLN A 47 -7.75 8.92 0.58
CA GLN A 47 -9.10 9.14 0.06
C GLN A 47 -9.48 8.17 -1.07
N VAL A 48 -8.52 7.37 -1.54
CA VAL A 48 -8.79 6.42 -2.61
C VAL A 48 -9.56 5.21 -2.07
N LYS A 49 -8.87 4.10 -1.80
CA LYS A 49 -9.54 2.90 -1.30
C LYS A 49 -8.58 1.94 -0.64
N VAL A 50 -8.87 1.54 0.59
CA VAL A 50 -8.04 0.60 1.32
C VAL A 50 -8.88 -0.62 1.71
N ASP A 51 -8.24 -1.79 1.79
CA ASP A 51 -8.95 -3.02 2.15
C ASP A 51 -9.88 -2.80 3.33
N GLY A 52 -11.18 -2.68 3.04
CA GLY A 52 -12.15 -2.46 4.09
C GLY A 52 -11.94 -1.13 4.79
N ALA A 53 -11.23 -0.22 4.14
CA ALA A 53 -10.95 1.09 4.73
C ALA A 53 -10.91 2.18 3.67
N VAL A 54 -12.07 2.57 3.17
CA VAL A 54 -12.16 3.61 2.15
C VAL A 54 -12.20 4.99 2.82
N GLU A 55 -11.12 5.34 3.51
CA GLU A 55 -11.03 6.62 4.20
C GLU A 55 -10.17 7.61 3.43
N THR A 56 -9.86 8.74 4.07
CA THR A 56 -9.05 9.78 3.44
C THR A 56 -8.10 10.45 4.44
N ARG A 57 -7.39 9.63 5.22
CA ARG A 57 -6.46 10.18 6.20
C ARG A 57 -5.02 10.16 5.68
N LYS A 58 -4.11 10.74 6.46
CA LYS A 58 -2.70 10.80 6.08
C LYS A 58 -2.00 9.49 6.35
N ARG A 59 -2.36 8.85 7.47
CA ARG A 59 -1.76 7.58 7.86
C ARG A 59 -2.83 6.55 8.17
N CYS A 60 -2.46 5.27 8.13
CA CYS A 60 -3.41 4.21 8.41
C CYS A 60 -2.77 3.09 9.21
N LYS A 61 -3.25 2.89 10.44
CA LYS A 61 -2.72 1.84 11.29
C LYS A 61 -3.21 0.49 10.79
N ILE A 62 -2.36 -0.18 10.01
CA ILE A 62 -2.72 -1.47 9.43
C ILE A 62 -1.61 -2.49 9.60
N VAL A 63 -1.99 -3.70 9.98
CA VAL A 63 -1.04 -4.79 10.17
C VAL A 63 -1.62 -6.10 9.69
N ALA A 64 -0.82 -7.16 9.74
CA ALA A 64 -1.26 -8.49 9.31
C ALA A 64 -1.43 -8.57 7.79
N GLY A 65 -2.51 -9.20 7.31
CA GLY A 65 -2.73 -9.34 5.89
C GLY A 65 -3.83 -8.42 5.36
N GLN A 66 -3.46 -7.20 5.03
CA GLN A 66 -4.42 -6.22 4.51
C GLN A 66 -4.01 -5.71 3.13
N THR A 67 -4.90 -4.93 2.51
CA THR A 67 -4.65 -4.40 1.17
C THR A 67 -4.90 -2.89 1.09
N VAL A 68 -4.20 -2.23 0.17
CA VAL A 68 -4.33 -0.79 -0.03
C VAL A 68 -4.41 -0.45 -1.52
N SER A 69 -5.08 0.65 -1.87
CA SER A 69 -5.20 1.03 -3.28
C SER A 69 -5.20 2.55 -3.50
N PHE A 70 -4.47 2.97 -4.53
CA PHE A 70 -4.38 4.40 -4.90
C PHE A 70 -4.48 4.57 -6.41
N ALA A 71 -5.52 5.29 -6.86
CA ALA A 71 -5.71 5.55 -8.28
C ALA A 71 -5.36 4.35 -9.16
N GLY A 72 -5.53 3.14 -8.62
CA GLY A 72 -5.22 1.94 -9.38
C GLY A 72 -4.09 1.12 -8.79
N HIS A 73 -3.43 1.64 -7.77
CA HIS A 73 -2.32 0.93 -7.16
C HIS A 73 -2.79 -0.01 -6.06
N SER A 74 -3.24 -1.20 -6.45
CA SER A 74 -3.72 -2.19 -5.48
C SER A 74 -2.57 -3.06 -4.99
N VAL A 75 -2.33 -3.03 -3.67
CA VAL A 75 -1.25 -3.80 -3.07
C VAL A 75 -1.67 -4.35 -1.71
N GLN A 76 -1.07 -5.48 -1.32
CA GLN A 76 -1.38 -6.10 -0.03
C GLN A 76 -0.19 -6.02 0.92
N VAL A 77 -0.45 -6.24 2.20
CA VAL A 77 0.61 -6.18 3.21
C VAL A 77 0.56 -7.41 4.13
N VAL A 78 1.74 -7.89 4.52
CA VAL A 78 1.84 -9.06 5.39
C VAL A 78 2.92 -8.86 6.46
N ALA A 79 2.94 -9.74 7.45
CA ALA A 79 3.92 -9.66 8.52
C ALA A 79 3.94 -10.94 9.35
N GLY A 1 -3.35 -27.28 -9.59
CA GLY A 1 -4.03 -27.09 -8.28
C GLY A 1 -3.22 -26.25 -7.32
N SER A 2 -1.97 -26.65 -7.11
CA SER A 2 -1.08 -25.92 -6.20
C SER A 2 -0.25 -24.89 -6.96
N MET A 3 0.31 -23.93 -6.24
CA MET A 3 1.13 -22.89 -6.84
C MET A 3 2.42 -23.47 -7.40
N ILE A 4 3.25 -22.60 -7.97
CA ILE A 4 4.53 -23.03 -8.54
C ILE A 4 5.59 -21.95 -8.40
N HIS A 5 5.17 -20.68 -8.43
CA HIS A 5 6.09 -19.56 -8.30
C HIS A 5 5.59 -18.57 -7.25
N ARG A 6 6.52 -17.83 -6.66
CA ARG A 6 6.18 -16.84 -5.64
C ARG A 6 6.48 -15.43 -6.13
N MET A 7 5.52 -14.54 -5.97
CA MET A 7 5.68 -13.15 -6.39
C MET A 7 5.84 -13.06 -7.91
N SER A 8 4.73 -13.24 -8.63
CA SER A 8 4.75 -13.17 -10.08
C SER A 8 4.08 -11.90 -10.57
N ASN A 9 2.85 -11.67 -10.12
CA ASN A 9 2.10 -10.49 -10.50
C ASN A 9 1.57 -9.75 -9.26
N MET A 10 1.26 -10.50 -8.21
CA MET A 10 0.74 -9.92 -6.98
C MET A 10 1.87 -9.37 -6.13
N ALA A 11 1.80 -8.08 -5.82
CA ALA A 11 2.82 -7.43 -4.99
C ALA A 11 2.49 -7.58 -3.51
N THR A 12 3.50 -7.93 -2.73
CA THR A 12 3.32 -8.10 -1.29
C THR A 12 4.40 -7.35 -0.52
N PHE A 13 4.00 -6.59 0.48
CA PHE A 13 4.93 -5.81 1.29
C PHE A 13 5.05 -6.36 2.70
N SER A 14 6.09 -5.91 3.42
CA SER A 14 6.32 -6.36 4.79
C SER A 14 5.85 -5.30 5.78
N LEU A 15 5.26 -5.75 6.88
CA LEU A 15 4.75 -4.84 7.91
C LEU A 15 4.96 -5.39 9.32
N GLY A 16 4.82 -6.70 9.47
CA GLY A 16 4.99 -7.34 10.77
C GLY A 16 6.25 -6.90 11.50
N LYS A 17 7.27 -6.56 10.73
CA LYS A 17 8.55 -6.11 11.30
C LYS A 17 8.33 -4.93 12.24
N HIS A 18 7.36 -4.08 11.90
CA HIS A 18 7.06 -2.90 12.69
C HIS A 18 5.63 -2.96 13.23
N PRO A 19 5.30 -2.12 14.23
CA PRO A 19 3.96 -2.10 14.83
C PRO A 19 2.87 -1.85 13.79
N HIS A 20 3.20 -1.03 12.80
CA HIS A 20 2.29 -0.69 11.72
C HIS A 20 2.93 0.37 10.82
N VAL A 21 2.20 0.85 9.82
CA VAL A 21 2.74 1.87 8.92
C VAL A 21 1.67 2.86 8.45
N GLU A 22 2.13 3.98 7.92
CA GLU A 22 1.25 5.01 7.40
C GLU A 22 1.13 4.90 5.89
N LEU A 23 0.00 5.36 5.34
CA LEU A 23 -0.24 5.30 3.90
C LEU A 23 1.01 5.66 3.08
N CYS A 24 1.72 6.69 3.53
CA CYS A 24 2.93 7.13 2.83
C CYS A 24 4.07 6.13 2.98
N ASP A 25 4.19 5.55 4.17
CA ASP A 25 5.25 4.57 4.44
C ASP A 25 5.08 3.33 3.56
N LEU A 26 3.95 2.66 3.71
CA LEU A 26 3.66 1.46 2.93
C LEU A 26 3.85 1.71 1.44
N LEU A 27 3.40 2.87 0.99
CA LEU A 27 3.51 3.25 -0.42
C LEU A 27 4.95 3.48 -0.83
N LYS A 28 5.57 4.51 -0.24
CA LYS A 28 6.95 4.86 -0.56
C LYS A 28 7.84 3.62 -0.64
N LEU A 29 7.94 2.89 0.47
CA LEU A 29 8.78 1.69 0.53
C LEU A 29 8.40 0.71 -0.58
N GLU A 30 7.11 0.55 -0.85
CA GLU A 30 6.65 -0.38 -1.87
C GLU A 30 7.01 0.11 -3.27
N GLY A 31 7.38 1.38 -3.38
CA GLY A 31 7.75 1.92 -4.68
C GLY A 31 6.60 2.67 -5.34
N TRP A 32 5.63 3.11 -4.53
CA TRP A 32 4.50 3.86 -5.08
C TRP A 32 4.93 5.28 -5.39
N SER A 33 5.26 6.04 -4.34
CA SER A 33 5.71 7.42 -4.51
C SER A 33 7.20 7.52 -4.26
N GLU A 34 7.90 8.28 -5.10
CA GLU A 34 9.33 8.46 -4.95
C GLU A 34 9.63 9.32 -3.72
N SER A 35 8.75 10.27 -3.45
CA SER A 35 8.89 11.16 -2.31
C SER A 35 7.89 10.78 -1.22
N GLY A 36 6.62 10.74 -1.59
CA GLY A 36 5.58 10.39 -0.65
C GLY A 36 4.48 11.43 -0.60
N ALA A 37 4.85 12.70 -0.79
CA ALA A 37 3.88 13.79 -0.77
C ALA A 37 3.90 14.60 -2.07
N GLN A 38 4.84 14.27 -2.96
CA GLN A 38 4.97 14.98 -4.23
C GLN A 38 3.64 15.00 -4.97
N ALA A 39 3.28 13.87 -5.58
CA ALA A 39 2.03 13.75 -6.33
C ALA A 39 0.82 13.61 -5.41
N LYS A 40 0.98 13.92 -4.13
CA LYS A 40 -0.10 13.80 -3.17
C LYS A 40 -0.44 12.32 -2.94
N ILE A 41 0.54 11.46 -3.20
CA ILE A 41 0.38 10.03 -3.04
C ILE A 41 -0.03 9.67 -1.61
N ALA A 42 0.32 10.54 -0.67
CA ALA A 42 -0.01 10.30 0.73
C ALA A 42 -1.49 10.56 1.01
N ILE A 43 -1.86 11.84 1.11
CA ILE A 43 -3.24 12.23 1.36
C ILE A 43 -4.18 11.50 0.42
N ALA A 44 -3.78 11.42 -0.85
CA ALA A 44 -4.58 10.73 -1.86
C ALA A 44 -4.83 9.29 -1.45
N GLU A 45 -3.76 8.48 -1.47
CA GLU A 45 -3.86 7.06 -1.09
C GLU A 45 -4.96 6.85 -0.06
N GLY A 46 -5.01 7.74 0.92
CA GLY A 46 -6.05 7.66 1.93
C GLY A 46 -7.42 7.76 1.29
N GLN A 47 -7.78 8.98 0.89
CA GLN A 47 -9.09 9.24 0.26
C GLN A 47 -9.40 8.25 -0.87
N VAL A 48 -8.40 7.49 -1.32
CA VAL A 48 -8.62 6.53 -2.40
C VAL A 48 -9.39 5.31 -1.89
N LYS A 49 -8.69 4.21 -1.57
CA LYS A 49 -9.38 3.00 -1.08
C LYS A 49 -8.40 2.00 -0.47
N VAL A 50 -8.63 1.65 0.79
CA VAL A 50 -7.79 0.67 1.47
C VAL A 50 -8.61 -0.55 1.85
N ASP A 51 -7.96 -1.71 1.95
CA ASP A 51 -8.65 -2.95 2.29
C ASP A 51 -9.63 -2.75 3.44
N GLY A 52 -10.91 -2.63 3.12
CA GLY A 52 -11.93 -2.43 4.12
C GLY A 52 -11.74 -1.13 4.89
N ALA A 53 -11.02 -0.19 4.29
CA ALA A 53 -10.77 1.09 4.92
C ALA A 53 -10.72 2.23 3.90
N VAL A 54 -11.89 2.63 3.42
CA VAL A 54 -11.97 3.71 2.44
C VAL A 54 -12.04 5.07 3.14
N GLU A 55 -10.95 5.44 3.80
CA GLU A 55 -10.89 6.72 4.52
C GLU A 55 -10.10 7.76 3.73
N THR A 56 -9.73 8.85 4.40
CA THR A 56 -8.98 9.92 3.74
C THR A 56 -7.99 10.60 4.68
N ARG A 57 -7.35 9.80 5.55
CA ARG A 57 -6.38 10.34 6.49
C ARG A 57 -4.97 10.31 5.89
N LYS A 58 -4.01 10.87 6.62
CA LYS A 58 -2.62 10.90 6.17
C LYS A 58 -1.95 9.55 6.41
N ARG A 59 -2.22 8.97 7.58
CA ARG A 59 -1.65 7.68 7.94
C ARG A 59 -2.75 6.68 8.29
N CYS A 60 -2.46 5.39 8.12
CA CYS A 60 -3.44 4.36 8.44
C CYS A 60 -2.77 3.22 9.18
N LYS A 61 -3.18 3.01 10.43
CA LYS A 61 -2.62 1.94 11.24
C LYS A 61 -3.08 0.60 10.71
N ILE A 62 -2.22 -0.05 9.92
CA ILE A 62 -2.54 -1.33 9.33
C ILE A 62 -1.42 -2.33 9.50
N VAL A 63 -1.80 -3.59 9.70
CA VAL A 63 -0.84 -4.67 9.88
C VAL A 63 -1.44 -5.97 9.34
N ALA A 64 -0.64 -7.04 9.34
CA ALA A 64 -1.10 -8.34 8.88
C ALA A 64 -1.28 -8.38 7.36
N GLY A 65 -2.22 -9.21 6.89
CA GLY A 65 -2.47 -9.35 5.47
C GLY A 65 -3.54 -8.41 4.96
N GLN A 66 -3.14 -7.17 4.71
CA GLN A 66 -4.08 -6.16 4.21
C GLN A 66 -3.63 -5.59 2.87
N THR A 67 -4.59 -5.03 2.13
CA THR A 67 -4.32 -4.46 0.80
C THR A 67 -4.54 -2.95 0.79
N VAL A 68 -3.81 -2.26 -0.08
CA VAL A 68 -3.93 -0.81 -0.21
C VAL A 68 -4.15 -0.42 -1.67
N SER A 69 -4.95 0.62 -1.92
CA SER A 69 -5.25 1.05 -3.29
C SER A 69 -5.18 2.56 -3.46
N PHE A 70 -4.48 2.99 -4.53
CA PHE A 70 -4.34 4.42 -4.83
C PHE A 70 -4.26 4.64 -6.35
N ALA A 71 -5.17 5.47 -6.87
CA ALA A 71 -5.20 5.81 -8.29
C ALA A 71 -4.94 4.59 -9.20
N GLY A 72 -5.33 3.41 -8.74
CA GLY A 72 -5.13 2.21 -9.53
C GLY A 72 -4.02 1.32 -9.01
N HIS A 73 -3.33 1.77 -7.97
CA HIS A 73 -2.23 1.00 -7.40
C HIS A 73 -2.74 0.08 -6.29
N SER A 74 -2.96 -1.19 -6.62
CA SER A 74 -3.45 -2.15 -5.63
C SER A 74 -2.36 -3.15 -5.25
N VAL A 75 -1.93 -3.10 -4.00
CA VAL A 75 -0.90 -4.01 -3.49
C VAL A 75 -1.25 -4.50 -2.09
N GLN A 76 -0.71 -5.65 -1.71
CA GLN A 76 -0.99 -6.22 -0.40
C GLN A 76 0.25 -6.22 0.49
N VAL A 77 0.04 -6.44 1.79
CA VAL A 77 1.11 -6.47 2.77
C VAL A 77 0.87 -7.55 3.80
N VAL A 78 1.93 -8.11 4.37
CA VAL A 78 1.81 -9.16 5.37
C VAL A 78 2.66 -8.88 6.60
N ALA A 79 2.39 -9.61 7.68
CA ALA A 79 3.13 -9.45 8.93
C ALA A 79 4.44 -10.24 8.91
N GLY A 1 -3.66 -19.30 -27.07
CA GLY A 1 -4.21 -18.51 -25.93
C GLY A 1 -3.13 -17.97 -25.01
N SER A 2 -1.98 -18.65 -24.97
CA SER A 2 -0.87 -18.23 -24.12
C SER A 2 -1.31 -18.17 -22.66
N MET A 3 -0.35 -17.88 -21.79
CA MET A 3 -0.63 -17.77 -20.36
C MET A 3 0.09 -16.59 -19.74
N ILE A 4 1.33 -16.36 -20.18
CA ILE A 4 2.13 -15.25 -19.65
C ILE A 4 1.79 -13.94 -20.38
N HIS A 5 0.77 -13.25 -19.89
CA HIS A 5 0.36 -11.97 -20.47
C HIS A 5 -0.37 -11.11 -19.44
N ARG A 6 0.01 -9.84 -19.38
CA ARG A 6 -0.59 -8.91 -18.43
C ARG A 6 -0.29 -9.32 -17.00
N MET A 7 0.88 -9.92 -16.79
CA MET A 7 1.29 -10.36 -15.46
C MET A 7 2.81 -10.27 -15.31
N SER A 8 3.25 -9.85 -14.12
CA SER A 8 4.67 -9.72 -13.84
C SER A 8 5.03 -10.33 -12.49
N ASN A 9 4.24 -9.98 -11.48
CA ASN A 9 4.47 -10.49 -10.12
C ASN A 9 3.43 -9.96 -9.16
N MET A 10 3.17 -10.70 -8.08
CA MET A 10 2.20 -10.30 -7.08
C MET A 10 2.77 -9.23 -6.17
N ALA A 11 2.04 -8.13 -6.04
CA ALA A 11 2.47 -7.03 -5.17
C ALA A 11 2.18 -7.34 -3.72
N THR A 12 3.19 -7.82 -3.01
CA THR A 12 3.03 -8.15 -1.59
C THR A 12 4.15 -7.51 -0.76
N PHE A 13 3.76 -6.65 0.17
CA PHE A 13 4.72 -5.99 1.04
C PHE A 13 4.82 -6.69 2.38
N SER A 14 6.00 -6.63 3.00
CA SER A 14 6.21 -7.27 4.29
C SER A 14 6.26 -6.24 5.42
N LEU A 15 5.80 -6.63 6.60
CA LEU A 15 5.78 -5.74 7.75
C LEU A 15 6.46 -6.39 8.95
N GLY A 16 6.29 -7.70 9.09
CA GLY A 16 6.90 -8.42 10.20
C GLY A 16 6.07 -8.34 11.48
N LYS A 17 6.59 -7.65 12.47
CA LYS A 17 5.90 -7.49 13.75
C LYS A 17 5.98 -6.05 14.25
N HIS A 18 5.58 -5.12 13.39
CA HIS A 18 5.60 -3.70 13.74
C HIS A 18 4.20 -3.19 14.06
N PRO A 19 4.09 -2.10 14.86
CA PRO A 19 2.80 -1.52 15.23
C PRO A 19 1.91 -1.27 14.02
N HIS A 20 2.50 -0.72 12.96
CA HIS A 20 1.79 -0.42 11.72
C HIS A 20 2.61 0.54 10.85
N VAL A 21 1.97 1.10 9.82
CA VAL A 21 2.68 2.01 8.92
C VAL A 21 1.81 3.16 8.44
N GLU A 22 2.45 4.26 8.06
CA GLU A 22 1.75 5.43 7.55
C GLU A 22 1.54 5.30 6.05
N LEU A 23 0.37 5.72 5.57
CA LEU A 23 0.05 5.63 4.14
C LEU A 23 1.25 6.00 3.27
N CYS A 24 2.01 7.00 3.71
CA CYS A 24 3.19 7.44 2.97
C CYS A 24 4.28 6.39 3.02
N ASP A 25 4.44 5.76 4.19
CA ASP A 25 5.45 4.73 4.37
C ASP A 25 5.20 3.56 3.43
N LEU A 26 4.02 2.96 3.55
CA LEU A 26 3.65 1.82 2.73
C LEU A 26 3.86 2.11 1.24
N LEU A 27 3.42 3.28 0.80
CA LEU A 27 3.55 3.67 -0.60
C LEU A 27 5.00 3.88 -1.00
N LYS A 28 5.67 4.82 -0.34
CA LYS A 28 7.07 5.12 -0.63
C LYS A 28 7.92 3.84 -0.64
N LEU A 29 7.88 3.11 0.47
CA LEU A 29 8.66 1.88 0.60
C LEU A 29 8.36 0.91 -0.54
N GLU A 30 7.09 0.77 -0.90
CA GLU A 30 6.70 -0.14 -1.97
C GLU A 30 7.06 0.41 -3.35
N GLY A 31 7.40 1.69 -3.42
CA GLY A 31 7.78 2.29 -4.69
C GLY A 31 6.63 2.99 -5.38
N TRP A 32 5.64 3.44 -4.61
CA TRP A 32 4.50 4.14 -5.18
C TRP A 32 4.89 5.56 -5.58
N SER A 33 5.26 6.35 -4.58
CA SER A 33 5.68 7.73 -4.81
C SER A 33 7.20 7.86 -4.65
N GLU A 34 7.82 8.69 -5.48
CA GLU A 34 9.27 8.88 -5.41
C GLU A 34 9.63 9.81 -4.25
N SER A 35 8.76 10.77 -3.99
CA SER A 35 8.98 11.71 -2.90
C SER A 35 8.04 11.40 -1.73
N GLY A 36 6.79 11.09 -2.08
CA GLY A 36 5.79 10.78 -1.07
C GLY A 36 4.65 11.79 -1.03
N ALA A 37 4.96 13.05 -1.30
CA ALA A 37 3.95 14.11 -1.29
C ALA A 37 4.00 14.94 -2.57
N GLN A 38 4.79 14.50 -3.55
CA GLN A 38 4.90 15.22 -4.82
C GLN A 38 3.55 15.31 -5.51
N ALA A 39 3.11 14.18 -6.08
CA ALA A 39 1.83 14.11 -6.78
C ALA A 39 0.66 13.98 -5.81
N LYS A 40 0.91 14.25 -4.53
CA LYS A 40 -0.12 14.13 -3.51
C LYS A 40 -0.57 12.68 -3.37
N ILE A 41 0.34 11.76 -3.69
CA ILE A 41 0.05 10.33 -3.61
C ILE A 41 -0.25 9.92 -2.17
N ALA A 42 0.13 10.78 -1.21
CA ALA A 42 -0.11 10.50 0.19
C ALA A 42 -1.60 10.59 0.55
N ILE A 43 -2.09 11.80 0.75
CA ILE A 43 -3.48 12.01 1.09
C ILE A 43 -4.40 11.31 0.10
N ALA A 44 -3.97 11.26 -1.16
CA ALA A 44 -4.75 10.60 -2.20
C ALA A 44 -4.93 9.12 -1.88
N GLU A 45 -3.84 8.36 -2.01
CA GLU A 45 -3.87 6.92 -1.75
C GLU A 45 -4.81 6.59 -0.60
N GLY A 46 -4.78 7.41 0.44
CA GLY A 46 -5.66 7.19 1.57
C GLY A 46 -7.12 7.26 1.14
N GLN A 47 -7.59 8.48 0.89
CA GLN A 47 -8.97 8.72 0.47
C GLN A 47 -9.41 7.79 -0.68
N VAL A 48 -8.49 7.05 -1.27
CA VAL A 48 -8.84 6.14 -2.35
C VAL A 48 -9.55 4.91 -1.80
N LYS A 49 -8.82 3.86 -1.44
CA LYS A 49 -9.46 2.66 -0.91
C LYS A 49 -8.47 1.66 -0.34
N VAL A 50 -8.61 1.34 0.94
CA VAL A 50 -7.76 0.36 1.60
C VAL A 50 -8.60 -0.85 1.99
N ASP A 51 -8.02 -2.03 1.95
CA ASP A 51 -8.75 -3.26 2.29
C ASP A 51 -9.60 -3.07 3.55
N GLY A 52 -10.88 -2.81 3.34
CA GLY A 52 -11.80 -2.62 4.46
C GLY A 52 -11.54 -1.32 5.20
N ALA A 53 -10.80 -0.41 4.57
CA ALA A 53 -10.48 0.87 5.20
C ALA A 53 -10.40 2.00 4.17
N VAL A 54 -11.54 2.49 3.72
CA VAL A 54 -11.57 3.57 2.75
C VAL A 54 -11.55 4.93 3.45
N GLU A 55 -10.47 5.18 4.20
CA GLU A 55 -10.33 6.44 4.92
C GLU A 55 -9.43 7.42 4.17
N THR A 56 -9.07 8.52 4.83
CA THR A 56 -8.23 9.53 4.21
C THR A 56 -7.39 10.27 5.26
N ARG A 57 -6.94 9.54 6.27
CA ARG A 57 -6.13 10.14 7.33
C ARG A 57 -4.67 10.25 6.89
N LYS A 58 -3.88 10.98 7.66
CA LYS A 58 -2.47 11.15 7.34
C LYS A 58 -1.70 9.88 7.67
N ARG A 59 -1.98 9.32 8.84
CA ARG A 59 -1.34 8.10 9.29
C ARG A 59 -2.28 6.90 9.13
N CYS A 60 -1.70 5.72 8.91
CA CYS A 60 -2.50 4.51 8.74
C CYS A 60 -2.21 3.49 9.84
N LYS A 61 -3.23 3.17 10.62
CA LYS A 61 -3.10 2.20 11.70
C LYS A 61 -3.54 0.82 11.22
N ILE A 62 -2.74 0.21 10.36
CA ILE A 62 -3.06 -1.10 9.81
C ILE A 62 -1.85 -2.02 9.80
N VAL A 63 -2.10 -3.32 9.98
CA VAL A 63 -1.04 -4.33 9.99
C VAL A 63 -1.58 -5.68 9.54
N ALA A 64 -0.67 -6.65 9.41
CA ALA A 64 -1.05 -8.00 9.01
C ALA A 64 -1.30 -8.11 7.50
N GLY A 65 -2.21 -9.00 7.11
CA GLY A 65 -2.51 -9.20 5.71
C GLY A 65 -3.56 -8.22 5.21
N GLN A 66 -3.13 -6.99 4.95
CA GLN A 66 -4.04 -5.95 4.46
C GLN A 66 -3.58 -5.39 3.11
N THR A 67 -4.53 -4.85 2.36
CA THR A 67 -4.26 -4.31 1.03
C THR A 67 -4.51 -2.80 0.94
N VAL A 68 -3.81 -2.15 0.02
CA VAL A 68 -3.94 -0.71 -0.20
C VAL A 68 -4.19 -0.44 -1.68
N SER A 69 -4.98 0.58 -2.00
CA SER A 69 -5.29 0.90 -3.39
C SER A 69 -5.38 2.41 -3.65
N PHE A 70 -4.76 2.84 -4.76
CA PHE A 70 -4.76 4.24 -5.17
C PHE A 70 -4.71 4.34 -6.69
N ALA A 71 -5.69 5.04 -7.28
CA ALA A 71 -5.75 5.21 -8.72
C ALA A 71 -5.67 3.88 -9.44
N GLY A 72 -4.44 3.40 -9.67
CA GLY A 72 -4.26 2.13 -10.36
C GLY A 72 -3.31 1.21 -9.62
N HIS A 73 -2.73 1.69 -8.52
CA HIS A 73 -1.79 0.88 -7.76
C HIS A 73 -2.50 0.11 -6.64
N SER A 74 -2.61 -1.20 -6.81
CA SER A 74 -3.24 -2.06 -5.81
C SER A 74 -2.26 -3.10 -5.31
N VAL A 75 -1.72 -2.88 -4.10
CA VAL A 75 -0.76 -3.79 -3.51
C VAL A 75 -1.21 -4.25 -2.12
N GLN A 76 -0.78 -5.44 -1.74
CA GLN A 76 -1.13 -5.99 -0.44
C GLN A 76 0.10 -6.11 0.46
N VAL A 77 -0.14 -6.21 1.76
CA VAL A 77 0.93 -6.33 2.74
C VAL A 77 0.66 -7.47 3.70
N VAL A 78 1.72 -8.11 4.18
CA VAL A 78 1.58 -9.24 5.11
C VAL A 78 2.63 -9.18 6.21
N ALA A 79 2.48 -10.06 7.20
CA ALA A 79 3.41 -10.12 8.32
C ALA A 79 4.72 -10.79 7.90
N GLY A 1 1.96 -29.23 -13.89
CA GLY A 1 1.09 -30.19 -14.61
C GLY A 1 0.92 -29.86 -16.08
N SER A 2 2.00 -29.41 -16.71
CA SER A 2 1.98 -29.06 -18.13
C SER A 2 1.00 -27.93 -18.43
N MET A 3 0.59 -27.20 -17.40
CA MET A 3 -0.34 -26.10 -17.59
C MET A 3 -0.22 -25.05 -16.49
N ILE A 4 0.99 -24.91 -15.94
CA ILE A 4 1.23 -23.93 -14.88
C ILE A 4 2.63 -23.35 -14.98
N HIS A 5 2.70 -22.07 -15.33
CA HIS A 5 3.98 -21.38 -15.47
C HIS A 5 4.34 -20.64 -14.19
N ARG A 6 5.53 -20.91 -13.67
CA ARG A 6 6.00 -20.27 -12.45
C ARG A 6 6.11 -18.76 -12.64
N MET A 7 5.20 -18.02 -12.01
CA MET A 7 5.20 -16.56 -12.12
C MET A 7 4.37 -15.94 -11.01
N SER A 8 4.54 -14.63 -10.82
CA SER A 8 3.81 -13.91 -9.78
C SER A 8 3.50 -12.49 -10.21
N ASN A 9 2.32 -12.01 -9.82
CA ASN A 9 1.89 -10.66 -10.16
C ASN A 9 1.38 -9.90 -8.93
N MET A 10 0.90 -10.64 -7.93
CA MET A 10 0.39 -10.03 -6.71
C MET A 10 1.51 -9.36 -5.92
N ALA A 11 1.24 -8.15 -5.43
CA ALA A 11 2.23 -7.41 -4.66
C ALA A 11 1.94 -7.53 -3.17
N THR A 12 3.00 -7.75 -2.39
CA THR A 12 2.86 -7.88 -0.94
C THR A 12 3.95 -7.09 -0.24
N PHE A 13 3.57 -6.33 0.78
CA PHE A 13 4.52 -5.53 1.53
C PHE A 13 4.80 -6.15 2.90
N SER A 14 5.81 -7.02 2.95
CA SER A 14 6.17 -7.68 4.21
C SER A 14 6.86 -6.70 5.15
N LEU A 15 6.08 -6.11 6.06
CA LEU A 15 6.62 -5.16 7.03
C LEU A 15 7.74 -5.79 7.83
N GLY A 16 7.62 -7.08 8.11
CA GLY A 16 8.64 -7.78 8.87
C GLY A 16 8.34 -7.79 10.36
N LYS A 17 7.10 -8.14 10.72
CA LYS A 17 6.69 -8.19 12.12
C LYS A 17 6.87 -6.83 12.78
N HIS A 18 6.27 -5.80 12.19
CA HIS A 18 6.36 -4.44 12.72
C HIS A 18 5.06 -4.02 13.39
N PRO A 19 5.07 -2.91 14.16
CA PRO A 19 3.88 -2.41 14.85
C PRO A 19 2.78 -2.00 13.88
N HIS A 20 3.16 -1.22 12.87
CA HIS A 20 2.23 -0.75 11.85
C HIS A 20 2.92 0.24 10.92
N VAL A 21 2.14 0.85 10.01
CA VAL A 21 2.71 1.81 9.07
C VAL A 21 1.78 2.98 8.81
N GLU A 22 2.38 4.08 8.35
CA GLU A 22 1.63 5.28 8.00
C GLU A 22 1.47 5.34 6.49
N LEU A 23 0.37 5.94 6.04
CA LEU A 23 0.08 6.04 4.61
C LEU A 23 1.34 6.33 3.78
N CYS A 24 2.06 7.39 4.15
CA CYS A 24 3.27 7.75 3.43
C CYS A 24 4.30 6.62 3.49
N ASP A 25 4.29 5.89 4.60
CA ASP A 25 5.23 4.78 4.78
C ASP A 25 4.89 3.63 3.83
N LEU A 26 3.67 3.10 3.94
CA LEU A 26 3.23 1.99 3.09
C LEU A 26 3.46 2.28 1.61
N LEU A 27 3.03 3.46 1.17
CA LEU A 27 3.17 3.85 -0.23
C LEU A 27 4.64 3.98 -0.64
N LYS A 28 5.37 4.85 0.05
CA LYS A 28 6.78 5.07 -0.25
C LYS A 28 7.60 3.78 -0.18
N LEU A 29 7.57 3.13 0.97
CA LEU A 29 8.31 1.88 1.18
C LEU A 29 8.06 0.87 0.06
N GLU A 30 6.81 0.78 -0.39
CA GLU A 30 6.44 -0.17 -1.43
C GLU A 30 6.83 0.33 -2.82
N GLY A 31 7.27 1.59 -2.92
CA GLY A 31 7.67 2.12 -4.20
C GLY A 31 6.52 2.75 -4.97
N TRP A 32 5.48 3.19 -4.25
CA TRP A 32 4.34 3.81 -4.89
C TRP A 32 4.71 5.20 -5.43
N SER A 33 5.02 6.11 -4.53
CA SER A 33 5.40 7.46 -4.90
C SER A 33 6.92 7.63 -4.87
N GLU A 34 7.45 8.46 -5.76
CA GLU A 34 8.88 8.68 -5.80
C GLU A 34 9.34 9.49 -4.58
N SER A 35 8.49 10.40 -4.13
CA SER A 35 8.81 11.22 -2.95
C SER A 35 7.99 10.77 -1.75
N GLY A 36 6.66 10.84 -1.88
CA GLY A 36 5.78 10.46 -0.80
C GLY A 36 4.70 11.50 -0.55
N ALA A 37 4.93 12.72 -1.02
CA ALA A 37 3.97 13.80 -0.84
C ALA A 37 3.95 14.74 -2.06
N GLN A 38 4.80 14.46 -3.04
CA GLN A 38 4.88 15.27 -4.24
C GLN A 38 3.54 15.26 -4.98
N ALA A 39 3.23 14.15 -5.63
CA ALA A 39 1.98 14.01 -6.36
C ALA A 39 0.79 13.83 -5.40
N LYS A 40 1.02 14.11 -4.12
CA LYS A 40 -0.03 13.98 -3.11
C LYS A 40 -0.41 12.51 -2.92
N ILE A 41 0.50 11.62 -3.32
CA ILE A 41 0.28 10.18 -3.20
C ILE A 41 -0.13 9.82 -1.77
N ALA A 42 0.34 10.61 -0.81
CA ALA A 42 0.02 10.39 0.58
C ALA A 42 -1.48 10.60 0.84
N ILE A 43 -1.87 11.86 0.93
CA ILE A 43 -3.26 12.22 1.18
C ILE A 43 -4.19 11.50 0.20
N ALA A 44 -3.75 11.36 -1.04
CA ALA A 44 -4.54 10.69 -2.06
C ALA A 44 -4.81 9.23 -1.68
N GLU A 45 -3.78 8.38 -1.73
CA GLU A 45 -3.92 6.96 -1.40
C GLU A 45 -4.95 6.77 -0.30
N GLY A 46 -4.93 7.67 0.68
CA GLY A 46 -5.92 7.60 1.75
C GLY A 46 -7.32 7.69 1.17
N GLN A 47 -7.73 8.90 0.79
CA GLN A 47 -9.05 9.14 0.23
C GLN A 47 -9.40 8.18 -0.92
N VAL A 48 -8.43 7.39 -1.40
CA VAL A 48 -8.70 6.45 -2.49
C VAL A 48 -9.48 5.23 -1.98
N LYS A 49 -8.82 4.08 -1.76
CA LYS A 49 -9.55 2.90 -1.28
C LYS A 49 -8.62 1.83 -0.69
N VAL A 50 -8.83 1.50 0.59
CA VAL A 50 -8.03 0.47 1.25
C VAL A 50 -8.93 -0.73 1.57
N ASP A 51 -8.40 -1.95 1.44
CA ASP A 51 -9.20 -3.15 1.73
C ASP A 51 -9.91 -3.02 3.06
N GLY A 52 -11.17 -2.59 3.01
CA GLY A 52 -11.95 -2.44 4.21
C GLY A 52 -11.62 -1.15 4.95
N ALA A 53 -10.94 -0.23 4.28
CA ALA A 53 -10.56 1.03 4.90
C ALA A 53 -10.57 2.17 3.89
N VAL A 54 -11.76 2.65 3.54
CA VAL A 54 -11.90 3.72 2.59
C VAL A 54 -11.91 5.08 3.30
N GLU A 55 -10.77 5.43 3.91
CA GLU A 55 -10.66 6.69 4.64
C GLU A 55 -9.90 7.72 3.81
N THR A 56 -9.64 8.88 4.41
CA THR A 56 -8.92 9.95 3.72
C THR A 56 -8.00 10.70 4.67
N ARG A 57 -7.31 9.96 5.54
CA ARG A 57 -6.39 10.58 6.49
C ARG A 57 -4.98 10.61 5.92
N LYS A 58 -4.08 11.24 6.66
CA LYS A 58 -2.69 11.35 6.24
C LYS A 58 -1.92 10.08 6.56
N ARG A 59 -2.40 9.34 7.57
CA ARG A 59 -1.76 8.09 7.97
C ARG A 59 -2.81 7.04 8.35
N CYS A 60 -2.49 5.76 8.11
CA CYS A 60 -3.43 4.69 8.42
C CYS A 60 -2.72 3.51 9.08
N LYS A 61 -3.09 3.23 10.33
CA LYS A 61 -2.48 2.14 11.07
C LYS A 61 -2.99 0.80 10.56
N ILE A 62 -2.18 0.11 9.76
CA ILE A 62 -2.55 -1.18 9.21
C ILE A 62 -1.45 -2.20 9.38
N VAL A 63 -1.81 -3.39 9.84
CA VAL A 63 -0.85 -4.46 10.04
C VAL A 63 -1.43 -5.80 9.62
N ALA A 64 -0.61 -6.84 9.67
CA ALA A 64 -1.05 -8.18 9.30
C ALA A 64 -1.26 -8.32 7.78
N GLY A 65 -2.38 -8.91 7.37
CA GLY A 65 -2.65 -9.12 5.95
C GLY A 65 -3.76 -8.23 5.41
N GLN A 66 -3.41 -7.00 5.03
CA GLN A 66 -4.39 -6.05 4.50
C GLN A 66 -3.98 -5.57 3.11
N THR A 67 -4.91 -4.91 2.40
CA THR A 67 -4.64 -4.41 1.06
C THR A 67 -4.93 -2.91 0.93
N VAL A 68 -4.24 -2.27 0.00
CA VAL A 68 -4.41 -0.84 -0.25
C VAL A 68 -4.57 -0.59 -1.75
N SER A 69 -5.35 0.42 -2.13
CA SER A 69 -5.57 0.73 -3.54
C SER A 69 -5.46 2.24 -3.79
N PHE A 70 -4.77 2.60 -4.88
CA PHE A 70 -4.60 3.99 -5.25
C PHE A 70 -3.85 4.13 -6.59
N ALA A 71 -4.35 5.04 -7.44
CA ALA A 71 -3.74 5.31 -8.73
C ALA A 71 -3.50 4.03 -9.52
N GLY A 72 -4.44 3.09 -9.40
CA GLY A 72 -4.31 1.83 -10.11
C GLY A 72 -3.38 0.86 -9.41
N HIS A 73 -2.75 1.31 -8.33
CA HIS A 73 -1.82 0.46 -7.60
C HIS A 73 -2.55 -0.32 -6.51
N SER A 74 -2.71 -1.62 -6.72
CA SER A 74 -3.37 -2.48 -5.74
C SER A 74 -2.37 -3.45 -5.12
N VAL A 75 -1.96 -3.16 -3.89
CA VAL A 75 -0.98 -3.99 -3.18
C VAL A 75 -1.43 -4.31 -1.76
N GLN A 76 -0.94 -5.43 -1.23
CA GLN A 76 -1.30 -5.84 0.13
C GLN A 76 -0.09 -5.77 1.06
N VAL A 77 -0.34 -5.91 2.35
CA VAL A 77 0.71 -5.86 3.36
C VAL A 77 0.69 -7.12 4.22
N VAL A 78 1.87 -7.66 4.52
CA VAL A 78 1.97 -8.86 5.34
C VAL A 78 2.92 -8.65 6.51
N ALA A 79 2.63 -9.32 7.63
CA ALA A 79 3.45 -9.20 8.83
C ALA A 79 4.58 -10.21 8.84
N GLY A 1 9.54 -26.51 -21.94
CA GLY A 1 8.55 -27.42 -21.29
C GLY A 1 7.33 -26.69 -20.79
N SER A 2 6.55 -27.34 -19.93
CA SER A 2 5.34 -26.74 -19.37
C SER A 2 5.68 -25.76 -18.25
N MET A 3 4.67 -25.39 -17.47
CA MET A 3 4.86 -24.46 -16.36
C MET A 3 3.81 -24.68 -15.28
N ILE A 4 3.93 -23.95 -14.18
CA ILE A 4 2.99 -24.07 -13.08
C ILE A 4 2.53 -22.69 -12.58
N HIS A 5 3.47 -21.91 -12.06
CA HIS A 5 3.15 -20.59 -11.55
C HIS A 5 4.02 -19.51 -12.20
N ARG A 6 3.63 -18.26 -12.01
CA ARG A 6 4.37 -17.13 -12.56
C ARG A 6 5.58 -16.77 -11.70
N MET A 7 6.20 -15.63 -11.99
CA MET A 7 7.35 -15.16 -11.24
C MET A 7 6.92 -14.27 -10.09
N SER A 8 5.97 -13.38 -10.37
CA SER A 8 5.46 -12.46 -9.37
C SER A 8 4.22 -11.73 -9.88
N ASN A 9 3.10 -11.91 -9.18
CA ASN A 9 1.85 -11.29 -9.56
C ASN A 9 1.30 -10.42 -8.42
N MET A 10 0.81 -11.09 -7.38
CA MET A 10 0.26 -10.37 -6.23
C MET A 10 1.34 -9.59 -5.49
N ALA A 11 1.20 -8.28 -5.47
CA ALA A 11 2.16 -7.41 -4.80
C ALA A 11 2.05 -7.57 -3.29
N THR A 12 3.11 -8.07 -2.67
CA THR A 12 3.12 -8.27 -1.22
C THR A 12 4.23 -7.46 -0.57
N PHE A 13 3.87 -6.69 0.45
CA PHE A 13 4.83 -5.86 1.17
C PHE A 13 5.11 -6.43 2.56
N SER A 14 6.17 -7.21 2.69
CA SER A 14 6.53 -7.81 3.97
C SER A 14 6.97 -6.74 4.96
N LEU A 15 6.10 -6.43 5.92
CA LEU A 15 6.39 -5.43 6.94
C LEU A 15 7.40 -5.95 7.94
N GLY A 16 7.28 -7.23 8.29
CA GLY A 16 8.18 -7.84 9.24
C GLY A 16 7.52 -8.09 10.58
N LYS A 17 7.47 -7.06 11.42
CA LYS A 17 6.86 -7.18 12.74
C LYS A 17 6.78 -5.81 13.44
N HIS A 18 6.18 -4.85 12.74
CA HIS A 18 6.04 -3.50 13.27
C HIS A 18 4.61 -3.25 13.75
N PRO A 19 4.40 -2.24 14.63
CA PRO A 19 3.07 -1.91 15.15
C PRO A 19 2.09 -1.58 14.03
N HIS A 20 2.60 -0.94 12.98
CA HIS A 20 1.80 -0.54 11.82
C HIS A 20 2.58 0.44 10.95
N VAL A 21 1.91 0.99 9.94
CA VAL A 21 2.56 1.96 9.05
C VAL A 21 1.58 3.01 8.55
N GLU A 22 2.14 4.09 8.03
CA GLU A 22 1.34 5.18 7.49
C GLU A 22 1.31 5.10 5.97
N LEU A 23 0.22 5.56 5.36
CA LEU A 23 0.07 5.53 3.91
C LEU A 23 1.37 5.91 3.20
N CYS A 24 2.02 6.96 3.66
CA CYS A 24 3.27 7.41 3.07
C CYS A 24 4.35 6.32 3.13
N ASP A 25 4.36 5.56 4.22
CA ASP A 25 5.35 4.51 4.39
C ASP A 25 5.09 3.33 3.45
N LEU A 26 3.95 2.68 3.63
CA LEU A 26 3.58 1.54 2.79
C LEU A 26 3.81 1.83 1.32
N LEU A 27 3.38 3.00 0.89
CA LEU A 27 3.51 3.42 -0.50
C LEU A 27 4.97 3.64 -0.90
N LYS A 28 5.60 4.66 -0.31
CA LYS A 28 6.99 4.98 -0.62
C LYS A 28 7.87 3.74 -0.53
N LEU A 29 7.79 3.03 0.60
CA LEU A 29 8.58 1.82 0.81
C LEU A 29 8.34 0.80 -0.31
N GLU A 30 7.11 0.74 -0.80
CA GLU A 30 6.77 -0.20 -1.86
C GLU A 30 7.12 0.34 -3.25
N GLY A 31 7.48 1.62 -3.32
CA GLY A 31 7.84 2.21 -4.60
C GLY A 31 6.67 2.91 -5.27
N TRP A 32 5.67 3.32 -4.49
CA TRP A 32 4.51 4.02 -5.05
C TRP A 32 4.90 5.46 -5.40
N SER A 33 5.27 6.22 -4.37
CA SER A 33 5.66 7.61 -4.55
C SER A 33 7.17 7.77 -4.38
N GLU A 34 7.77 8.65 -5.17
CA GLU A 34 9.21 8.89 -5.11
C GLU A 34 9.58 9.77 -3.92
N SER A 35 8.69 10.71 -3.59
CA SER A 35 8.92 11.61 -2.47
C SER A 35 8.02 11.23 -1.29
N GLY A 36 6.79 10.85 -1.60
CA GLY A 36 5.84 10.48 -0.57
C GLY A 36 4.75 11.52 -0.39
N ALA A 37 5.07 12.76 -0.75
CA ALA A 37 4.11 13.86 -0.62
C ALA A 37 4.05 14.73 -1.88
N GLN A 38 5.04 14.58 -2.75
CA GLN A 38 5.10 15.36 -3.99
C GLN A 38 3.80 15.24 -4.78
N ALA A 39 3.60 14.08 -5.40
CA ALA A 39 2.40 13.84 -6.20
C ALA A 39 1.14 13.67 -5.34
N LYS A 40 1.22 14.06 -4.07
CA LYS A 40 0.09 13.94 -3.17
C LYS A 40 -0.35 12.48 -3.02
N ILE A 41 0.60 11.56 -3.30
CA ILE A 41 0.32 10.14 -3.20
C ILE A 41 -0.10 9.77 -1.78
N ALA A 42 0.23 10.61 -0.81
CA ALA A 42 -0.14 10.36 0.58
C ALA A 42 -1.62 10.62 0.81
N ILE A 43 -1.98 11.90 0.89
CA ILE A 43 -3.38 12.29 1.11
C ILE A 43 -4.30 11.53 0.16
N ALA A 44 -3.90 11.46 -1.11
CA ALA A 44 -4.67 10.74 -2.12
C ALA A 44 -4.90 9.30 -1.67
N GLU A 45 -3.81 8.53 -1.62
CA GLU A 45 -3.87 7.13 -1.18
C GLU A 45 -5.01 6.89 -0.21
N GLY A 46 -5.11 7.77 0.78
CA GLY A 46 -6.19 7.66 1.74
C GLY A 46 -7.53 7.73 1.06
N GLN A 47 -7.90 8.93 0.62
CA GLN A 47 -9.18 9.17 -0.06
C GLN A 47 -9.49 8.11 -1.12
N VAL A 48 -8.49 7.33 -1.53
CA VAL A 48 -8.70 6.31 -2.55
C VAL A 48 -9.42 5.08 -1.98
N LYS A 49 -8.67 4.05 -1.58
CA LYS A 49 -9.28 2.83 -1.05
C LYS A 49 -8.26 1.98 -0.29
N VAL A 50 -8.53 1.74 1.00
CA VAL A 50 -7.66 0.92 1.82
C VAL A 50 -8.42 -0.30 2.34
N ASP A 51 -7.67 -1.36 2.68
CA ASP A 51 -8.30 -2.59 3.17
C ASP A 51 -9.41 -2.31 4.17
N GLY A 52 -10.64 -2.37 3.69
CA GLY A 52 -11.79 -2.11 4.53
C GLY A 52 -11.76 -0.73 5.15
N ALA A 53 -11.05 0.18 4.49
CA ALA A 53 -10.94 1.54 4.99
C ALA A 53 -10.88 2.57 3.85
N VAL A 54 -12.02 2.85 3.23
CA VAL A 54 -12.08 3.81 2.14
C VAL A 54 -12.22 5.23 2.69
N GLU A 55 -11.24 5.63 3.51
CA GLU A 55 -11.25 6.96 4.12
C GLU A 55 -10.32 7.90 3.38
N THR A 56 -9.95 9.01 4.01
CA THR A 56 -9.06 9.98 3.37
C THR A 56 -8.11 10.64 4.38
N ARG A 57 -7.40 9.82 5.14
CA ARG A 57 -6.45 10.33 6.13
C ARG A 57 -5.02 10.30 5.60
N LYS A 58 -4.09 10.88 6.36
CA LYS A 58 -2.68 10.92 5.97
C LYS A 58 -2.02 9.57 6.23
N ARG A 59 -2.22 9.03 7.42
CA ARG A 59 -1.65 7.75 7.80
C ARG A 59 -2.76 6.76 8.15
N CYS A 60 -2.57 5.50 7.78
CA CYS A 60 -3.58 4.48 8.09
C CYS A 60 -2.98 3.33 8.88
N LYS A 61 -3.49 3.13 10.09
CA LYS A 61 -3.00 2.06 10.96
C LYS A 61 -3.46 0.69 10.47
N ILE A 62 -2.56 -0.01 9.79
CA ILE A 62 -2.85 -1.35 9.27
C ILE A 62 -1.67 -2.28 9.48
N VAL A 63 -1.97 -3.53 9.79
CA VAL A 63 -0.94 -4.54 10.01
C VAL A 63 -1.42 -5.90 9.53
N ALA A 64 -0.54 -6.90 9.58
CA ALA A 64 -0.89 -8.26 9.17
C ALA A 64 -1.01 -8.38 7.64
N GLY A 65 -2.04 -9.11 7.16
CA GLY A 65 -2.21 -9.29 5.72
C GLY A 65 -3.37 -8.48 5.16
N GLN A 66 -3.11 -7.22 4.83
CA GLN A 66 -4.14 -6.35 4.29
C GLN A 66 -3.74 -5.77 2.93
N THR A 67 -4.72 -5.18 2.23
CA THR A 67 -4.51 -4.60 0.91
C THR A 67 -4.76 -3.09 0.88
N VAL A 68 -3.92 -2.36 0.14
CA VAL A 68 -4.06 -0.92 0.01
C VAL A 68 -4.17 -0.54 -1.47
N SER A 69 -4.94 0.51 -1.78
CA SER A 69 -5.13 0.92 -3.17
C SER A 69 -5.13 2.43 -3.35
N PHE A 70 -4.42 2.89 -4.38
CA PHE A 70 -4.34 4.32 -4.72
C PHE A 70 -4.39 4.51 -6.23
N ALA A 71 -5.39 5.27 -6.69
CA ALA A 71 -5.55 5.56 -8.11
C ALA A 71 -5.28 4.35 -9.00
N GLY A 72 -5.50 3.15 -8.48
CA GLY A 72 -5.28 1.95 -9.27
C GLY A 72 -4.13 1.10 -8.77
N HIS A 73 -3.40 1.59 -7.77
CA HIS A 73 -2.28 0.84 -7.23
C HIS A 73 -2.73 -0.11 -6.13
N SER A 74 -3.06 -1.34 -6.49
CA SER A 74 -3.51 -2.33 -5.51
C SER A 74 -2.37 -3.26 -5.09
N VAL A 75 -2.03 -3.22 -3.81
CA VAL A 75 -0.97 -4.07 -3.26
C VAL A 75 -1.33 -4.53 -1.85
N GLN A 76 -0.81 -5.68 -1.45
CA GLN A 76 -1.09 -6.23 -0.13
C GLN A 76 0.14 -6.24 0.75
N VAL A 77 -0.09 -6.24 2.05
CA VAL A 77 0.98 -6.23 3.05
C VAL A 77 0.86 -7.46 3.95
N VAL A 78 1.99 -8.02 4.38
CA VAL A 78 1.97 -9.19 5.25
C VAL A 78 2.94 -9.03 6.42
N ALA A 79 2.81 -9.91 7.41
CA ALA A 79 3.67 -9.87 8.59
C ALA A 79 5.07 -10.36 8.27
N GLY A 1 -4.17 -22.89 -26.28
CA GLY A 1 -3.27 -21.81 -25.81
C GLY A 1 -1.81 -22.24 -25.78
N SER A 2 -1.48 -23.26 -26.57
CA SER A 2 -0.12 -23.77 -26.64
C SER A 2 0.36 -24.25 -25.26
N MET A 3 0.05 -25.51 -24.94
CA MET A 3 0.44 -26.09 -23.67
C MET A 3 -0.14 -25.28 -22.50
N ILE A 4 -0.01 -25.83 -21.30
CA ILE A 4 -0.52 -25.16 -20.10
C ILE A 4 0.63 -24.70 -19.21
N HIS A 5 0.81 -23.39 -19.12
CA HIS A 5 1.87 -22.81 -18.28
C HIS A 5 1.59 -21.34 -18.02
N ARG A 6 1.82 -20.91 -16.78
CA ARG A 6 1.61 -19.53 -16.41
C ARG A 6 2.16 -19.24 -15.01
N MET A 7 2.99 -18.21 -14.91
CA MET A 7 3.58 -17.82 -13.63
C MET A 7 3.43 -16.33 -13.40
N SER A 8 2.84 -15.95 -12.27
CA SER A 8 2.64 -14.55 -11.94
C SER A 8 2.81 -14.32 -10.45
N ASN A 9 3.44 -13.20 -10.09
CA ASN A 9 3.68 -12.86 -8.70
C ASN A 9 2.86 -11.62 -8.30
N MET A 10 2.14 -11.73 -7.19
CA MET A 10 1.32 -10.63 -6.71
C MET A 10 2.17 -9.64 -5.92
N ALA A 11 1.60 -8.47 -5.63
CA ALA A 11 2.30 -7.45 -4.89
C ALA A 11 2.02 -7.56 -3.40
N THR A 12 3.06 -7.86 -2.62
CA THR A 12 2.92 -7.99 -1.18
C THR A 12 4.03 -7.22 -0.45
N PHE A 13 3.63 -6.39 0.50
CA PHE A 13 4.57 -5.59 1.28
C PHE A 13 4.79 -6.20 2.66
N SER A 14 5.99 -6.01 3.20
CA SER A 14 6.32 -6.52 4.52
C SER A 14 6.39 -5.39 5.54
N LEU A 15 5.59 -5.49 6.60
CA LEU A 15 5.57 -4.45 7.64
C LEU A 15 6.86 -4.45 8.44
N GLY A 16 7.40 -5.64 8.68
CA GLY A 16 8.64 -5.76 9.44
C GLY A 16 8.41 -5.98 10.92
N LYS A 17 7.28 -6.58 11.25
CA LYS A 17 6.95 -6.86 12.65
C LYS A 17 6.90 -5.57 13.46
N HIS A 18 6.14 -4.59 12.96
CA HIS A 18 5.99 -3.30 13.63
C HIS A 18 4.54 -3.04 14.00
N PRO A 19 4.27 -2.01 14.83
CA PRO A 19 2.90 -1.69 15.25
C PRO A 19 1.98 -1.51 14.05
N HIS A 20 2.51 -0.92 12.98
CA HIS A 20 1.77 -0.69 11.75
C HIS A 20 2.54 0.26 10.83
N VAL A 21 1.90 0.76 9.78
CA VAL A 21 2.55 1.67 8.85
C VAL A 21 1.59 2.73 8.33
N GLU A 22 2.15 3.85 7.89
CA GLU A 22 1.35 4.94 7.35
C GLU A 22 1.43 4.95 5.83
N LEU A 23 0.37 5.47 5.19
CA LEU A 23 0.31 5.53 3.73
C LEU A 23 1.66 5.89 3.12
N CYS A 24 2.33 6.89 3.67
CA CYS A 24 3.63 7.32 3.15
C CYS A 24 4.66 6.20 3.27
N ASP A 25 4.62 5.46 4.36
CA ASP A 25 5.56 4.36 4.58
C ASP A 25 5.34 3.23 3.59
N LEU A 26 4.14 2.68 3.60
CA LEU A 26 3.78 1.58 2.72
C LEU A 26 4.01 1.93 1.26
N LEU A 27 3.52 3.09 0.84
CA LEU A 27 3.65 3.54 -0.54
C LEU A 27 5.11 3.74 -0.93
N LYS A 28 5.81 4.61 -0.22
CA LYS A 28 7.20 4.92 -0.51
C LYS A 28 8.05 3.65 -0.63
N LEU A 29 8.09 2.87 0.43
CA LEU A 29 8.89 1.63 0.43
C LEU A 29 8.48 0.71 -0.72
N GLU A 30 7.17 0.56 -0.96
CA GLU A 30 6.70 -0.30 -2.05
C GLU A 30 7.09 0.26 -3.41
N GLY A 31 7.48 1.54 -3.44
CA GLY A 31 7.87 2.15 -4.70
C GLY A 31 6.73 2.90 -5.37
N TRP A 32 5.74 3.34 -4.59
CA TRP A 32 4.61 4.08 -5.15
C TRP A 32 5.03 5.51 -5.48
N SER A 33 5.35 6.26 -4.43
CA SER A 33 5.78 7.65 -4.59
C SER A 33 7.28 7.80 -4.34
N GLU A 34 7.92 8.62 -5.16
CA GLU A 34 9.35 8.86 -5.04
C GLU A 34 9.63 9.90 -3.96
N SER A 35 8.71 10.86 -3.83
CA SER A 35 8.85 11.92 -2.84
C SER A 35 7.90 11.70 -1.67
N GLY A 36 6.79 11.02 -1.94
CA GLY A 36 5.81 10.76 -0.90
C GLY A 36 4.89 11.95 -0.63
N ALA A 37 5.10 13.02 -1.37
CA ALA A 37 4.30 14.23 -1.21
C ALA A 37 4.15 14.99 -2.53
N GLN A 38 4.98 14.66 -3.51
CA GLN A 38 4.95 15.30 -4.81
C GLN A 38 3.55 15.24 -5.43
N ALA A 39 3.19 14.07 -5.97
CA ALA A 39 1.89 13.89 -6.59
C ALA A 39 0.78 13.65 -5.56
N LYS A 40 1.08 13.95 -4.29
CA LYS A 40 0.10 13.74 -3.23
C LYS A 40 -0.27 12.27 -3.12
N ILE A 41 0.65 11.41 -3.52
CA ILE A 41 0.43 9.96 -3.49
C ILE A 41 0.13 9.47 -2.08
N ALA A 42 0.54 10.25 -1.09
CA ALA A 42 0.31 9.89 0.31
C ALA A 42 -1.16 10.12 0.70
N ILE A 43 -1.52 11.37 0.94
CA ILE A 43 -2.89 11.70 1.32
C ILE A 43 -3.88 11.11 0.32
N ALA A 44 -3.51 11.11 -0.96
CA ALA A 44 -4.36 10.55 -2.00
C ALA A 44 -4.65 9.09 -1.71
N GLU A 45 -3.63 8.24 -1.85
CA GLU A 45 -3.77 6.80 -1.61
C GLU A 45 -4.78 6.54 -0.49
N GLY A 46 -4.69 7.35 0.56
CA GLY A 46 -5.62 7.19 1.67
C GLY A 46 -7.06 7.37 1.21
N GLN A 47 -7.44 8.62 0.96
CA GLN A 47 -8.80 8.95 0.51
C GLN A 47 -9.26 8.08 -0.67
N VAL A 48 -8.35 7.29 -1.25
CA VAL A 48 -8.71 6.44 -2.38
C VAL A 48 -9.51 5.22 -1.91
N LYS A 49 -8.87 4.07 -1.73
CA LYS A 49 -9.61 2.87 -1.29
C LYS A 49 -8.68 1.79 -0.73
N VAL A 50 -8.94 1.35 0.50
CA VAL A 50 -8.15 0.29 1.11
C VAL A 50 -9.04 -0.92 1.37
N ASP A 51 -8.44 -2.12 1.38
CA ASP A 51 -9.20 -3.35 1.60
C ASP A 51 -10.17 -3.19 2.77
N GLY A 52 -11.44 -2.94 2.45
CA GLY A 52 -12.44 -2.76 3.48
C GLY A 52 -12.12 -1.59 4.39
N ALA A 53 -11.35 -0.63 3.86
CA ALA A 53 -10.97 0.54 4.63
C ALA A 53 -10.85 1.80 3.77
N VAL A 54 -11.99 2.42 3.47
CA VAL A 54 -11.99 3.62 2.65
C VAL A 54 -11.85 4.87 3.54
N GLU A 55 -10.61 5.15 3.96
CA GLU A 55 -10.35 6.30 4.82
C GLU A 55 -9.51 7.35 4.10
N THR A 56 -9.08 8.37 4.85
CA THR A 56 -8.28 9.46 4.30
C THR A 56 -7.48 10.19 5.38
N ARG A 57 -6.89 9.44 6.31
CA ARG A 57 -6.11 10.03 7.38
C ARG A 57 -4.64 10.15 7.01
N LYS A 58 -3.86 10.81 7.85
CA LYS A 58 -2.43 11.00 7.61
C LYS A 58 -1.67 9.72 7.87
N ARG A 59 -1.81 9.18 9.09
CA ARG A 59 -1.13 7.96 9.47
C ARG A 59 -2.10 6.78 9.38
N CYS A 60 -1.59 5.64 8.93
CA CYS A 60 -2.43 4.45 8.79
C CYS A 60 -2.12 3.41 9.86
N LYS A 61 -3.17 2.91 10.50
CA LYS A 61 -3.02 1.92 11.55
C LYS A 61 -3.53 0.56 11.07
N ILE A 62 -2.76 -0.09 10.22
CA ILE A 62 -3.12 -1.39 9.68
C ILE A 62 -1.95 -2.36 9.74
N VAL A 63 -2.25 -3.62 10.00
CA VAL A 63 -1.24 -4.67 10.07
C VAL A 63 -1.80 -5.99 9.58
N ALA A 64 -0.95 -7.01 9.50
CA ALA A 64 -1.38 -8.34 9.06
C ALA A 64 -1.51 -8.40 7.53
N GLY A 65 -2.51 -9.16 7.04
CA GLY A 65 -2.70 -9.31 5.61
C GLY A 65 -3.82 -8.43 5.07
N GLN A 66 -3.51 -7.18 4.79
CA GLN A 66 -4.49 -6.23 4.26
C GLN A 66 -4.04 -5.66 2.92
N THR A 67 -4.98 -5.06 2.18
CA THR A 67 -4.67 -4.49 0.86
C THR A 67 -4.97 -3.00 0.80
N VAL A 68 -4.21 -2.29 -0.04
CA VAL A 68 -4.36 -0.85 -0.22
C VAL A 68 -4.46 -0.50 -1.71
N SER A 69 -5.21 0.56 -2.05
CA SER A 69 -5.39 0.95 -3.45
C SER A 69 -5.29 2.46 -3.67
N PHE A 70 -4.52 2.85 -4.70
CA PHE A 70 -4.34 4.26 -5.08
C PHE A 70 -4.38 4.45 -6.59
N ALA A 71 -5.39 5.19 -7.06
CA ALA A 71 -5.55 5.48 -8.48
C ALA A 71 -5.11 4.31 -9.38
N GLY A 72 -5.32 3.08 -8.92
CA GLY A 72 -4.95 1.93 -9.72
C GLY A 72 -3.86 1.07 -9.08
N HIS A 73 -3.21 1.60 -8.05
CA HIS A 73 -2.15 0.86 -7.38
C HIS A 73 -2.72 0.00 -6.26
N SER A 74 -3.21 -1.18 -6.62
CA SER A 74 -3.77 -2.10 -5.64
C SER A 74 -2.73 -3.12 -5.19
N VAL A 75 -2.15 -2.88 -4.02
CA VAL A 75 -1.13 -3.78 -3.46
C VAL A 75 -1.58 -4.33 -2.12
N GLN A 76 -1.04 -5.49 -1.74
CA GLN A 76 -1.40 -6.12 -0.48
C GLN A 76 -0.22 -6.09 0.48
N VAL A 77 -0.50 -6.27 1.76
CA VAL A 77 0.54 -6.22 2.79
C VAL A 77 0.41 -7.40 3.76
N VAL A 78 1.55 -7.87 4.26
CA VAL A 78 1.56 -8.98 5.20
C VAL A 78 2.44 -8.66 6.41
N ALA A 79 2.17 -9.34 7.51
CA ALA A 79 2.93 -9.14 8.74
C ALA A 79 4.42 -9.42 8.52
N GLY A 1 -3.87 -15.71 -20.54
CA GLY A 1 -5.14 -16.48 -20.53
C GLY A 1 -6.03 -16.12 -19.36
N SER A 2 -5.41 -15.85 -18.21
CA SER A 2 -6.17 -15.50 -17.01
C SER A 2 -6.54 -14.02 -17.01
N MET A 3 -7.75 -13.72 -16.57
CA MET A 3 -8.23 -12.34 -16.50
C MET A 3 -8.17 -11.69 -17.88
N ILE A 4 -8.57 -10.41 -17.94
CA ILE A 4 -8.55 -9.67 -19.19
C ILE A 4 -7.25 -8.87 -19.34
N HIS A 5 -6.27 -9.16 -18.50
CA HIS A 5 -5.00 -8.47 -18.55
C HIS A 5 -3.86 -9.41 -18.15
N ARG A 6 -2.63 -9.01 -18.45
CA ARG A 6 -1.46 -9.80 -18.12
C ARG A 6 -0.55 -9.05 -17.15
N MET A 7 -0.77 -9.26 -15.86
CA MET A 7 0.03 -8.61 -14.83
C MET A 7 1.12 -9.54 -14.33
N SER A 8 2.31 -8.99 -14.08
CA SER A 8 3.43 -9.79 -13.61
C SER A 8 3.29 -10.09 -12.12
N ASN A 9 2.49 -11.11 -11.80
CA ASN A 9 2.26 -11.50 -10.41
C ASN A 9 1.67 -10.35 -9.62
N MET A 10 1.36 -10.61 -8.36
CA MET A 10 0.79 -9.58 -7.48
C MET A 10 1.87 -8.99 -6.58
N ALA A 11 1.69 -7.72 -6.22
CA ALA A 11 2.65 -7.04 -5.36
C ALA A 11 2.27 -7.24 -3.89
N THR A 12 3.26 -7.55 -3.07
CA THR A 12 3.02 -7.77 -1.65
C THR A 12 4.12 -7.16 -0.81
N PHE A 13 3.73 -6.42 0.22
CA PHE A 13 4.70 -5.77 1.11
C PHE A 13 4.85 -6.55 2.41
N SER A 14 6.05 -6.53 2.97
CA SER A 14 6.33 -7.22 4.23
C SER A 14 6.45 -6.22 5.36
N LEU A 15 6.05 -6.63 6.56
CA LEU A 15 6.12 -5.77 7.74
C LEU A 15 7.03 -6.37 8.80
N GLY A 16 6.97 -7.67 8.96
CA GLY A 16 7.80 -8.34 9.95
C GLY A 16 7.14 -8.39 11.31
N LYS A 17 7.59 -7.53 12.21
CA LYS A 17 7.05 -7.47 13.57
C LYS A 17 7.00 -6.04 14.07
N HIS A 18 6.61 -5.12 13.20
CA HIS A 18 6.51 -3.71 13.55
C HIS A 18 5.09 -3.35 13.97
N PRO A 19 4.90 -2.20 14.64
CA PRO A 19 3.57 -1.76 15.07
C PRO A 19 2.60 -1.62 13.90
N HIS A 20 3.09 -1.03 12.81
CA HIS A 20 2.29 -0.82 11.59
C HIS A 20 3.01 0.16 10.66
N VAL A 21 2.28 0.69 9.69
CA VAL A 21 2.86 1.65 8.75
C VAL A 21 1.92 2.80 8.44
N GLU A 22 2.50 3.93 8.05
CA GLU A 22 1.74 5.10 7.69
C GLU A 22 1.45 5.09 6.19
N LEU A 23 0.30 5.64 5.80
CA LEU A 23 -0.08 5.67 4.38
C LEU A 23 1.10 6.01 3.48
N CYS A 24 1.81 7.07 3.82
CA CYS A 24 2.97 7.50 3.04
C CYS A 24 4.09 6.45 3.12
N ASP A 25 4.19 5.78 4.27
CA ASP A 25 5.21 4.76 4.45
C ASP A 25 4.97 3.59 3.50
N LEU A 26 3.81 2.98 3.61
CA LEU A 26 3.47 1.85 2.75
C LEU A 26 3.68 2.21 1.28
N LEU A 27 3.30 3.42 0.92
CA LEU A 27 3.45 3.88 -0.46
C LEU A 27 4.92 4.01 -0.83
N LYS A 28 5.59 4.98 -0.20
CA LYS A 28 7.01 5.23 -0.45
C LYS A 28 7.84 3.96 -0.36
N LEU A 29 7.75 3.27 0.78
CA LEU A 29 8.50 2.04 1.01
C LEU A 29 8.28 1.02 -0.10
N GLU A 30 7.04 0.90 -0.57
CA GLU A 30 6.72 -0.07 -1.62
C GLU A 30 7.09 0.46 -3.01
N GLY A 31 7.44 1.74 -3.10
CA GLY A 31 7.81 2.30 -4.38
C GLY A 31 6.65 2.93 -5.11
N TRP A 32 5.63 3.37 -4.39
CA TRP A 32 4.46 4.00 -5.01
C TRP A 32 4.83 5.41 -5.49
N SER A 33 5.20 6.28 -4.55
CA SER A 33 5.58 7.64 -4.89
C SER A 33 7.10 7.78 -4.92
N GLU A 34 7.60 8.77 -5.65
CA GLU A 34 9.03 8.98 -5.73
C GLU A 34 9.50 9.85 -4.56
N SER A 35 8.66 10.79 -4.17
CA SER A 35 8.96 11.67 -3.03
C SER A 35 8.12 11.30 -1.83
N GLY A 36 6.83 11.10 -2.06
CA GLY A 36 5.91 10.74 -0.98
C GLY A 36 4.78 11.74 -0.81
N ALA A 37 5.05 13.01 -1.17
CA ALA A 37 4.03 14.05 -1.02
C ALA A 37 3.94 14.93 -2.28
N GLN A 38 4.72 14.61 -3.30
CA GLN A 38 4.72 15.39 -4.54
C GLN A 38 3.35 15.36 -5.20
N ALA A 39 3.04 14.24 -5.84
CA ALA A 39 1.75 14.08 -6.53
C ALA A 39 0.61 13.82 -5.55
N LYS A 40 0.85 14.10 -4.27
CA LYS A 40 -0.17 13.88 -3.25
C LYS A 40 -0.46 12.39 -3.11
N ILE A 41 0.53 11.57 -3.48
CA ILE A 41 0.40 10.13 -3.40
C ILE A 41 -0.03 9.70 -1.99
N ALA A 42 0.32 10.53 -1.02
CA ALA A 42 -0.03 10.28 0.37
C ALA A 42 -1.52 10.50 0.61
N ILE A 43 -1.92 11.76 0.73
CA ILE A 43 -3.33 12.10 0.94
C ILE A 43 -4.22 11.39 -0.05
N ALA A 44 -3.72 11.19 -1.27
CA ALA A 44 -4.46 10.51 -2.31
C ALA A 44 -4.73 9.06 -1.91
N GLU A 45 -3.69 8.23 -1.94
CA GLU A 45 -3.82 6.82 -1.59
C GLU A 45 -4.90 6.62 -0.52
N GLY A 46 -4.90 7.52 0.46
CA GLY A 46 -5.89 7.45 1.52
C GLY A 46 -7.29 7.56 0.94
N GLN A 47 -7.69 8.77 0.59
CA GLN A 47 -9.02 9.05 0.03
C GLN A 47 -9.40 8.06 -1.08
N VAL A 48 -8.46 7.25 -1.56
CA VAL A 48 -8.76 6.30 -2.61
C VAL A 48 -9.56 5.11 -2.06
N LYS A 49 -8.88 4.03 -1.65
CA LYS A 49 -9.60 2.87 -1.11
C LYS A 49 -8.66 1.87 -0.45
N VAL A 50 -8.95 1.54 0.81
CA VAL A 50 -8.13 0.58 1.54
C VAL A 50 -9.01 -0.59 2.01
N ASP A 51 -8.39 -1.73 2.29
CA ASP A 51 -9.12 -2.92 2.71
C ASP A 51 -10.20 -2.59 3.74
N GLY A 52 -11.44 -2.53 3.29
CA GLY A 52 -12.56 -2.22 4.17
C GLY A 52 -12.38 -0.90 4.88
N ALA A 53 -11.57 -0.01 4.30
CA ALA A 53 -11.30 1.29 4.89
C ALA A 53 -11.10 2.36 3.83
N VAL A 54 -12.20 2.90 3.32
CA VAL A 54 -12.14 3.94 2.30
C VAL A 54 -12.05 5.33 2.94
N GLU A 55 -10.99 5.56 3.71
CA GLU A 55 -10.79 6.84 4.39
C GLU A 55 -9.78 7.72 3.64
N THR A 56 -9.28 8.75 4.31
CA THR A 56 -8.31 9.65 3.68
C THR A 56 -7.39 10.32 4.71
N ARG A 57 -6.87 9.54 5.64
CA ARG A 57 -5.99 10.08 6.67
C ARG A 57 -4.54 10.07 6.20
N LYS A 58 -3.66 10.63 7.02
CA LYS A 58 -2.23 10.69 6.71
C LYS A 58 -1.55 9.39 7.15
N ARG A 59 -1.98 8.88 8.30
CA ARG A 59 -1.42 7.65 8.85
C ARG A 59 -2.50 6.61 9.03
N CYS A 60 -2.22 5.38 8.61
CA CYS A 60 -3.19 4.29 8.73
C CYS A 60 -2.62 3.17 9.58
N LYS A 61 -3.24 2.94 10.73
CA LYS A 61 -2.81 1.88 11.62
C LYS A 61 -3.24 0.55 11.04
N ILE A 62 -2.37 -0.05 10.23
CA ILE A 62 -2.69 -1.32 9.59
C ILE A 62 -1.55 -2.33 9.71
N VAL A 63 -1.92 -3.57 9.98
CA VAL A 63 -0.95 -4.66 10.12
C VAL A 63 -1.57 -5.97 9.61
N ALA A 64 -0.76 -7.03 9.58
CA ALA A 64 -1.24 -8.34 9.13
C ALA A 64 -1.37 -8.41 7.60
N GLY A 65 -2.40 -9.11 7.12
CA GLY A 65 -2.61 -9.25 5.70
C GLY A 65 -3.65 -8.30 5.18
N GLN A 66 -3.25 -7.07 4.89
CA GLN A 66 -4.17 -6.05 4.41
C GLN A 66 -3.74 -5.48 3.06
N THR A 67 -4.69 -4.89 2.35
CA THR A 67 -4.43 -4.33 1.02
C THR A 67 -4.70 -2.82 0.95
N VAL A 68 -3.88 -2.12 0.17
CA VAL A 68 -4.03 -0.68 -0.02
C VAL A 68 -4.29 -0.39 -1.50
N SER A 69 -5.13 0.59 -1.80
CA SER A 69 -5.44 0.91 -3.19
C SER A 69 -5.40 2.42 -3.46
N PHE A 70 -4.74 2.79 -4.56
CA PHE A 70 -4.61 4.19 -4.98
C PHE A 70 -4.60 4.30 -6.49
N ALA A 71 -5.54 5.06 -7.04
CA ALA A 71 -5.63 5.27 -8.49
C ALA A 71 -5.60 3.94 -9.24
N GLY A 72 -4.39 3.45 -9.51
CA GLY A 72 -4.24 2.19 -10.22
C GLY A 72 -3.30 1.23 -9.52
N HIS A 73 -2.66 1.69 -8.45
CA HIS A 73 -1.72 0.85 -7.73
C HIS A 73 -2.42 0.08 -6.60
N SER A 74 -2.48 -1.25 -6.75
CA SER A 74 -3.10 -2.10 -5.74
C SER A 74 -2.09 -3.11 -5.20
N VAL A 75 -1.77 -3.01 -3.92
CA VAL A 75 -0.80 -3.90 -3.30
C VAL A 75 -1.25 -4.34 -1.91
N GLN A 76 -0.76 -5.50 -1.46
CA GLN A 76 -1.11 -6.03 -0.16
C GLN A 76 0.09 -6.03 0.78
N VAL A 77 -0.16 -6.30 2.05
CA VAL A 77 0.89 -6.34 3.06
C VAL A 77 0.72 -7.54 3.98
N VAL A 78 1.83 -8.11 4.43
CA VAL A 78 1.79 -9.27 5.32
C VAL A 78 2.68 -9.07 6.55
N ALA A 79 2.29 -9.70 7.65
CA ALA A 79 3.05 -9.60 8.91
C ALA A 79 3.62 -10.95 9.30
N GLY A 1 -3.52 -20.04 -16.63
CA GLY A 1 -2.47 -20.68 -17.46
C GLY A 1 -1.07 -20.53 -16.88
N SER A 2 -0.84 -21.18 -15.75
CA SER A 2 0.45 -21.11 -15.07
C SER A 2 0.94 -22.51 -14.70
N MET A 3 0.22 -23.16 -13.80
CA MET A 3 0.58 -24.50 -13.36
C MET A 3 1.89 -24.50 -12.58
N ILE A 4 3.00 -24.32 -13.29
CA ILE A 4 4.31 -24.29 -12.67
C ILE A 4 5.16 -23.11 -13.17
N HIS A 5 4.61 -22.34 -14.10
CA HIS A 5 5.33 -21.19 -14.65
C HIS A 5 4.85 -19.89 -14.01
N ARG A 6 5.48 -18.78 -14.40
CA ARG A 6 5.12 -17.48 -13.86
C ARG A 6 4.87 -16.47 -14.98
N MET A 7 3.67 -15.90 -14.99
CA MET A 7 3.30 -14.92 -16.00
C MET A 7 2.69 -13.67 -15.36
N SER A 8 3.13 -13.37 -14.15
CA SER A 8 2.64 -12.21 -13.42
C SER A 8 3.43 -12.01 -12.13
N ASN A 9 3.12 -10.94 -11.40
CA ASN A 9 3.81 -10.64 -10.15
C ASN A 9 2.81 -10.26 -9.06
N MET A 10 2.83 -11.02 -7.97
CA MET A 10 1.93 -10.77 -6.85
C MET A 10 2.44 -9.61 -5.99
N ALA A 11 1.77 -8.47 -6.08
CA ALA A 11 2.16 -7.30 -5.32
C ALA A 11 1.94 -7.52 -3.82
N THR A 12 3.01 -7.84 -3.11
CA THR A 12 2.92 -8.07 -1.68
C THR A 12 4.10 -7.44 -0.94
N PHE A 13 3.80 -6.55 -0.01
CA PHE A 13 4.82 -5.87 0.78
C PHE A 13 4.98 -6.53 2.15
N SER A 14 6.16 -6.38 2.74
CA SER A 14 6.44 -6.95 4.06
C SER A 14 6.46 -5.88 5.15
N LEU A 15 6.07 -6.26 6.36
CA LEU A 15 6.05 -5.34 7.49
C LEU A 15 7.00 -5.80 8.59
N GLY A 16 7.21 -7.12 8.67
CA GLY A 16 8.09 -7.68 9.67
C GLY A 16 7.53 -7.60 11.07
N LYS A 17 6.23 -7.84 11.22
CA LYS A 17 5.58 -7.80 12.52
C LYS A 17 5.77 -6.44 13.18
N HIS A 18 5.15 -5.41 12.60
CA HIS A 18 5.26 -4.05 13.13
C HIS A 18 3.91 -3.55 13.63
N PRO A 19 3.88 -2.40 14.32
CA PRO A 19 2.64 -1.83 14.85
C PRO A 19 1.67 -1.41 13.75
N HIS A 20 2.17 -0.62 12.79
CA HIS A 20 1.37 -0.16 11.67
C HIS A 20 2.18 0.76 10.77
N VAL A 21 1.58 1.26 9.71
CA VAL A 21 2.28 2.14 8.78
C VAL A 21 1.40 3.26 8.25
N GLU A 22 2.06 4.31 7.74
CA GLU A 22 1.37 5.46 7.17
C GLU A 22 1.32 5.34 5.65
N LEU A 23 0.21 5.81 5.07
CA LEU A 23 0.02 5.76 3.62
C LEU A 23 1.32 6.07 2.87
N CYS A 24 2.10 7.01 3.39
CA CYS A 24 3.35 7.40 2.75
C CYS A 24 4.42 6.33 2.97
N ASP A 25 4.45 5.75 4.16
CA ASP A 25 5.43 4.71 4.47
C ASP A 25 5.22 3.49 3.59
N LEU A 26 4.00 2.95 3.65
CA LEU A 26 3.65 1.78 2.84
C LEU A 26 3.90 2.03 1.36
N LEU A 27 3.47 3.19 0.89
CA LEU A 27 3.61 3.56 -0.51
C LEU A 27 5.08 3.74 -0.90
N LYS A 28 5.75 4.68 -0.24
CA LYS A 28 7.15 4.97 -0.52
C LYS A 28 7.99 3.69 -0.55
N LEU A 29 7.94 2.94 0.55
CA LEU A 29 8.70 1.70 0.67
C LEU A 29 8.39 0.72 -0.46
N GLU A 30 7.12 0.65 -0.87
CA GLU A 30 6.71 -0.27 -1.93
C GLU A 30 7.03 0.28 -3.32
N GLY A 31 7.40 1.55 -3.41
CA GLY A 31 7.72 2.13 -4.69
C GLY A 31 6.55 2.86 -5.33
N TRP A 32 5.60 3.30 -4.52
CA TRP A 32 4.44 4.01 -5.03
C TRP A 32 4.83 5.45 -5.38
N SER A 33 5.27 6.20 -4.39
CA SER A 33 5.68 7.59 -4.59
C SER A 33 7.20 7.69 -4.50
N GLU A 34 7.81 8.47 -5.39
CA GLU A 34 9.26 8.64 -5.38
C GLU A 34 9.69 9.57 -4.25
N SER A 35 8.84 10.55 -3.95
CA SER A 35 9.12 11.49 -2.87
C SER A 35 8.22 11.18 -1.68
N GLY A 36 6.93 11.02 -1.97
CA GLY A 36 5.96 10.72 -0.92
C GLY A 36 4.89 11.80 -0.81
N ALA A 37 5.21 13.00 -1.28
CA ALA A 37 4.26 14.11 -1.24
C ALA A 37 4.20 14.86 -2.57
N GLN A 38 5.01 14.43 -3.54
CA GLN A 38 5.05 15.08 -4.85
C GLN A 38 3.68 15.04 -5.52
N ALA A 39 3.33 13.87 -6.08
CA ALA A 39 2.05 13.70 -6.76
C ALA A 39 0.88 13.59 -5.77
N LYS A 40 1.13 13.95 -4.52
CA LYS A 40 0.09 13.88 -3.48
C LYS A 40 -0.37 12.45 -3.29
N ILE A 41 0.51 11.50 -3.61
CA ILE A 41 0.21 10.08 -3.47
C ILE A 41 -0.08 9.71 -2.02
N ALA A 42 0.30 10.58 -1.09
CA ALA A 42 0.07 10.34 0.32
C ALA A 42 -1.40 10.49 0.69
N ILE A 43 -1.85 11.74 0.85
CA ILE A 43 -3.23 12.01 1.20
C ILE A 43 -4.18 11.34 0.22
N ALA A 44 -3.75 11.27 -1.04
CA ALA A 44 -4.56 10.63 -2.08
C ALA A 44 -4.81 9.17 -1.73
N GLU A 45 -3.77 8.35 -1.85
CA GLU A 45 -3.86 6.92 -1.55
C GLU A 45 -4.82 6.66 -0.40
N GLY A 46 -4.75 7.51 0.62
CA GLY A 46 -5.65 7.38 1.76
C GLY A 46 -7.10 7.44 1.29
N GLN A 47 -7.53 8.65 0.96
CA GLN A 47 -8.91 8.88 0.50
C GLN A 47 -9.34 7.91 -0.59
N VAL A 48 -8.39 7.16 -1.16
CA VAL A 48 -8.73 6.21 -2.21
C VAL A 48 -9.43 4.98 -1.64
N LYS A 49 -8.68 3.93 -1.29
CA LYS A 49 -9.31 2.73 -0.75
C LYS A 49 -8.31 1.80 -0.07
N VAL A 50 -8.57 1.46 1.19
CA VAL A 50 -7.70 0.56 1.92
C VAL A 50 -8.48 -0.68 2.35
N ASP A 51 -7.84 -1.84 2.31
CA ASP A 51 -8.51 -3.09 2.67
C ASP A 51 -9.32 -2.95 3.94
N GLY A 52 -10.62 -2.73 3.78
CA GLY A 52 -11.51 -2.59 4.93
C GLY A 52 -11.41 -1.21 5.57
N ALA A 53 -10.75 -0.27 4.91
CA ALA A 53 -10.61 1.08 5.44
C ALA A 53 -10.60 2.14 4.33
N VAL A 54 -11.79 2.53 3.87
CA VAL A 54 -11.89 3.53 2.83
C VAL A 54 -11.90 4.94 3.46
N GLU A 55 -10.87 5.24 4.23
CA GLU A 55 -10.76 6.53 4.90
C GLU A 55 -9.84 7.48 4.15
N THR A 56 -9.68 8.69 4.69
CA THR A 56 -8.84 9.70 4.07
C THR A 56 -7.93 10.39 5.09
N ARG A 57 -7.45 9.63 6.07
CA ARG A 57 -6.57 10.19 7.10
C ARG A 57 -5.13 10.22 6.64
N LYS A 58 -4.27 10.88 7.43
CA LYS A 58 -2.85 10.97 7.11
C LYS A 58 -2.14 9.66 7.40
N ARG A 59 -2.42 9.09 8.57
CA ARG A 59 -1.80 7.83 8.98
C ARG A 59 -2.87 6.76 9.15
N CYS A 60 -2.57 5.56 8.66
CA CYS A 60 -3.50 4.45 8.77
C CYS A 60 -2.94 3.34 9.66
N LYS A 61 -3.60 3.11 10.78
CA LYS A 61 -3.17 2.09 11.72
C LYS A 61 -3.59 0.71 11.22
N ILE A 62 -2.80 0.15 10.32
CA ILE A 62 -3.10 -1.17 9.75
C ILE A 62 -1.86 -2.05 9.74
N VAL A 63 -2.08 -3.35 9.90
CA VAL A 63 -0.98 -4.32 9.91
C VAL A 63 -1.46 -5.71 9.49
N ALA A 64 -0.52 -6.64 9.39
CA ALA A 64 -0.85 -8.02 9.00
C ALA A 64 -1.10 -8.14 7.51
N GLY A 65 -1.94 -9.09 7.11
CA GLY A 65 -2.24 -9.27 5.71
C GLY A 65 -3.33 -8.35 5.23
N GLN A 66 -2.96 -7.10 4.98
CA GLN A 66 -3.90 -6.10 4.51
C GLN A 66 -3.45 -5.49 3.18
N THR A 67 -4.42 -4.99 2.42
CA THR A 67 -4.16 -4.41 1.11
C THR A 67 -4.45 -2.90 1.07
N VAL A 68 -3.80 -2.23 0.13
CA VAL A 68 -3.97 -0.79 -0.06
C VAL A 68 -4.18 -0.47 -1.54
N SER A 69 -4.95 0.57 -1.84
CA SER A 69 -5.21 0.92 -3.22
C SER A 69 -5.26 2.43 -3.46
N PHE A 70 -4.68 2.85 -4.58
CA PHE A 70 -4.65 4.26 -4.98
C PHE A 70 -4.60 4.37 -6.51
N ALA A 71 -5.55 5.11 -7.07
CA ALA A 71 -5.62 5.30 -8.52
C ALA A 71 -5.50 3.98 -9.27
N GLY A 72 -4.27 3.53 -9.52
CA GLY A 72 -4.06 2.28 -10.23
C GLY A 72 -3.16 1.32 -9.47
N HIS A 73 -2.59 1.79 -8.37
CA HIS A 73 -1.69 0.94 -7.58
C HIS A 73 -2.46 0.15 -6.52
N SER A 74 -2.60 -1.14 -6.75
CA SER A 74 -3.29 -2.01 -5.79
C SER A 74 -2.35 -3.10 -5.30
N VAL A 75 -1.73 -2.86 -4.15
CA VAL A 75 -0.79 -3.81 -3.57
C VAL A 75 -1.20 -4.22 -2.16
N GLN A 76 -0.76 -5.40 -1.73
CA GLN A 76 -1.07 -5.91 -0.40
C GLN A 76 0.19 -6.00 0.45
N VAL A 77 -0.01 -6.16 1.76
CA VAL A 77 1.11 -6.24 2.70
C VAL A 77 0.84 -7.30 3.77
N VAL A 78 1.91 -7.91 4.28
CA VAL A 78 1.78 -8.92 5.31
C VAL A 78 2.70 -8.62 6.50
N ALA A 79 2.46 -9.29 7.62
CA ALA A 79 3.28 -9.09 8.81
C ALA A 79 3.92 -10.40 9.27
N GLY A 1 16.77 -14.98 -15.02
CA GLY A 1 17.24 -14.75 -13.62
C GLY A 1 16.24 -15.25 -12.59
N SER A 2 14.98 -15.42 -13.00
CA SER A 2 13.94 -15.90 -12.10
C SER A 2 13.65 -17.37 -12.34
N MET A 3 13.88 -18.19 -11.31
CA MET A 3 13.64 -19.63 -11.41
C MET A 3 12.26 -19.99 -10.89
N ILE A 4 12.00 -19.68 -9.62
CA ILE A 4 10.71 -19.98 -9.01
C ILE A 4 9.97 -18.71 -8.57
N HIS A 5 10.74 -17.68 -8.23
CA HIS A 5 10.16 -16.41 -7.80
C HIS A 5 9.98 -15.48 -9.00
N ARG A 6 8.88 -14.75 -9.02
CA ARG A 6 8.60 -13.82 -10.12
C ARG A 6 7.49 -12.85 -9.75
N MET A 7 7.86 -11.60 -9.48
CA MET A 7 6.90 -10.57 -9.12
C MET A 7 6.61 -9.66 -10.31
N SER A 8 5.33 -9.45 -10.60
CA SER A 8 4.92 -8.62 -11.72
C SER A 8 3.60 -7.92 -11.44
N ASN A 9 2.55 -8.72 -11.21
CA ASN A 9 1.23 -8.17 -10.93
C ASN A 9 0.89 -8.32 -9.45
N MET A 10 1.27 -9.45 -8.87
CA MET A 10 1.00 -9.72 -7.46
C MET A 10 2.05 -9.06 -6.58
N ALA A 11 1.86 -7.77 -6.31
CA ALA A 11 2.79 -7.03 -5.46
C ALA A 11 2.42 -7.18 -3.99
N THR A 12 3.41 -7.51 -3.17
CA THR A 12 3.18 -7.67 -1.73
C THR A 12 4.32 -7.05 -0.94
N PHE A 13 3.96 -6.29 0.09
CA PHE A 13 4.96 -5.63 0.93
C PHE A 13 5.08 -6.33 2.28
N SER A 14 6.24 -6.15 2.92
CA SER A 14 6.47 -6.77 4.22
C SER A 14 6.45 -5.72 5.34
N LEU A 15 5.90 -6.09 6.49
CA LEU A 15 5.82 -5.19 7.63
C LEU A 15 6.86 -5.55 8.68
N GLY A 16 7.04 -6.85 8.90
CA GLY A 16 8.02 -7.32 9.87
C GLY A 16 7.51 -7.36 11.30
N LYS A 17 6.28 -7.83 11.49
CA LYS A 17 5.69 -7.93 12.82
C LYS A 17 5.81 -6.60 13.58
N HIS A 18 5.25 -5.54 13.01
CA HIS A 18 5.30 -4.23 13.63
C HIS A 18 3.89 -3.77 14.01
N PRO A 19 3.77 -2.72 14.86
CA PRO A 19 2.47 -2.21 15.30
C PRO A 19 1.59 -1.77 14.12
N HIS A 20 2.22 -1.16 13.11
CA HIS A 20 1.53 -0.69 11.91
C HIS A 20 2.42 0.28 11.13
N VAL A 21 1.84 0.88 10.09
CA VAL A 21 2.59 1.82 9.26
C VAL A 21 1.71 2.95 8.73
N GLU A 22 2.35 4.00 8.21
CA GLU A 22 1.65 5.14 7.66
C GLU A 22 1.52 4.98 6.14
N LEU A 23 0.38 5.38 5.58
CA LEU A 23 0.15 5.25 4.14
C LEU A 23 1.37 5.69 3.33
N CYS A 24 2.12 6.64 3.86
CA CYS A 24 3.32 7.12 3.18
C CYS A 24 4.40 6.04 3.17
N ASP A 25 4.54 5.35 4.30
CA ASP A 25 5.53 4.29 4.43
C ASP A 25 5.24 3.15 3.46
N LEU A 26 4.08 2.53 3.62
CA LEU A 26 3.67 1.41 2.76
C LEU A 26 3.85 1.74 1.29
N LEU A 27 3.34 2.90 0.89
CA LEU A 27 3.43 3.34 -0.50
C LEU A 27 4.87 3.59 -0.92
N LYS A 28 5.53 4.52 -0.26
CA LYS A 28 6.93 4.86 -0.57
C LYS A 28 7.79 3.60 -0.66
N LEU A 29 7.79 2.80 0.41
CA LEU A 29 8.59 1.58 0.46
C LEU A 29 8.27 0.66 -0.71
N GLU A 30 6.98 0.52 -1.04
CA GLU A 30 6.57 -0.34 -2.14
C GLU A 30 6.94 0.25 -3.50
N GLY A 31 7.29 1.54 -3.51
CA GLY A 31 7.68 2.17 -4.76
C GLY A 31 6.53 2.92 -5.41
N TRP A 32 5.55 3.35 -4.62
CA TRP A 32 4.42 4.10 -5.15
C TRP A 32 4.83 5.54 -5.45
N SER A 33 5.16 6.29 -4.39
CA SER A 33 5.58 7.68 -4.54
C SER A 33 7.08 7.80 -4.30
N GLU A 34 7.75 8.63 -5.09
CA GLU A 34 9.19 8.81 -4.95
C GLU A 34 9.50 9.68 -3.73
N SER A 35 8.64 10.65 -3.47
CA SER A 35 8.80 11.55 -2.33
C SER A 35 7.79 11.20 -1.25
N GLY A 36 6.53 11.05 -1.66
CA GLY A 36 5.47 10.74 -0.74
C GLY A 36 4.43 11.84 -0.66
N ALA A 37 4.85 13.07 -0.95
CA ALA A 37 3.94 14.22 -0.91
C ALA A 37 3.97 15.01 -2.22
N GLN A 38 4.83 14.60 -3.15
CA GLN A 38 4.95 15.29 -4.43
C GLN A 38 3.62 15.28 -5.18
N ALA A 39 3.28 14.14 -5.77
CA ALA A 39 2.03 14.00 -6.52
C ALA A 39 0.83 13.83 -5.60
N LYS A 40 1.02 14.13 -4.31
CA LYS A 40 -0.06 14.00 -3.34
C LYS A 40 -0.50 12.54 -3.24
N ILE A 41 0.43 11.64 -3.53
CA ILE A 41 0.17 10.20 -3.46
C ILE A 41 -0.27 9.80 -2.05
N ALA A 42 0.14 10.59 -1.06
CA ALA A 42 -0.21 10.31 0.33
C ALA A 42 -1.71 10.54 0.57
N ILE A 43 -2.10 11.81 0.69
CA ILE A 43 -3.51 12.15 0.92
C ILE A 43 -4.40 11.41 -0.06
N ALA A 44 -3.91 11.25 -1.28
CA ALA A 44 -4.66 10.55 -2.32
C ALA A 44 -4.93 9.11 -1.92
N GLU A 45 -3.85 8.31 -1.83
CA GLU A 45 -3.95 6.91 -1.44
C GLU A 45 -5.07 6.70 -0.42
N GLY A 46 -5.11 7.58 0.59
CA GLY A 46 -6.14 7.48 1.59
C GLY A 46 -7.52 7.60 0.97
N GLN A 47 -7.90 8.82 0.61
CA GLN A 47 -9.19 9.10 -0.01
C GLN A 47 -9.55 8.09 -1.11
N VAL A 48 -8.57 7.31 -1.58
CA VAL A 48 -8.82 6.33 -2.63
C VAL A 48 -9.54 5.11 -2.05
N LYS A 49 -8.79 4.09 -1.62
CA LYS A 49 -9.41 2.89 -1.05
C LYS A 49 -8.37 1.98 -0.43
N VAL A 50 -8.67 1.44 0.75
CA VAL A 50 -7.77 0.54 1.44
C VAL A 50 -8.53 -0.69 1.90
N ASP A 51 -7.87 -1.84 1.87
CA ASP A 51 -8.49 -3.09 2.29
C ASP A 51 -8.91 -3.01 3.75
N GLY A 52 -10.02 -2.33 3.99
CA GLY A 52 -10.53 -2.17 5.34
C GLY A 52 -10.63 -0.71 5.74
N ALA A 53 -10.04 0.19 4.95
CA ALA A 53 -10.09 1.61 5.24
C ALA A 53 -10.47 2.41 4.00
N VAL A 54 -11.40 3.34 4.17
CA VAL A 54 -11.86 4.20 3.08
C VAL A 54 -11.72 5.67 3.45
N GLU A 55 -10.71 5.99 4.26
CA GLU A 55 -10.51 7.36 4.70
C GLU A 55 -9.31 8.03 4.03
N THR A 56 -9.30 9.34 4.06
CA THR A 56 -8.24 10.14 3.46
C THR A 56 -7.35 10.79 4.53
N ARG A 57 -6.89 10.00 5.49
CA ARG A 57 -6.04 10.53 6.55
C ARG A 57 -4.58 10.56 6.11
N LYS A 58 -3.73 11.15 6.94
CA LYS A 58 -2.30 11.25 6.63
C LYS A 58 -1.58 9.94 6.98
N ARG A 59 -2.33 8.97 7.51
CA ARG A 59 -1.77 7.68 7.87
C ARG A 59 -2.86 6.63 7.99
N CYS A 60 -2.49 5.36 7.86
CA CYS A 60 -3.45 4.27 7.97
C CYS A 60 -2.89 3.16 8.84
N LYS A 61 -3.51 2.93 9.98
CA LYS A 61 -3.06 1.90 10.90
C LYS A 61 -3.46 0.52 10.38
N ILE A 62 -2.54 -0.12 9.68
CA ILE A 62 -2.80 -1.44 9.10
C ILE A 62 -1.63 -2.38 9.33
N VAL A 63 -1.93 -3.64 9.61
CA VAL A 63 -0.90 -4.65 9.83
C VAL A 63 -1.34 -6.01 9.29
N ALA A 64 -0.44 -6.98 9.33
CA ALA A 64 -0.75 -8.33 8.87
C ALA A 64 -0.98 -8.37 7.36
N GLY A 65 -1.82 -9.31 6.89
CA GLY A 65 -2.10 -9.45 5.48
C GLY A 65 -3.23 -8.55 4.99
N GLN A 66 -2.92 -7.28 4.77
CA GLN A 66 -3.91 -6.32 4.29
C GLN A 66 -3.47 -5.67 2.99
N THR A 67 -4.44 -5.14 2.24
CA THR A 67 -4.18 -4.50 0.95
C THR A 67 -4.47 -3.00 0.97
N VAL A 68 -3.85 -2.29 0.03
CA VAL A 68 -4.02 -0.84 -0.12
C VAL A 68 -4.24 -0.49 -1.59
N SER A 69 -5.04 0.55 -1.87
CA SER A 69 -5.31 0.93 -3.25
C SER A 69 -5.28 2.45 -3.48
N PHE A 70 -4.57 2.85 -4.54
CA PHE A 70 -4.46 4.27 -4.93
C PHE A 70 -4.53 4.40 -6.46
N ALA A 71 -5.56 5.11 -6.93
CA ALA A 71 -5.76 5.34 -8.37
C ALA A 71 -5.40 4.13 -9.22
N GLY A 72 -5.55 2.93 -8.67
CA GLY A 72 -5.23 1.74 -9.43
C GLY A 72 -4.11 0.91 -8.83
N HIS A 73 -3.46 1.44 -7.81
CA HIS A 73 -2.35 0.73 -7.17
C HIS A 73 -2.86 -0.20 -6.07
N SER A 74 -3.17 -1.43 -6.43
CA SER A 74 -3.67 -2.40 -5.46
C SER A 74 -2.55 -3.36 -5.02
N VAL A 75 -2.00 -3.11 -3.84
CA VAL A 75 -0.92 -3.93 -3.30
C VAL A 75 -1.26 -4.42 -1.90
N GLN A 76 -0.69 -5.56 -1.51
CA GLN A 76 -0.93 -6.11 -0.18
C GLN A 76 0.33 -6.08 0.67
N VAL A 77 0.14 -6.26 1.98
CA VAL A 77 1.25 -6.24 2.92
C VAL A 77 1.09 -7.36 3.95
N VAL A 78 2.21 -7.81 4.53
CA VAL A 78 2.17 -8.88 5.53
C VAL A 78 2.98 -8.52 6.77
N ALA A 79 2.72 -9.22 7.87
CA ALA A 79 3.43 -8.98 9.12
C ALA A 79 3.69 -10.27 9.88
N GLY A 1 16.47 -27.86 -3.12
CA GLY A 1 16.01 -29.01 -3.93
C GLY A 1 14.72 -28.72 -4.68
N SER A 2 14.79 -28.73 -6.00
CA SER A 2 13.63 -28.47 -6.83
C SER A 2 13.11 -27.05 -6.61
N MET A 3 14.03 -26.12 -6.36
CA MET A 3 13.67 -24.73 -6.13
C MET A 3 13.70 -23.93 -7.43
N ILE A 4 12.55 -23.35 -7.78
CA ILE A 4 12.44 -22.56 -9.01
C ILE A 4 12.37 -21.07 -8.70
N HIS A 5 13.34 -20.33 -9.22
CA HIS A 5 13.39 -18.88 -9.00
C HIS A 5 12.36 -18.17 -9.87
N ARG A 6 11.70 -17.18 -9.30
CA ARG A 6 10.69 -16.42 -10.03
C ARG A 6 11.17 -15.01 -10.32
N MET A 7 10.67 -14.42 -11.40
CA MET A 7 11.06 -13.08 -11.80
C MET A 7 9.97 -12.07 -11.43
N SER A 8 8.72 -12.41 -11.75
CA SER A 8 7.59 -11.54 -11.47
C SER A 8 7.50 -11.24 -9.98
N ASN A 9 7.24 -9.97 -9.66
CA ASN A 9 7.13 -9.53 -8.27
C ASN A 9 5.69 -9.18 -7.91
N MET A 10 5.03 -10.08 -7.19
CA MET A 10 3.65 -9.86 -6.77
C MET A 10 3.58 -8.71 -5.77
N ALA A 11 2.52 -7.92 -5.86
CA ALA A 11 2.33 -6.79 -4.95
C ALA A 11 2.15 -7.26 -3.52
N THR A 12 3.27 -7.49 -2.83
CA THR A 12 3.22 -7.94 -1.44
C THR A 12 4.28 -7.24 -0.61
N PHE A 13 3.86 -6.33 0.27
CA PHE A 13 4.78 -5.59 1.12
C PHE A 13 4.87 -6.22 2.51
N SER A 14 5.82 -5.74 3.31
CA SER A 14 6.01 -6.25 4.67
C SER A 14 5.53 -5.24 5.72
N LEU A 15 4.85 -5.74 6.75
CA LEU A 15 4.35 -4.89 7.83
C LEU A 15 4.72 -5.46 9.20
N GLY A 16 4.66 -6.78 9.32
CA GLY A 16 4.97 -7.44 10.58
C GLY A 16 6.21 -6.88 11.25
N LYS A 17 7.12 -6.35 10.45
CA LYS A 17 8.36 -5.77 10.97
C LYS A 17 8.08 -4.70 12.02
N HIS A 18 7.07 -3.88 11.75
CA HIS A 18 6.70 -2.80 12.66
C HIS A 18 5.27 -2.96 13.18
N PRO A 19 4.90 -2.26 14.27
CA PRO A 19 3.56 -2.32 14.85
C PRO A 19 2.48 -1.88 13.86
N HIS A 20 2.86 -1.01 12.93
CA HIS A 20 1.94 -0.49 11.92
C HIS A 20 2.64 0.54 11.05
N VAL A 21 1.93 1.08 10.05
CA VAL A 21 2.53 2.08 9.17
C VAL A 21 1.55 3.14 8.69
N GLU A 22 2.10 4.19 8.11
CA GLU A 22 1.32 5.29 7.56
C GLU A 22 1.21 5.13 6.05
N LEU A 23 0.08 5.49 5.47
CA LEU A 23 -0.13 5.36 4.03
C LEU A 23 1.12 5.76 3.25
N CYS A 24 1.70 6.91 3.60
CA CYS A 24 2.90 7.39 2.93
C CYS A 24 4.06 6.42 3.11
N ASP A 25 4.15 5.82 4.29
CA ASP A 25 5.22 4.87 4.58
C ASP A 25 5.07 3.61 3.74
N LEU A 26 3.92 2.96 3.87
CA LEU A 26 3.65 1.74 3.12
C LEU A 26 3.80 1.96 1.61
N LEU A 27 3.29 3.10 1.14
CA LEU A 27 3.37 3.44 -0.28
C LEU A 27 4.82 3.65 -0.72
N LYS A 28 5.47 4.66 -0.13
CA LYS A 28 6.85 4.98 -0.45
C LYS A 28 7.73 3.73 -0.42
N LEU A 29 7.72 3.04 0.70
CA LEU A 29 8.53 1.83 0.86
C LEU A 29 8.26 0.83 -0.26
N GLU A 30 7.00 0.70 -0.65
CA GLU A 30 6.62 -0.22 -1.71
C GLU A 30 7.04 0.30 -3.08
N GLY A 31 7.38 1.59 -3.17
CA GLY A 31 7.80 2.16 -4.43
C GLY A 31 6.67 2.84 -5.19
N TRP A 32 5.63 3.27 -4.48
CA TRP A 32 4.51 3.95 -5.12
C TRP A 32 4.91 5.34 -5.55
N SER A 33 5.33 6.16 -4.58
CA SER A 33 5.77 7.53 -4.85
C SER A 33 7.30 7.62 -4.78
N GLU A 34 7.89 8.36 -5.71
CA GLU A 34 9.33 8.53 -5.74
C GLU A 34 9.81 9.36 -4.56
N SER A 35 8.99 10.31 -4.15
CA SER A 35 9.33 11.17 -3.02
C SER A 35 8.52 10.79 -1.79
N GLY A 36 7.24 10.51 -2.00
CA GLY A 36 6.36 10.13 -0.91
C GLY A 36 5.10 10.97 -0.88
N ALA A 37 5.24 12.28 -1.09
CA ALA A 37 4.10 13.19 -1.09
C ALA A 37 4.12 14.14 -2.30
N GLN A 38 5.10 13.94 -3.19
CA GLN A 38 5.22 14.78 -4.38
C GLN A 38 3.90 14.83 -5.15
N ALA A 39 3.54 13.71 -5.77
CA ALA A 39 2.31 13.61 -6.55
C ALA A 39 1.08 13.51 -5.65
N LYS A 40 1.24 13.83 -4.36
CA LYS A 40 0.14 13.75 -3.41
C LYS A 40 -0.31 12.31 -3.25
N ILE A 41 0.57 11.38 -3.56
CA ILE A 41 0.27 9.95 -3.46
C ILE A 41 -0.06 9.55 -2.04
N ALA A 42 0.35 10.37 -1.07
CA ALA A 42 0.09 10.10 0.33
C ALA A 42 -1.38 10.34 0.67
N ILE A 43 -1.74 11.60 0.85
CA ILE A 43 -3.11 11.97 1.16
C ILE A 43 -4.09 11.36 0.17
N ALA A 44 -3.67 11.32 -1.10
CA ALA A 44 -4.51 10.74 -2.15
C ALA A 44 -4.83 9.29 -1.82
N GLU A 45 -3.81 8.43 -1.89
CA GLU A 45 -3.99 7.00 -1.60
C GLU A 45 -5.02 6.78 -0.51
N GLY A 46 -4.92 7.58 0.56
CA GLY A 46 -5.88 7.48 1.64
C GLY A 46 -7.29 7.60 1.11
N GLN A 47 -7.66 8.83 0.73
CA GLN A 47 -8.98 9.12 0.18
C GLN A 47 -9.42 8.09 -0.88
N VAL A 48 -8.48 7.30 -1.39
CA VAL A 48 -8.79 6.30 -2.41
C VAL A 48 -9.53 5.10 -1.80
N LYS A 49 -8.79 4.06 -1.38
CA LYS A 49 -9.44 2.89 -0.78
C LYS A 49 -8.43 1.87 -0.28
N VAL A 50 -8.59 1.42 0.97
CA VAL A 50 -7.71 0.42 1.53
C VAL A 50 -8.52 -0.83 1.85
N ASP A 51 -7.90 -2.00 1.74
CA ASP A 51 -8.59 -3.27 2.00
C ASP A 51 -9.43 -3.20 3.27
N GLY A 52 -10.73 -2.99 3.11
CA GLY A 52 -11.61 -2.88 4.24
C GLY A 52 -11.36 -1.64 5.07
N ALA A 53 -10.67 -0.67 4.48
CA ALA A 53 -10.36 0.56 5.17
C ALA A 53 -10.36 1.77 4.22
N VAL A 54 -11.54 2.17 3.79
CA VAL A 54 -11.68 3.30 2.89
C VAL A 54 -11.69 4.62 3.67
N GLU A 55 -10.52 4.97 4.23
CA GLU A 55 -10.39 6.19 5.02
C GLU A 55 -9.73 7.31 4.22
N THR A 56 -9.55 8.45 4.88
CA THR A 56 -8.93 9.61 4.25
C THR A 56 -8.03 10.36 5.23
N ARG A 57 -7.31 9.62 6.08
CA ARG A 57 -6.42 10.23 7.06
C ARG A 57 -4.98 10.23 6.57
N LYS A 58 -4.11 10.91 7.31
CA LYS A 58 -2.69 10.98 6.96
C LYS A 58 -2.00 9.66 7.29
N ARG A 59 -2.33 9.09 8.43
CA ARG A 59 -1.75 7.81 8.86
C ARG A 59 -2.84 6.79 9.13
N CYS A 60 -2.56 5.52 8.82
CA CYS A 60 -3.53 4.47 9.04
C CYS A 60 -2.93 3.28 9.78
N LYS A 61 -3.43 3.03 10.99
CA LYS A 61 -2.95 1.92 11.80
C LYS A 61 -3.42 0.59 11.21
N ILE A 62 -2.64 0.07 10.28
CA ILE A 62 -2.96 -1.19 9.61
C ILE A 62 -1.75 -2.11 9.55
N VAL A 63 -1.98 -3.40 9.78
CA VAL A 63 -0.91 -4.40 9.75
C VAL A 63 -1.44 -5.75 9.27
N ALA A 64 -0.54 -6.73 9.12
CA ALA A 64 -0.93 -8.08 8.71
C ALA A 64 -1.22 -8.17 7.20
N GLY A 65 -2.15 -9.06 6.84
CA GLY A 65 -2.50 -9.25 5.44
C GLY A 65 -3.53 -8.23 4.98
N GLN A 66 -3.07 -7.01 4.75
CA GLN A 66 -3.96 -5.94 4.32
C GLN A 66 -3.49 -5.34 3.00
N THR A 67 -4.45 -4.81 2.24
CA THR A 67 -4.17 -4.22 0.93
C THR A 67 -4.48 -2.73 0.91
N VAL A 68 -3.77 -2.01 0.04
CA VAL A 68 -3.95 -0.58 -0.12
C VAL A 68 -4.17 -0.26 -1.60
N SER A 69 -5.02 0.73 -1.88
CA SER A 69 -5.30 1.09 -3.27
C SER A 69 -5.32 2.60 -3.48
N PHE A 70 -4.70 3.01 -4.59
CA PHE A 70 -4.63 4.42 -4.97
C PHE A 70 -4.69 4.57 -6.48
N ALA A 71 -5.69 5.31 -6.96
CA ALA A 71 -5.85 5.53 -8.39
C ALA A 71 -5.85 4.20 -9.15
N GLY A 72 -4.64 3.70 -9.43
CA GLY A 72 -4.51 2.44 -10.14
C GLY A 72 -3.55 1.47 -9.48
N HIS A 73 -2.89 1.91 -8.41
CA HIS A 73 -1.92 1.06 -7.72
C HIS A 73 -2.57 0.27 -6.59
N SER A 74 -2.64 -1.05 -6.76
CA SER A 74 -3.23 -1.93 -5.75
C SER A 74 -2.21 -2.95 -5.26
N VAL A 75 -1.75 -2.79 -4.01
CA VAL A 75 -0.76 -3.71 -3.44
C VAL A 75 -1.18 -4.17 -2.04
N GLN A 76 -0.77 -5.38 -1.66
CA GLN A 76 -1.10 -5.94 -0.34
C GLN A 76 0.14 -6.06 0.53
N VAL A 77 -0.07 -6.42 1.80
CA VAL A 77 1.02 -6.55 2.75
C VAL A 77 0.77 -7.72 3.71
N VAL A 78 1.85 -8.34 4.20
CA VAL A 78 1.74 -9.46 5.13
C VAL A 78 2.58 -9.24 6.39
N ALA A 79 2.22 -9.96 7.46
CA ALA A 79 2.95 -9.85 8.73
C ALA A 79 3.84 -11.07 8.95
N GLY A 1 1.32 -17.77 -23.10
CA GLY A 1 0.16 -16.87 -22.82
C GLY A 1 -0.85 -17.51 -21.90
N SER A 2 -1.42 -18.62 -22.34
CA SER A 2 -2.43 -19.32 -21.55
C SER A 2 -1.77 -20.39 -20.68
N MET A 3 -0.79 -21.09 -21.24
CA MET A 3 -0.08 -22.14 -20.51
C MET A 3 1.12 -21.57 -19.76
N ILE A 4 1.93 -22.46 -19.20
CA ILE A 4 3.13 -22.07 -18.44
C ILE A 4 2.93 -20.78 -17.64
N HIS A 5 2.54 -20.93 -16.37
CA HIS A 5 2.30 -19.78 -15.51
C HIS A 5 3.49 -19.56 -14.57
N ARG A 6 4.28 -18.52 -14.85
CA ARG A 6 5.45 -18.21 -14.04
C ARG A 6 5.68 -16.70 -13.98
N MET A 7 4.60 -15.93 -14.04
CA MET A 7 4.69 -14.47 -13.99
C MET A 7 3.95 -13.92 -12.79
N SER A 8 4.65 -13.15 -11.96
CA SER A 8 4.05 -12.57 -10.78
C SER A 8 3.47 -11.18 -11.07
N ASN A 9 2.59 -10.72 -10.20
CA ASN A 9 1.97 -9.41 -10.37
C ASN A 9 1.54 -8.83 -9.02
N MET A 10 1.08 -9.69 -8.12
CA MET A 10 0.64 -9.25 -6.80
C MET A 10 1.84 -8.85 -5.94
N ALA A 11 1.83 -7.61 -5.47
CA ALA A 11 2.91 -7.10 -4.63
C ALA A 11 2.52 -7.13 -3.16
N THR A 12 3.45 -7.57 -2.31
CA THR A 12 3.19 -7.65 -0.88
C THR A 12 4.24 -6.87 -0.09
N PHE A 13 3.78 -6.11 0.90
CA PHE A 13 4.67 -5.31 1.75
C PHE A 13 4.88 -6.01 3.08
N SER A 14 5.96 -6.77 3.19
CA SER A 14 6.27 -7.48 4.43
C SER A 14 6.74 -6.51 5.50
N LEU A 15 5.91 -6.32 6.53
CA LEU A 15 6.24 -5.41 7.62
C LEU A 15 7.15 -6.09 8.64
N GLY A 16 6.96 -7.40 8.83
CA GLY A 16 7.77 -8.13 9.78
C GLY A 16 7.10 -8.30 11.12
N LYS A 17 7.04 -7.22 11.90
CA LYS A 17 6.42 -7.25 13.22
C LYS A 17 6.39 -5.86 13.84
N HIS A 18 5.86 -4.90 13.09
CA HIS A 18 5.78 -3.52 13.56
C HIS A 18 4.33 -3.15 13.85
N PRO A 19 4.09 -2.01 14.54
CA PRO A 19 2.75 -1.56 14.88
C PRO A 19 1.89 -1.37 13.63
N HIS A 20 2.50 -0.79 12.60
CA HIS A 20 1.84 -0.54 11.31
C HIS A 20 2.66 0.43 10.46
N VAL A 21 2.05 0.99 9.43
CA VAL A 21 2.76 1.93 8.57
C VAL A 21 1.87 3.07 8.10
N GLU A 22 2.50 4.17 7.74
CA GLU A 22 1.81 5.33 7.24
C GLU A 22 1.71 5.27 5.73
N LEU A 23 0.59 5.72 5.17
CA LEU A 23 0.39 5.71 3.72
C LEU A 23 1.66 6.10 2.98
N CYS A 24 2.37 7.10 3.51
CA CYS A 24 3.61 7.57 2.91
C CYS A 24 4.70 6.49 2.98
N ASP A 25 4.77 5.81 4.13
CA ASP A 25 5.76 4.76 4.33
C ASP A 25 5.52 3.59 3.38
N LEU A 26 4.31 3.01 3.44
CA LEU A 26 3.96 1.88 2.60
C LEU A 26 4.12 2.22 1.11
N LEU A 27 3.59 3.37 0.71
CA LEU A 27 3.66 3.81 -0.68
C LEU A 27 5.10 4.02 -1.13
N LYS A 28 5.82 4.88 -0.43
CA LYS A 28 7.21 5.20 -0.76
C LYS A 28 8.05 3.94 -0.92
N LEU A 29 8.12 3.12 0.13
CA LEU A 29 8.91 1.91 0.11
C LEU A 29 8.48 0.98 -1.03
N GLU A 30 7.18 0.82 -1.22
CA GLU A 30 6.66 -0.03 -2.29
C GLU A 30 6.97 0.56 -3.66
N GLY A 31 7.34 1.84 -3.69
CA GLY A 31 7.65 2.47 -4.96
C GLY A 31 6.46 3.19 -5.59
N TRP A 32 5.48 3.55 -4.76
CA TRP A 32 4.30 4.25 -5.27
C TRP A 32 4.70 5.65 -5.72
N SER A 33 5.13 6.47 -4.76
CA SER A 33 5.56 7.83 -5.05
C SER A 33 7.08 7.92 -4.97
N GLU A 34 7.66 8.86 -5.71
CA GLU A 34 9.12 9.02 -5.71
C GLU A 34 9.61 9.60 -4.38
N SER A 35 8.80 10.47 -3.78
CA SER A 35 9.15 11.07 -2.50
C SER A 35 8.30 10.47 -1.38
N GLY A 36 6.98 10.57 -1.54
CA GLY A 36 6.07 10.04 -0.54
C GLY A 36 4.75 10.78 -0.53
N ALA A 37 4.81 12.08 -0.81
CA ALA A 37 3.62 12.92 -0.85
C ALA A 37 3.70 13.99 -1.93
N GLN A 38 4.74 13.93 -2.78
CA GLN A 38 4.92 14.90 -3.85
C GLN A 38 3.67 14.99 -4.72
N ALA A 39 3.43 13.94 -5.50
CA ALA A 39 2.25 13.89 -6.36
C ALA A 39 0.96 13.70 -5.57
N LYS A 40 1.02 13.92 -4.26
CA LYS A 40 -0.13 13.75 -3.39
C LYS A 40 -0.52 12.29 -3.28
N ILE A 41 0.40 11.40 -3.66
CA ILE A 41 0.16 9.96 -3.61
C ILE A 41 -0.22 9.52 -2.19
N ALA A 42 0.23 10.27 -1.21
CA ALA A 42 -0.05 9.96 0.18
C ALA A 42 -1.52 10.21 0.52
N ILE A 43 -1.87 11.47 0.76
CA ILE A 43 -3.23 11.83 1.11
C ILE A 43 -4.25 11.18 0.16
N ALA A 44 -3.94 11.19 -1.14
CA ALA A 44 -4.83 10.59 -2.13
C ALA A 44 -5.06 9.12 -1.81
N GLU A 45 -3.99 8.32 -1.87
CA GLU A 45 -4.08 6.88 -1.60
C GLU A 45 -5.07 6.61 -0.48
N GLY A 46 -5.06 7.47 0.55
CA GLY A 46 -6.00 7.32 1.64
C GLY A 46 -7.42 7.42 1.13
N GLN A 47 -7.85 8.65 0.82
CA GLN A 47 -9.20 8.91 0.32
C GLN A 47 -9.61 7.93 -0.79
N VAL A 48 -8.66 7.17 -1.34
CA VAL A 48 -8.96 6.23 -2.40
C VAL A 48 -9.68 4.99 -1.85
N LYS A 49 -8.95 3.96 -1.44
CA LYS A 49 -9.58 2.75 -0.91
C LYS A 49 -8.57 1.83 -0.22
N VAL A 50 -9.01 1.17 0.85
CA VAL A 50 -8.17 0.22 1.56
C VAL A 50 -8.94 -1.06 1.77
N ASP A 51 -8.24 -2.19 1.73
CA ASP A 51 -8.87 -3.49 1.87
C ASP A 51 -9.91 -3.52 3.00
N GLY A 52 -11.15 -3.20 2.64
CA GLY A 52 -12.22 -3.21 3.61
C GLY A 52 -12.73 -1.83 3.99
N ALA A 53 -11.86 -0.82 3.97
CA ALA A 53 -12.29 0.52 4.33
C ALA A 53 -11.54 1.60 3.57
N VAL A 54 -12.23 2.69 3.27
CA VAL A 54 -11.63 3.81 2.56
C VAL A 54 -11.48 5.00 3.50
N GLU A 55 -10.26 5.21 4.01
CA GLU A 55 -10.01 6.32 4.92
C GLU A 55 -9.38 7.50 4.20
N THR A 56 -8.81 8.43 4.95
CA THR A 56 -8.19 9.61 4.37
C THR A 56 -7.31 10.35 5.39
N ARG A 57 -6.74 9.59 6.31
CA ARG A 57 -5.88 10.16 7.34
C ARG A 57 -4.43 10.23 6.87
N LYS A 58 -3.60 10.96 7.62
CA LYS A 58 -2.19 11.08 7.28
C LYS A 58 -1.44 9.83 7.71
N ARG A 59 -1.87 9.27 8.83
CA ARG A 59 -1.25 8.06 9.36
C ARG A 59 -2.17 6.86 9.16
N CYS A 60 -1.60 5.75 8.72
CA CYS A 60 -2.38 4.54 8.49
C CYS A 60 -2.14 3.51 9.58
N LYS A 61 -3.19 3.18 10.32
CA LYS A 61 -3.10 2.21 11.39
C LYS A 61 -3.57 0.83 10.91
N ILE A 62 -2.74 0.19 10.10
CA ILE A 62 -3.07 -1.12 9.56
C ILE A 62 -1.88 -2.07 9.59
N VAL A 63 -2.15 -3.34 9.82
CA VAL A 63 -1.09 -4.36 9.87
C VAL A 63 -1.64 -5.72 9.45
N ALA A 64 -0.75 -6.70 9.36
CA ALA A 64 -1.13 -8.06 8.97
C ALA A 64 -1.40 -8.17 7.47
N GLY A 65 -2.33 -9.06 7.09
CA GLY A 65 -2.65 -9.24 5.69
C GLY A 65 -3.70 -8.25 5.20
N GLN A 66 -3.30 -7.00 5.01
CA GLN A 66 -4.21 -5.96 4.55
C GLN A 66 -3.71 -5.33 3.26
N THR A 67 -4.64 -4.87 2.44
CA THR A 67 -4.32 -4.27 1.15
C THR A 67 -4.68 -2.79 1.09
N VAL A 68 -3.92 -2.05 0.29
CA VAL A 68 -4.14 -0.62 0.09
C VAL A 68 -4.28 -0.32 -1.41
N SER A 69 -5.13 0.65 -1.77
CA SER A 69 -5.33 0.97 -3.18
C SER A 69 -5.42 2.48 -3.44
N PHE A 70 -4.78 2.90 -4.54
CA PHE A 70 -4.77 4.30 -4.97
C PHE A 70 -4.83 4.39 -6.49
N ALA A 71 -5.84 5.07 -7.01
CA ALA A 71 -6.01 5.23 -8.46
C ALA A 71 -5.86 3.90 -9.19
N GLY A 72 -4.61 3.49 -9.43
CA GLY A 72 -4.35 2.23 -10.10
C GLY A 72 -3.35 1.37 -9.38
N HIS A 73 -2.82 1.85 -8.26
CA HIS A 73 -1.83 1.10 -7.51
C HIS A 73 -2.48 0.26 -6.41
N SER A 74 -2.67 -1.04 -6.69
CA SER A 74 -3.27 -1.94 -5.72
C SER A 74 -2.22 -2.93 -5.20
N VAL A 75 -1.82 -2.75 -3.95
CA VAL A 75 -0.81 -3.61 -3.34
C VAL A 75 -1.30 -4.14 -1.99
N GLN A 76 -0.74 -5.27 -1.56
CA GLN A 76 -1.14 -5.88 -0.29
C GLN A 76 0.00 -5.79 0.72
N VAL A 77 -0.34 -5.95 2.00
CA VAL A 77 0.64 -5.88 3.07
C VAL A 77 0.59 -7.14 3.94
N VAL A 78 1.76 -7.62 4.36
CA VAL A 78 1.83 -8.80 5.20
C VAL A 78 2.70 -8.55 6.44
N ALA A 79 2.42 -9.27 7.52
CA ALA A 79 3.17 -9.14 8.76
C ALA A 79 3.24 -10.45 9.52
N GLY A 1 -8.21 -24.54 -5.84
CA GLY A 1 -8.85 -23.38 -6.53
C GLY A 1 -8.13 -22.08 -6.25
N SER A 2 -7.95 -21.26 -7.28
CA SER A 2 -7.28 -19.98 -7.14
C SER A 2 -7.75 -19.00 -8.22
N MET A 3 -7.58 -19.38 -9.48
CA MET A 3 -7.99 -18.54 -10.60
C MET A 3 -7.19 -17.24 -10.61
N ILE A 4 -7.28 -16.52 -11.73
CA ILE A 4 -6.56 -15.26 -11.88
C ILE A 4 -7.53 -14.09 -12.08
N HIS A 5 -7.33 -13.02 -11.32
CA HIS A 5 -8.18 -11.84 -11.42
C HIS A 5 -7.39 -10.54 -11.24
N ARG A 6 -6.17 -10.65 -10.70
CA ARG A 6 -5.34 -9.47 -10.48
C ARG A 6 -4.44 -9.19 -11.69
N MET A 7 -4.48 -7.96 -12.17
CA MET A 7 -3.67 -7.55 -13.32
C MET A 7 -2.33 -6.99 -12.84
N SER A 8 -1.43 -6.73 -13.79
CA SER A 8 -0.13 -6.18 -13.47
C SER A 8 0.64 -7.13 -12.54
N ASN A 9 1.82 -6.68 -12.10
CA ASN A 9 2.65 -7.49 -11.21
C ASN A 9 2.07 -7.52 -9.80
N MET A 10 2.01 -8.72 -9.22
CA MET A 10 1.48 -8.88 -7.87
C MET A 10 2.37 -8.19 -6.84
N ALA A 11 2.01 -6.96 -6.47
CA ALA A 11 2.78 -6.20 -5.50
C ALA A 11 2.44 -6.61 -4.07
N THR A 12 3.47 -6.86 -3.27
CA THR A 12 3.28 -7.26 -1.87
C THR A 12 4.32 -6.58 -0.98
N PHE A 13 3.86 -6.01 0.13
CA PHE A 13 4.76 -5.33 1.07
C PHE A 13 4.94 -6.15 2.35
N SER A 14 6.11 -6.02 2.96
CA SER A 14 6.42 -6.74 4.19
C SER A 14 6.40 -5.79 5.38
N LEU A 15 6.06 -6.31 6.56
CA LEU A 15 6.04 -5.50 7.77
C LEU A 15 6.84 -6.15 8.88
N GLY A 16 6.73 -7.47 8.99
CA GLY A 16 7.46 -8.18 10.04
C GLY A 16 6.68 -8.28 11.34
N LYS A 17 7.02 -7.42 12.29
CA LYS A 17 6.35 -7.42 13.59
C LYS A 17 6.31 -6.02 14.18
N HIS A 18 5.80 -5.07 13.40
CA HIS A 18 5.71 -3.69 13.85
C HIS A 18 4.26 -3.31 14.18
N PRO A 19 4.05 -2.20 14.92
CA PRO A 19 2.71 -1.75 15.30
C PRO A 19 1.80 -1.52 14.09
N HIS A 20 2.35 -0.86 13.07
CA HIS A 20 1.61 -0.57 11.84
C HIS A 20 2.42 0.39 10.97
N VAL A 21 1.79 0.97 9.95
CA VAL A 21 2.51 1.89 9.06
C VAL A 21 1.62 3.00 8.52
N GLU A 22 2.25 4.09 8.08
CA GLU A 22 1.56 5.22 7.52
C GLU A 22 1.38 5.04 6.01
N LEU A 23 0.22 5.40 5.50
CA LEU A 23 -0.07 5.25 4.06
C LEU A 23 1.12 5.70 3.22
N CYS A 24 1.86 6.69 3.72
CA CYS A 24 3.03 7.21 3.01
C CYS A 24 4.19 6.22 3.09
N ASP A 25 4.34 5.58 4.24
CA ASP A 25 5.41 4.61 4.45
C ASP A 25 5.26 3.43 3.50
N LEU A 26 4.09 2.80 3.54
CA LEU A 26 3.81 1.66 2.68
C LEU A 26 4.03 2.00 1.21
N LEU A 27 3.55 3.17 0.81
CA LEU A 27 3.70 3.62 -0.58
C LEU A 27 5.16 3.77 -0.96
N LYS A 28 5.84 4.72 -0.30
CA LYS A 28 7.25 4.99 -0.58
C LYS A 28 8.06 3.69 -0.63
N LEU A 29 7.93 2.88 0.41
CA LEU A 29 8.64 1.61 0.50
C LEU A 29 8.28 0.70 -0.68
N GLU A 30 6.99 0.58 -0.97
CA GLU A 30 6.53 -0.27 -2.07
C GLU A 30 6.90 0.31 -3.43
N GLY A 31 7.28 1.59 -3.46
CA GLY A 31 7.66 2.21 -4.71
C GLY A 31 6.52 2.95 -5.40
N TRP A 32 5.55 3.41 -4.62
CA TRP A 32 4.41 4.15 -5.17
C TRP A 32 4.83 5.55 -5.56
N SER A 33 5.21 6.33 -4.56
CA SER A 33 5.66 7.71 -4.79
C SER A 33 7.16 7.83 -4.62
N GLU A 34 7.80 8.59 -5.50
CA GLU A 34 9.25 8.78 -5.45
C GLU A 34 9.61 9.82 -4.40
N SER A 35 8.75 10.81 -4.24
CA SER A 35 8.98 11.87 -3.27
C SER A 35 8.07 11.69 -2.05
N GLY A 36 6.87 11.17 -2.30
CA GLY A 36 5.92 10.94 -1.23
C GLY A 36 4.92 12.08 -1.08
N ALA A 37 5.27 13.25 -1.61
CA ALA A 37 4.39 14.43 -1.53
C ALA A 37 4.26 15.13 -2.88
N GLN A 38 5.06 14.71 -3.86
CA GLN A 38 5.03 15.32 -5.19
C GLN A 38 3.62 15.28 -5.78
N ALA A 39 3.21 14.10 -6.25
CA ALA A 39 1.89 13.93 -6.87
C ALA A 39 0.80 13.73 -5.81
N LYS A 40 1.11 14.03 -4.56
CA LYS A 40 0.13 13.87 -3.49
C LYS A 40 -0.31 12.42 -3.38
N ILE A 41 0.59 11.51 -3.75
CA ILE A 41 0.31 10.09 -3.70
C ILE A 41 -0.01 9.63 -2.27
N ALA A 42 0.47 10.40 -1.31
CA ALA A 42 0.23 10.08 0.10
C ALA A 42 -1.24 10.29 0.48
N ILE A 43 -1.61 11.55 0.69
CA ILE A 43 -2.98 11.88 1.05
C ILE A 43 -3.98 11.26 0.08
N ALA A 44 -3.63 11.31 -1.20
CA ALA A 44 -4.49 10.74 -2.24
C ALA A 44 -4.78 9.27 -1.95
N GLU A 45 -3.74 8.43 -2.07
CA GLU A 45 -3.88 6.99 -1.81
C GLU A 45 -4.87 6.73 -0.68
N GLY A 46 -4.74 7.50 0.39
CA GLY A 46 -5.65 7.35 1.52
C GLY A 46 -7.09 7.47 1.06
N GLN A 47 -7.52 8.69 0.80
CA GLN A 47 -8.89 8.97 0.36
C GLN A 47 -9.34 8.05 -0.78
N VAL A 48 -8.41 7.31 -1.39
CA VAL A 48 -8.77 6.43 -2.49
C VAL A 48 -9.47 5.16 -1.98
N LYS A 49 -8.74 4.08 -1.68
CA LYS A 49 -9.39 2.87 -1.20
C LYS A 49 -8.42 1.92 -0.50
N VAL A 50 -8.74 1.56 0.74
CA VAL A 50 -7.93 0.60 1.50
C VAL A 50 -8.77 -0.62 1.80
N ASP A 51 -8.13 -1.79 1.87
CA ASP A 51 -8.85 -3.04 2.14
C ASP A 51 -9.85 -2.88 3.28
N GLY A 52 -11.10 -2.63 2.92
CA GLY A 52 -12.15 -2.44 3.92
C GLY A 52 -12.00 -1.15 4.68
N ALA A 53 -11.22 -0.21 4.14
CA ALA A 53 -11.00 1.07 4.78
C ALA A 53 -10.85 2.21 3.77
N VAL A 54 -11.97 2.74 3.30
CA VAL A 54 -11.94 3.83 2.33
C VAL A 54 -11.85 5.19 3.04
N GLU A 55 -10.80 5.37 3.84
CA GLU A 55 -10.61 6.62 4.58
C GLU A 55 -9.57 7.52 3.91
N THR A 56 -9.17 8.57 4.63
CA THR A 56 -8.18 9.51 4.11
C THR A 56 -7.37 10.15 5.24
N ARG A 57 -6.93 9.35 6.20
CA ARG A 57 -6.15 9.88 7.32
C ARG A 57 -4.66 9.91 6.99
N LYS A 58 -3.91 10.65 7.80
CA LYS A 58 -2.47 10.77 7.60
C LYS A 58 -1.75 9.51 8.04
N ARG A 59 -2.20 8.94 9.15
CA ARG A 59 -1.60 7.72 9.68
C ARG A 59 -2.56 6.54 9.57
N CYS A 60 -2.04 5.41 9.10
CA CYS A 60 -2.85 4.22 8.95
C CYS A 60 -2.50 3.19 10.02
N LYS A 61 -3.45 2.90 10.89
CA LYS A 61 -3.23 1.93 11.95
C LYS A 61 -3.69 0.56 11.49
N ILE A 62 -2.86 -0.06 10.65
CA ILE A 62 -3.17 -1.38 10.12
C ILE A 62 -1.93 -2.26 10.08
N VAL A 63 -2.15 -3.57 10.15
CA VAL A 63 -1.06 -4.54 10.12
C VAL A 63 -1.55 -5.90 9.61
N ALA A 64 -0.63 -6.84 9.44
CA ALA A 64 -0.98 -8.19 8.98
C ALA A 64 -1.23 -8.25 7.47
N GLY A 65 -2.09 -9.19 7.05
CA GLY A 65 -2.40 -9.36 5.65
C GLY A 65 -3.47 -8.42 5.15
N GLN A 66 -3.10 -7.17 4.93
CA GLN A 66 -4.06 -6.16 4.46
C GLN A 66 -3.61 -5.53 3.13
N THR A 67 -4.56 -4.98 2.40
CA THR A 67 -4.29 -4.38 1.09
C THR A 67 -4.62 -2.88 1.04
N VAL A 68 -3.97 -2.18 0.11
CA VAL A 68 -4.18 -0.74 -0.08
C VAL A 68 -4.27 -0.42 -1.58
N SER A 69 -5.03 0.61 -1.95
CA SER A 69 -5.19 0.96 -3.36
C SER A 69 -5.20 2.48 -3.62
N PHE A 70 -4.51 2.88 -4.69
CA PHE A 70 -4.44 4.29 -5.08
C PHE A 70 -4.55 4.43 -6.61
N ALA A 71 -5.62 5.07 -7.07
CA ALA A 71 -5.85 5.28 -8.50
C ALA A 71 -5.43 4.09 -9.35
N GLY A 72 -5.54 2.89 -8.80
CA GLY A 72 -5.18 1.70 -9.55
C GLY A 72 -4.01 0.94 -8.94
N HIS A 73 -3.39 1.50 -7.92
CA HIS A 73 -2.25 0.84 -7.29
C HIS A 73 -2.73 -0.09 -6.17
N SER A 74 -3.11 -1.31 -6.53
CA SER A 74 -3.57 -2.28 -5.55
C SER A 74 -2.42 -3.15 -5.07
N VAL A 75 -2.05 -2.98 -3.81
CA VAL A 75 -0.96 -3.75 -3.20
C VAL A 75 -1.39 -4.32 -1.86
N GLN A 76 -0.81 -5.45 -1.49
CA GLN A 76 -1.13 -6.09 -0.22
C GLN A 76 0.06 -6.03 0.73
N VAL A 77 -0.16 -6.43 1.97
CA VAL A 77 0.89 -6.39 2.99
C VAL A 77 0.77 -7.58 3.94
N VAL A 78 1.90 -8.07 4.42
CA VAL A 78 1.92 -9.19 5.35
C VAL A 78 2.91 -8.94 6.49
N ALA A 79 2.87 -9.81 7.50
CA ALA A 79 3.75 -9.68 8.65
C ALA A 79 4.81 -10.78 8.63
N GLY A 1 5.61 -27.37 -9.27
CA GLY A 1 4.19 -27.48 -8.84
C GLY A 1 3.26 -26.60 -9.65
N SER A 2 3.54 -25.29 -9.65
CA SER A 2 2.72 -24.34 -10.39
C SER A 2 3.54 -23.69 -11.51
N MET A 3 2.84 -23.01 -12.42
CA MET A 3 3.49 -22.34 -13.53
C MET A 3 3.56 -20.83 -13.30
N ILE A 4 3.98 -20.10 -14.33
CA ILE A 4 4.10 -18.65 -14.25
C ILE A 4 3.59 -17.98 -15.52
N HIS A 5 2.69 -18.65 -16.23
CA HIS A 5 2.13 -18.11 -17.47
C HIS A 5 0.87 -17.30 -17.18
N ARG A 6 -0.27 -17.99 -17.08
CA ARG A 6 -1.54 -17.34 -16.80
C ARG A 6 -1.62 -16.90 -15.34
N MET A 7 -2.57 -16.02 -15.05
CA MET A 7 -2.75 -15.53 -13.68
C MET A 7 -1.53 -14.71 -13.23
N SER A 8 -1.56 -13.42 -13.51
CA SER A 8 -0.47 -12.53 -13.14
C SER A 8 -0.31 -12.47 -11.63
N ASN A 9 0.94 -12.33 -11.17
CA ASN A 9 1.23 -12.26 -9.76
C ASN A 9 1.20 -10.81 -9.27
N MET A 10 0.64 -10.60 -8.09
CA MET A 10 0.55 -9.27 -7.51
C MET A 10 1.78 -8.99 -6.66
N ALA A 11 1.86 -7.78 -6.13
CA ALA A 11 3.00 -7.38 -5.30
C ALA A 11 2.66 -7.53 -3.82
N THR A 12 3.64 -7.96 -3.04
CA THR A 12 3.45 -8.13 -1.61
C THR A 12 4.51 -7.35 -0.83
N PHE A 13 4.06 -6.58 0.14
CA PHE A 13 4.96 -5.77 0.95
C PHE A 13 5.13 -6.34 2.34
N SER A 14 6.19 -7.11 2.54
CA SER A 14 6.46 -7.72 3.83
C SER A 14 6.89 -6.68 4.86
N LEU A 15 6.01 -6.43 5.83
CA LEU A 15 6.30 -5.45 6.89
C LEU A 15 7.14 -6.09 7.99
N GLY A 16 6.94 -7.38 8.19
CA GLY A 16 7.68 -8.09 9.23
C GLY A 16 6.82 -8.35 10.46
N LYS A 17 6.81 -7.41 11.38
CA LYS A 17 6.01 -7.54 12.60
C LYS A 17 6.06 -6.26 13.43
N HIS A 18 5.39 -5.22 12.93
CA HIS A 18 5.35 -3.94 13.61
C HIS A 18 3.91 -3.59 14.02
N PRO A 19 3.72 -2.51 14.80
CA PRO A 19 2.38 -2.10 15.23
C PRO A 19 1.52 -1.63 14.06
N HIS A 20 2.13 -0.86 13.16
CA HIS A 20 1.44 -0.34 11.98
C HIS A 20 2.30 0.68 11.23
N VAL A 21 1.75 1.24 10.17
CA VAL A 21 2.46 2.24 9.37
C VAL A 21 1.49 3.24 8.74
N GLU A 22 2.06 4.30 8.19
CA GLU A 22 1.27 5.32 7.52
C GLU A 22 1.27 5.09 6.01
N LEU A 23 0.16 5.42 5.35
CA LEU A 23 0.04 5.24 3.90
C LEU A 23 1.31 5.65 3.18
N CYS A 24 1.99 6.67 3.69
CA CYS A 24 3.23 7.14 3.08
C CYS A 24 4.31 6.09 3.18
N ASP A 25 4.42 5.46 4.35
CA ASP A 25 5.42 4.42 4.57
C ASP A 25 5.16 3.26 3.61
N LEU A 26 3.98 2.65 3.73
CA LEU A 26 3.61 1.52 2.88
C LEU A 26 3.86 1.83 1.41
N LEU A 27 3.40 3.00 0.96
CA LEU A 27 3.55 3.40 -0.43
C LEU A 27 5.02 3.65 -0.78
N LYS A 28 5.63 4.63 -0.12
CA LYS A 28 7.03 4.96 -0.38
C LYS A 28 7.91 3.71 -0.34
N LEU A 29 7.83 2.97 0.77
CA LEU A 29 8.63 1.76 0.91
C LEU A 29 8.37 0.78 -0.22
N GLU A 30 7.12 0.74 -0.70
CA GLU A 30 6.76 -0.16 -1.79
C GLU A 30 7.21 0.39 -3.13
N GLY A 31 7.55 1.67 -3.18
CA GLY A 31 7.98 2.27 -4.42
C GLY A 31 6.86 2.98 -5.16
N TRP A 32 5.81 3.36 -4.46
CA TRP A 32 4.68 4.05 -5.08
C TRP A 32 5.08 5.48 -5.43
N SER A 33 5.24 6.31 -4.41
CA SER A 33 5.66 7.70 -4.60
C SER A 33 7.17 7.82 -4.45
N GLU A 34 7.78 8.61 -5.31
CA GLU A 34 9.24 8.80 -5.27
C GLU A 34 9.62 9.71 -4.12
N SER A 35 8.77 10.69 -3.83
CA SER A 35 9.02 11.63 -2.74
C SER A 35 8.14 11.33 -1.53
N GLY A 36 6.96 10.76 -1.79
CA GLY A 36 6.06 10.42 -0.70
C GLY A 36 4.84 11.33 -0.63
N ALA A 37 5.03 12.62 -0.90
CA ALA A 37 3.92 13.57 -0.83
C ALA A 37 3.92 14.54 -2.02
N GLN A 38 4.81 14.32 -2.98
CA GLN A 38 4.91 15.19 -4.15
C GLN A 38 3.60 15.23 -4.92
N ALA A 39 3.27 14.13 -5.62
CA ALA A 39 2.06 14.05 -6.40
C ALA A 39 0.82 13.85 -5.53
N LYS A 40 0.95 14.09 -4.23
CA LYS A 40 -0.16 13.91 -3.31
C LYS A 40 -0.58 12.45 -3.25
N ILE A 41 0.36 11.56 -3.58
CA ILE A 41 0.10 10.13 -3.55
C ILE A 41 -0.30 9.68 -2.15
N ALA A 42 -0.01 10.52 -1.15
CA ALA A 42 -0.36 10.21 0.23
C ALA A 42 -1.84 10.41 0.49
N ILE A 43 -2.25 11.67 0.65
CA ILE A 43 -3.66 12.00 0.89
C ILE A 43 -4.57 11.22 -0.05
N ALA A 44 -4.20 11.20 -1.33
CA ALA A 44 -4.96 10.48 -2.33
C ALA A 44 -5.06 9.01 -1.95
N GLU A 45 -3.91 8.35 -1.85
CA GLU A 45 -3.87 6.93 -1.48
C GLU A 45 -4.96 6.60 -0.45
N GLY A 46 -5.22 7.54 0.45
CA GLY A 46 -6.26 7.32 1.45
C GLY A 46 -7.65 7.37 0.84
N GLN A 47 -8.10 8.57 0.48
CA GLN A 47 -9.43 8.79 -0.09
C GLN A 47 -9.85 7.70 -1.10
N VAL A 48 -8.90 6.94 -1.62
CA VAL A 48 -9.23 5.90 -2.59
C VAL A 48 -9.84 4.69 -1.89
N LYS A 49 -9.03 3.76 -1.38
CA LYS A 49 -9.57 2.58 -0.70
C LYS A 49 -8.47 1.70 -0.12
N VAL A 50 -8.62 1.34 1.15
CA VAL A 50 -7.66 0.48 1.83
C VAL A 50 -8.39 -0.73 2.42
N ASP A 51 -7.69 -1.85 2.53
CA ASP A 51 -8.30 -3.06 3.08
C ASP A 51 -8.63 -2.87 4.56
N GLY A 52 -9.65 -2.05 4.81
CA GLY A 52 -10.04 -1.78 6.18
C GLY A 52 -10.31 -0.31 6.42
N ALA A 53 -9.79 0.55 5.55
CA ALA A 53 -9.98 1.98 5.69
C ALA A 53 -10.46 2.61 4.39
N VAL A 54 -11.45 3.48 4.50
CA VAL A 54 -12.00 4.17 3.34
C VAL A 54 -11.95 5.67 3.56
N GLU A 55 -10.96 6.13 4.32
CA GLU A 55 -10.81 7.54 4.63
C GLU A 55 -9.53 8.10 4.04
N THR A 56 -9.51 9.43 3.85
CA THR A 56 -8.35 10.10 3.28
C THR A 56 -7.49 10.75 4.36
N ARG A 57 -7.02 9.93 5.30
CA ARG A 57 -6.19 10.43 6.39
C ARG A 57 -4.71 10.42 6.01
N LYS A 58 -3.89 11.01 6.86
CA LYS A 58 -2.45 11.07 6.62
C LYS A 58 -1.82 9.72 6.91
N ARG A 59 -2.15 9.16 8.08
CA ARG A 59 -1.63 7.87 8.48
C ARG A 59 -2.78 6.89 8.74
N CYS A 60 -2.51 5.60 8.61
CA CYS A 60 -3.55 4.59 8.83
C CYS A 60 -3.02 3.43 9.65
N LYS A 61 -3.63 3.21 10.80
CA LYS A 61 -3.24 2.09 11.68
C LYS A 61 -3.62 0.77 11.03
N ILE A 62 -2.73 0.25 10.19
CA ILE A 62 -2.98 -1.01 9.50
C ILE A 62 -1.77 -1.95 9.56
N VAL A 63 -2.06 -3.23 9.74
CA VAL A 63 -1.00 -4.25 9.82
C VAL A 63 -1.51 -5.61 9.38
N ALA A 64 -0.60 -6.58 9.34
CA ALA A 64 -0.95 -7.95 8.95
C ALA A 64 -1.14 -8.08 7.44
N GLY A 65 -1.93 -9.05 7.01
CA GLY A 65 -2.16 -9.26 5.59
C GLY A 65 -3.27 -8.39 5.05
N GLN A 66 -2.95 -7.13 4.80
CA GLN A 66 -3.92 -6.18 4.27
C GLN A 66 -3.44 -5.58 2.95
N THR A 67 -4.40 -5.09 2.16
CA THR A 67 -4.12 -4.51 0.85
C THR A 67 -4.41 -3.02 0.81
N VAL A 68 -3.74 -2.33 -0.11
CA VAL A 68 -3.92 -0.89 -0.29
C VAL A 68 -4.28 -0.60 -1.75
N SER A 69 -5.20 0.33 -1.98
CA SER A 69 -5.62 0.65 -3.34
C SER A 69 -5.69 2.16 -3.58
N PHE A 70 -5.04 2.60 -4.65
CA PHE A 70 -5.02 4.02 -5.03
C PHE A 70 -4.97 4.17 -6.55
N ALA A 71 -5.92 4.94 -7.09
CA ALA A 71 -6.00 5.17 -8.52
C ALA A 71 -5.85 3.88 -9.31
N GLY A 72 -4.60 3.51 -9.60
CA GLY A 72 -4.35 2.28 -10.34
C GLY A 72 -3.37 1.37 -9.65
N HIS A 73 -2.74 1.86 -8.58
CA HIS A 73 -1.77 1.05 -7.85
C HIS A 73 -2.43 0.24 -6.75
N SER A 74 -2.50 -1.08 -6.95
CA SER A 74 -3.10 -1.97 -5.96
C SER A 74 -2.07 -3.01 -5.50
N VAL A 75 -1.74 -2.97 -4.20
CA VAL A 75 -0.76 -3.89 -3.65
C VAL A 75 -1.17 -4.38 -2.26
N GLN A 76 -0.60 -5.51 -1.85
CA GLN A 76 -0.92 -6.09 -0.54
C GLN A 76 0.28 -6.03 0.40
N VAL A 77 0.01 -6.21 1.69
CA VAL A 77 1.04 -6.17 2.72
C VAL A 77 0.89 -7.38 3.65
N VAL A 78 2.01 -7.87 4.18
CA VAL A 78 1.98 -9.02 5.09
C VAL A 78 2.76 -8.73 6.37
N ALA A 79 2.52 -9.53 7.41
CA ALA A 79 3.20 -9.36 8.68
C ALA A 79 3.12 -10.64 9.51
N GLY A 1 -1.43 -33.76 -3.05
CA GLY A 1 -2.27 -32.58 -2.68
C GLY A 1 -2.26 -31.51 -3.75
N SER A 2 -2.66 -30.30 -3.38
CA SER A 2 -2.69 -29.18 -4.30
C SER A 2 -2.33 -27.88 -3.61
N MET A 3 -1.27 -27.23 -4.10
CA MET A 3 -0.81 -25.97 -3.53
C MET A 3 0.11 -25.24 -4.49
N ILE A 4 0.11 -23.92 -4.44
CA ILE A 4 0.95 -23.12 -5.31
C ILE A 4 1.67 -22.00 -4.55
N HIS A 5 2.81 -21.58 -5.07
CA HIS A 5 3.60 -20.52 -4.45
C HIS A 5 4.21 -19.61 -5.51
N ARG A 6 3.47 -19.41 -6.59
CA ARG A 6 3.93 -18.56 -7.68
C ARG A 6 4.02 -17.10 -7.26
N MET A 7 5.24 -16.63 -7.04
CA MET A 7 5.48 -15.26 -6.64
C MET A 7 5.50 -14.34 -7.85
N SER A 8 5.92 -13.09 -7.64
CA SER A 8 5.99 -12.12 -8.71
C SER A 8 4.62 -11.89 -9.33
N ASN A 9 4.52 -10.88 -10.19
CA ASN A 9 3.26 -10.54 -10.86
C ASN A 9 2.40 -9.65 -9.96
N MET A 10 2.25 -10.05 -8.71
CA MET A 10 1.47 -9.29 -7.74
C MET A 10 2.38 -8.52 -6.80
N ALA A 11 1.98 -7.29 -6.47
CA ALA A 11 2.77 -6.47 -5.56
C ALA A 11 2.41 -6.78 -4.12
N THR A 12 3.40 -7.15 -3.31
CA THR A 12 3.16 -7.48 -1.92
C THR A 12 4.21 -6.84 -1.01
N PHE A 13 3.75 -6.17 0.04
CA PHE A 13 4.63 -5.50 0.97
C PHE A 13 4.70 -6.25 2.30
N SER A 14 5.88 -6.24 2.92
CA SER A 14 6.07 -6.90 4.21
C SER A 14 6.19 -5.88 5.32
N LEU A 15 5.76 -6.25 6.53
CA LEU A 15 5.84 -5.36 7.68
C LEU A 15 6.73 -5.93 8.76
N GLY A 16 6.62 -7.24 8.98
CA GLY A 16 7.43 -7.89 9.99
C GLY A 16 6.73 -7.93 11.33
N LYS A 17 7.13 -7.06 12.24
CA LYS A 17 6.53 -7.01 13.57
C LYS A 17 6.42 -5.58 14.08
N HIS A 18 5.98 -4.68 13.20
CA HIS A 18 5.82 -3.28 13.55
C HIS A 18 4.35 -2.97 13.80
N PRO A 19 4.04 -1.93 14.61
CA PRO A 19 2.66 -1.55 14.92
C PRO A 19 1.82 -1.38 13.66
N HIS A 20 2.47 -0.95 12.59
CA HIS A 20 1.82 -0.74 11.29
C HIS A 20 2.66 0.22 10.45
N VAL A 21 2.09 0.74 9.37
CA VAL A 21 2.79 1.67 8.50
C VAL A 21 1.93 2.88 8.18
N GLU A 22 2.58 4.04 8.12
CA GLU A 22 1.87 5.27 7.79
C GLU A 22 1.70 5.38 6.28
N LEU A 23 0.61 6.00 5.86
CA LEU A 23 0.33 6.16 4.44
C LEU A 23 1.61 6.46 3.65
N CYS A 24 2.32 7.50 4.05
CA CYS A 24 3.56 7.88 3.38
C CYS A 24 4.60 6.76 3.44
N ASP A 25 4.53 5.94 4.48
CA ASP A 25 5.47 4.83 4.65
C ASP A 25 5.19 3.71 3.66
N LEU A 26 4.00 3.11 3.77
CA LEU A 26 3.61 2.01 2.90
C LEU A 26 3.79 2.38 1.44
N LEU A 27 3.28 3.55 1.06
CA LEU A 27 3.38 4.02 -0.31
C LEU A 27 4.83 4.18 -0.75
N LYS A 28 5.58 4.99 -0.02
CA LYS A 28 6.99 5.24 -0.33
C LYS A 28 7.79 3.93 -0.42
N LEU A 29 7.73 3.14 0.65
CA LEU A 29 8.46 1.88 0.71
C LEU A 29 8.12 0.96 -0.45
N GLU A 30 6.83 0.72 -0.67
CA GLU A 30 6.41 -0.16 -1.76
C GLU A 30 6.79 0.37 -3.13
N GLY A 31 7.15 1.66 -3.19
CA GLY A 31 7.54 2.24 -4.46
C GLY A 31 6.39 2.95 -5.17
N TRP A 32 5.40 3.41 -4.43
CA TRP A 32 4.27 4.12 -5.02
C TRP A 32 4.71 5.52 -5.44
N SER A 33 5.13 6.31 -4.45
CA SER A 33 5.60 7.67 -4.70
C SER A 33 7.11 7.75 -4.55
N GLU A 34 7.77 8.51 -5.42
CA GLU A 34 9.21 8.66 -5.35
C GLU A 34 9.60 9.53 -4.16
N SER A 35 8.76 10.50 -3.85
CA SER A 35 8.99 11.39 -2.72
C SER A 35 8.07 11.04 -1.56
N GLY A 36 6.79 10.88 -1.88
CA GLY A 36 5.80 10.55 -0.88
C GLY A 36 4.60 11.46 -0.92
N ALA A 37 4.81 12.71 -1.35
CA ALA A 37 3.74 13.69 -1.44
C ALA A 37 3.80 14.47 -2.75
N GLN A 38 4.69 14.08 -3.66
CA GLN A 38 4.83 14.76 -4.95
C GLN A 38 3.48 14.86 -5.65
N ALA A 39 3.03 13.74 -6.19
CA ALA A 39 1.75 13.68 -6.89
C ALA A 39 0.58 13.58 -5.91
N LYS A 40 0.83 13.87 -4.64
CA LYS A 40 -0.20 13.78 -3.61
C LYS A 40 -0.66 12.35 -3.45
N ILE A 41 0.24 11.42 -3.72
CA ILE A 41 -0.06 9.99 -3.61
C ILE A 41 -0.40 9.62 -2.17
N ALA A 42 0.10 10.40 -1.23
CA ALA A 42 -0.13 10.16 0.18
C ALA A 42 -1.61 10.33 0.55
N ILE A 43 -2.03 11.58 0.70
CA ILE A 43 -3.42 11.89 1.04
C ILE A 43 -4.37 11.17 0.10
N ALA A 44 -4.04 11.17 -1.19
CA ALA A 44 -4.87 10.52 -2.19
C ALA A 44 -5.04 9.04 -1.88
N GLU A 45 -3.96 8.27 -2.01
CA GLU A 45 -3.99 6.83 -1.74
C GLU A 45 -4.96 6.51 -0.62
N GLY A 46 -4.95 7.33 0.43
CA GLY A 46 -5.85 7.12 1.54
C GLY A 46 -7.30 7.19 1.09
N GLN A 47 -7.76 8.40 0.78
CA GLN A 47 -9.14 8.63 0.35
C GLN A 47 -9.57 7.69 -0.77
N VAL A 48 -8.63 6.93 -1.33
CA VAL A 48 -8.95 6.01 -2.40
C VAL A 48 -9.68 4.78 -1.83
N LYS A 49 -8.95 3.74 -1.45
CA LYS A 49 -9.59 2.54 -0.89
C LYS A 49 -8.57 1.56 -0.33
N VAL A 50 -8.85 1.06 0.87
CA VAL A 50 -7.97 0.10 1.53
C VAL A 50 -8.80 -1.09 2.01
N ASP A 51 -8.19 -2.27 2.01
CA ASP A 51 -8.88 -3.48 2.44
C ASP A 51 -9.24 -3.37 3.93
N GLY A 52 -10.31 -2.66 4.20
CA GLY A 52 -10.75 -2.47 5.58
C GLY A 52 -10.91 -1.01 5.96
N ALA A 53 -10.38 -0.12 5.12
CA ALA A 53 -10.48 1.31 5.39
C ALA A 53 -10.85 2.09 4.13
N VAL A 54 -11.78 3.02 4.27
CA VAL A 54 -12.21 3.86 3.18
C VAL A 54 -12.07 5.34 3.56
N GLU A 55 -11.09 5.63 4.40
CA GLU A 55 -10.87 7.00 4.88
C GLU A 55 -9.66 7.66 4.19
N THR A 56 -9.00 8.57 4.89
CA THR A 56 -7.85 9.27 4.33
C THR A 56 -7.10 10.08 5.39
N ARG A 57 -6.48 9.41 6.34
CA ARG A 57 -5.71 10.10 7.38
C ARG A 57 -4.24 10.18 7.00
N LYS A 58 -3.47 10.89 7.81
CA LYS A 58 -2.04 11.04 7.54
C LYS A 58 -1.31 9.75 7.90
N ARG A 59 -1.62 9.20 9.07
CA ARG A 59 -1.02 7.96 9.53
C ARG A 59 -1.98 6.80 9.33
N CYS A 60 -1.48 5.71 8.75
CA CYS A 60 -2.32 4.55 8.49
C CYS A 60 -2.10 3.48 9.55
N LYS A 61 -3.15 3.20 10.32
CA LYS A 61 -3.08 2.17 11.35
C LYS A 61 -3.59 0.85 10.81
N ILE A 62 -2.77 0.20 9.97
CA ILE A 62 -3.15 -1.08 9.37
C ILE A 62 -2.03 -2.10 9.47
N VAL A 63 -2.42 -3.36 9.71
CA VAL A 63 -1.46 -4.45 9.83
C VAL A 63 -2.08 -5.76 9.38
N ALA A 64 -1.29 -6.84 9.38
CA ALA A 64 -1.77 -8.16 8.98
C ALA A 64 -1.80 -8.31 7.46
N GLY A 65 -2.67 -9.20 6.98
CA GLY A 65 -2.78 -9.43 5.55
C GLY A 65 -3.86 -8.59 4.90
N GLN A 66 -3.56 -7.31 4.66
CA GLN A 66 -4.51 -6.40 4.04
C GLN A 66 -3.96 -5.80 2.76
N THR A 67 -4.86 -5.26 1.93
CA THR A 67 -4.48 -4.65 0.66
C THR A 67 -4.74 -3.15 0.65
N VAL A 68 -4.02 -2.43 -0.22
CA VAL A 68 -4.17 -0.99 -0.35
C VAL A 68 -4.31 -0.62 -1.84
N SER A 69 -5.09 0.42 -2.12
CA SER A 69 -5.30 0.85 -3.50
C SER A 69 -5.40 2.38 -3.60
N PHE A 70 -4.77 2.94 -4.64
CA PHE A 70 -4.79 4.38 -4.87
C PHE A 70 -5.22 4.70 -6.30
N ALA A 71 -4.26 4.70 -7.22
CA ALA A 71 -4.54 5.01 -8.63
C ALA A 71 -3.75 4.10 -9.54
N GLY A 72 -4.32 2.95 -9.86
CA GLY A 72 -3.64 1.99 -10.70
C GLY A 72 -2.74 1.08 -9.89
N HIS A 73 -2.31 1.58 -8.73
CA HIS A 73 -1.44 0.82 -7.86
C HIS A 73 -2.25 0.06 -6.81
N SER A 74 -2.28 -1.25 -6.97
CA SER A 74 -3.00 -2.11 -6.02
C SER A 74 -2.03 -3.09 -5.41
N VAL A 75 -1.56 -2.78 -4.20
CA VAL A 75 -0.59 -3.63 -3.51
C VAL A 75 -1.15 -4.12 -2.17
N GLN A 76 -0.69 -5.30 -1.75
CA GLN A 76 -1.13 -5.87 -0.48
C GLN A 76 0.02 -5.90 0.52
N VAL A 77 -0.33 -6.09 1.79
CA VAL A 77 0.66 -6.14 2.86
C VAL A 77 0.44 -7.34 3.76
N VAL A 78 1.53 -7.91 4.29
CA VAL A 78 1.44 -9.06 5.18
C VAL A 78 2.44 -8.94 6.34
N ALA A 79 2.30 -9.82 7.32
CA ALA A 79 3.18 -9.82 8.48
C ALA A 79 3.48 -11.23 8.94
N GLY A 1 -7.95 -16.97 -28.02
CA GLY A 1 -8.38 -15.54 -27.98
C GLY A 1 -7.73 -14.77 -26.85
N SER A 2 -6.68 -15.34 -26.26
CA SER A 2 -5.97 -14.69 -25.17
C SER A 2 -4.54 -15.20 -25.07
N MET A 3 -3.58 -14.28 -25.12
CA MET A 3 -2.17 -14.64 -25.04
C MET A 3 -1.30 -13.42 -24.72
N ILE A 4 -1.38 -12.95 -23.48
CA ILE A 4 -0.61 -11.78 -23.05
C ILE A 4 0.40 -12.14 -21.96
N HIS A 5 0.14 -13.24 -21.25
CA HIS A 5 1.02 -13.69 -20.18
C HIS A 5 0.94 -12.76 -18.98
N ARG A 6 0.12 -13.14 -18.00
CA ARG A 6 -0.06 -12.34 -16.79
C ARG A 6 -0.55 -10.94 -17.12
N MET A 7 -1.81 -10.67 -16.76
CA MET A 7 -2.41 -9.36 -17.02
C MET A 7 -2.02 -8.37 -15.92
N SER A 8 -2.04 -8.82 -14.67
CA SER A 8 -1.70 -7.98 -13.54
C SER A 8 -0.73 -8.69 -12.60
N ASN A 9 -0.09 -7.94 -11.72
CA ASN A 9 0.85 -8.51 -10.77
C ASN A 9 0.55 -8.04 -9.35
N MET A 10 0.27 -8.99 -8.47
CA MET A 10 -0.04 -8.69 -7.08
C MET A 10 1.24 -8.42 -6.28
N ALA A 11 1.43 -7.18 -5.85
CA ALA A 11 2.60 -6.82 -5.08
C ALA A 11 2.38 -7.12 -3.60
N THR A 12 3.41 -7.65 -2.95
CA THR A 12 3.33 -7.98 -1.53
C THR A 12 4.32 -7.15 -0.74
N PHE A 13 3.88 -6.61 0.40
CA PHE A 13 4.74 -5.80 1.24
C PHE A 13 4.78 -6.34 2.66
N SER A 14 5.82 -7.11 2.98
CA SER A 14 5.97 -7.68 4.31
C SER A 14 6.20 -6.59 5.35
N LEU A 15 5.61 -6.77 6.52
CA LEU A 15 5.75 -5.80 7.60
C LEU A 15 6.95 -6.15 8.49
N GLY A 16 7.15 -7.45 8.70
CA GLY A 16 8.26 -7.90 9.52
C GLY A 16 7.86 -8.10 10.98
N LYS A 17 7.81 -7.01 11.74
CA LYS A 17 7.44 -7.08 13.15
C LYS A 17 7.26 -5.68 13.72
N HIS A 18 6.66 -4.79 12.93
CA HIS A 18 6.42 -3.42 13.35
C HIS A 18 4.99 -3.24 13.86
N PRO A 19 4.71 -2.13 14.57
CA PRO A 19 3.36 -1.87 15.10
C PRO A 19 2.35 -1.63 13.99
N HIS A 20 2.80 -0.95 12.93
CA HIS A 20 1.96 -0.65 11.78
C HIS A 20 2.71 0.29 10.82
N VAL A 21 2.01 0.79 9.80
CA VAL A 21 2.62 1.68 8.83
C VAL A 21 1.74 2.88 8.49
N GLU A 22 2.37 3.98 8.13
CA GLU A 22 1.67 5.18 7.75
C GLU A 22 1.51 5.22 6.23
N LEU A 23 0.42 5.81 5.75
CA LEU A 23 0.16 5.90 4.31
C LEU A 23 1.44 6.21 3.53
N CYS A 24 2.19 7.21 3.99
CA CYS A 24 3.42 7.60 3.33
C CYS A 24 4.44 6.45 3.36
N ASP A 25 4.43 5.70 4.45
CA ASP A 25 5.35 4.57 4.60
C ASP A 25 5.05 3.50 3.56
N LEU A 26 3.84 2.95 3.62
CA LEU A 26 3.43 1.91 2.69
C LEU A 26 3.67 2.34 1.25
N LEU A 27 3.30 3.57 0.94
CA LEU A 27 3.46 4.09 -0.42
C LEU A 27 4.93 4.26 -0.78
N LYS A 28 5.64 5.07 -0.01
CA LYS A 28 7.07 5.33 -0.27
C LYS A 28 7.88 4.04 -0.32
N LEU A 29 7.85 3.29 0.78
CA LEU A 29 8.61 2.04 0.88
C LEU A 29 8.32 1.09 -0.27
N GLU A 30 7.04 0.90 -0.59
CA GLU A 30 6.66 -0.02 -1.67
C GLU A 30 7.01 0.55 -3.05
N GLY A 31 7.30 1.84 -3.12
CA GLY A 31 7.64 2.45 -4.39
C GLY A 31 6.47 3.11 -5.09
N TRP A 32 5.48 3.53 -4.31
CA TRP A 32 4.32 4.20 -4.89
C TRP A 32 4.68 5.62 -5.32
N SER A 33 5.16 6.41 -4.36
CA SER A 33 5.55 7.78 -4.64
C SER A 33 7.07 7.91 -4.63
N GLU A 34 7.60 8.59 -5.64
CA GLU A 34 9.04 8.77 -5.75
C GLU A 34 9.57 9.62 -4.59
N SER A 35 8.74 10.56 -4.14
CA SER A 35 9.11 11.42 -3.03
C SER A 35 8.34 11.02 -1.78
N GLY A 36 7.03 10.87 -1.92
CA GLY A 36 6.18 10.51 -0.81
C GLY A 36 4.94 11.38 -0.75
N ALA A 37 5.07 12.63 -1.18
CA ALA A 37 3.94 13.55 -1.17
C ALA A 37 3.95 14.47 -2.40
N GLN A 38 4.86 14.21 -3.34
CA GLN A 38 4.96 15.03 -4.55
C GLN A 38 3.62 15.08 -5.28
N ALA A 39 3.23 13.96 -5.88
CA ALA A 39 1.97 13.89 -6.61
C ALA A 39 0.79 13.70 -5.66
N LYS A 40 1.02 13.94 -4.37
CA LYS A 40 -0.02 13.79 -3.36
C LYS A 40 -0.44 12.33 -3.24
N ILE A 41 0.44 11.42 -3.69
CA ILE A 41 0.17 9.99 -3.61
C ILE A 41 -0.17 9.57 -2.19
N ALA A 42 0.33 10.34 -1.22
CA ALA A 42 0.07 10.06 0.18
C ALA A 42 -1.40 10.28 0.53
N ILE A 43 -1.77 11.54 0.72
CA ILE A 43 -3.14 11.91 1.06
C ILE A 43 -4.13 11.27 0.09
N ALA A 44 -3.77 11.24 -1.19
CA ALA A 44 -4.64 10.64 -2.20
C ALA A 44 -4.92 9.19 -1.85
N GLU A 45 -3.89 8.34 -1.94
CA GLU A 45 -4.02 6.92 -1.63
C GLU A 45 -5.03 6.70 -0.52
N GLY A 46 -4.97 7.56 0.49
CA GLY A 46 -5.93 7.46 1.58
C GLY A 46 -7.35 7.56 1.07
N GLN A 47 -7.74 8.77 0.70
CA GLN A 47 -9.09 9.03 0.18
C GLN A 47 -9.49 8.04 -0.92
N VAL A 48 -8.54 7.27 -1.44
CA VAL A 48 -8.85 6.31 -2.50
C VAL A 48 -9.56 5.08 -1.92
N LYS A 49 -8.83 4.03 -1.57
CA LYS A 49 -9.49 2.83 -1.03
C LYS A 49 -8.49 1.87 -0.40
N VAL A 50 -8.73 1.52 0.86
CA VAL A 50 -7.87 0.58 1.56
C VAL A 50 -8.70 -0.64 1.96
N ASP A 51 -8.07 -1.81 2.01
CA ASP A 51 -8.78 -3.04 2.37
C ASP A 51 -9.69 -2.84 3.57
N GLY A 52 -10.97 -2.66 3.30
CA GLY A 52 -11.94 -2.46 4.36
C GLY A 52 -11.76 -1.14 5.08
N ALA A 53 -11.02 -0.22 4.47
CA ALA A 53 -10.78 1.09 5.09
C ALA A 53 -10.69 2.20 4.04
N VAL A 54 -11.84 2.71 3.62
CA VAL A 54 -11.87 3.78 2.62
C VAL A 54 -11.86 5.14 3.32
N GLU A 55 -10.76 5.45 3.99
CA GLU A 55 -10.63 6.72 4.71
C GLU A 55 -9.83 7.73 3.90
N THR A 56 -9.53 8.87 4.52
CA THR A 56 -8.77 9.94 3.87
C THR A 56 -7.79 10.59 4.85
N ARG A 57 -7.27 9.81 5.79
CA ARG A 57 -6.35 10.33 6.78
C ARG A 57 -4.91 10.33 6.25
N LYS A 58 -4.02 10.99 6.99
CA LYS A 58 -2.62 11.07 6.61
C LYS A 58 -1.89 9.76 6.92
N ARG A 59 -2.32 9.09 7.98
CA ARG A 59 -1.72 7.82 8.39
C ARG A 59 -2.80 6.77 8.65
N CYS A 60 -2.48 5.51 8.36
CA CYS A 60 -3.45 4.43 8.56
C CYS A 60 -2.83 3.28 9.35
N LYS A 61 -3.37 3.04 10.55
CA LYS A 61 -2.88 1.97 11.40
C LYS A 61 -3.38 0.62 10.88
N ILE A 62 -2.58 -0.02 10.03
CA ILE A 62 -2.95 -1.31 9.46
C ILE A 62 -1.79 -2.30 9.54
N VAL A 63 -2.10 -3.55 9.85
CA VAL A 63 -1.09 -4.60 9.96
C VAL A 63 -1.65 -5.94 9.51
N ALA A 64 -0.78 -6.96 9.47
CA ALA A 64 -1.19 -8.31 9.08
C ALA A 64 -1.42 -8.43 7.57
N GLY A 65 -2.43 -9.22 7.18
CA GLY A 65 -2.72 -9.42 5.78
C GLY A 65 -3.77 -8.45 5.26
N GLN A 66 -3.35 -7.24 4.96
CA GLN A 66 -4.26 -6.21 4.46
C GLN A 66 -3.83 -5.70 3.10
N THR A 67 -4.64 -4.84 2.51
CA THR A 67 -4.37 -4.28 1.19
C THR A 67 -4.63 -2.77 1.13
N VAL A 68 -3.89 -2.10 0.25
CA VAL A 68 -4.03 -0.65 0.06
C VAL A 68 -4.16 -0.34 -1.44
N SER A 69 -4.97 0.65 -1.80
CA SER A 69 -5.16 0.98 -3.21
C SER A 69 -5.25 2.48 -3.48
N PHE A 70 -4.63 2.89 -4.60
CA PHE A 70 -4.62 4.29 -5.03
C PHE A 70 -4.66 4.38 -6.56
N ALA A 71 -5.68 5.06 -7.09
CA ALA A 71 -5.82 5.23 -8.54
C ALA A 71 -5.71 3.90 -9.27
N GLY A 72 -4.47 3.47 -9.54
CA GLY A 72 -4.25 2.22 -10.23
C GLY A 72 -3.29 1.30 -9.49
N HIS A 73 -2.71 1.78 -8.40
CA HIS A 73 -1.76 0.98 -7.64
C HIS A 73 -2.47 0.15 -6.56
N SER A 74 -2.44 -1.17 -6.72
CA SER A 74 -3.05 -2.08 -5.75
C SER A 74 -2.00 -3.02 -5.18
N VAL A 75 -1.68 -2.86 -3.91
CA VAL A 75 -0.67 -3.70 -3.24
C VAL A 75 -1.18 -4.22 -1.91
N GLN A 76 -0.68 -5.39 -1.51
CA GLN A 76 -1.08 -6.01 -0.25
C GLN A 76 0.09 -6.05 0.74
N VAL A 77 -0.26 -6.18 2.02
CA VAL A 77 0.74 -6.24 3.09
C VAL A 77 0.55 -7.52 3.92
N VAL A 78 1.64 -8.17 4.27
CA VAL A 78 1.55 -9.40 5.06
C VAL A 78 2.54 -9.40 6.23
N ALA A 79 2.21 -10.17 7.27
CA ALA A 79 3.06 -10.27 8.45
C ALA A 79 2.71 -11.51 9.27
N GLY A 1 4.84 -3.76 -23.35
CA GLY A 1 4.13 -3.14 -22.21
C GLY A 1 2.67 -3.53 -22.16
N SER A 2 2.33 -4.45 -21.26
CA SER A 2 0.94 -4.90 -21.13
C SER A 2 0.69 -5.45 -19.72
N MET A 3 -0.48 -5.15 -19.18
CA MET A 3 -0.84 -5.61 -17.85
C MET A 3 -1.51 -6.97 -17.90
N ILE A 4 -2.26 -7.23 -18.97
CA ILE A 4 -2.95 -8.49 -19.14
C ILE A 4 -2.01 -9.57 -19.64
N HIS A 5 -1.96 -10.69 -18.92
CA HIS A 5 -1.10 -11.80 -19.29
C HIS A 5 -1.44 -13.04 -18.47
N ARG A 6 -0.59 -14.06 -18.56
CA ARG A 6 -0.82 -15.30 -17.82
C ARG A 6 -0.33 -15.18 -16.39
N MET A 7 0.70 -14.38 -16.17
CA MET A 7 1.26 -14.17 -14.84
C MET A 7 0.37 -13.25 -14.02
N SER A 8 0.72 -13.06 -12.76
CA SER A 8 -0.05 -12.19 -11.87
C SER A 8 0.87 -11.36 -10.98
N ASN A 9 0.72 -10.05 -11.04
CA ASN A 9 1.54 -9.14 -10.24
C ASN A 9 1.13 -9.23 -8.77
N MET A 10 1.69 -10.20 -8.06
CA MET A 10 1.38 -10.38 -6.64
C MET A 10 2.37 -9.64 -5.74
N ALA A 11 2.21 -8.34 -5.63
CA ALA A 11 3.08 -7.54 -4.78
C ALA A 11 2.65 -7.64 -3.33
N THR A 12 3.59 -7.95 -2.44
CA THR A 12 3.29 -8.08 -1.02
C THR A 12 4.31 -7.34 -0.18
N PHE A 13 3.82 -6.57 0.78
CA PHE A 13 4.68 -5.80 1.66
C PHE A 13 4.86 -6.51 3.00
N SER A 14 5.97 -7.23 3.14
CA SER A 14 6.25 -7.95 4.38
C SER A 14 6.73 -7.00 5.46
N LEU A 15 5.83 -6.59 6.35
CA LEU A 15 6.17 -5.69 7.45
C LEU A 15 7.32 -6.25 8.26
N GLY A 16 7.36 -7.58 8.39
CA GLY A 16 8.39 -8.23 9.16
C GLY A 16 8.08 -8.25 10.64
N LYS A 17 6.83 -8.54 10.98
CA LYS A 17 6.40 -8.58 12.36
C LYS A 17 6.58 -7.23 13.03
N HIS A 18 6.27 -6.17 12.28
CA HIS A 18 6.40 -4.81 12.77
C HIS A 18 5.07 -4.30 13.31
N PRO A 19 5.09 -3.19 14.07
CA PRO A 19 3.87 -2.60 14.65
C PRO A 19 2.81 -2.27 13.60
N HIS A 20 3.14 -1.34 12.71
CA HIS A 20 2.24 -0.92 11.64
C HIS A 20 2.88 0.17 10.79
N VAL A 21 2.11 0.74 9.86
CA VAL A 21 2.66 1.80 9.00
C VAL A 21 1.59 2.80 8.55
N GLU A 22 2.08 3.91 8.00
CA GLU A 22 1.21 4.97 7.50
C GLU A 22 1.16 4.92 5.98
N LEU A 23 0.06 5.40 5.41
CA LEU A 23 -0.13 5.42 3.96
C LEU A 23 1.15 5.83 3.21
N CYS A 24 1.80 6.88 3.69
CA CYS A 24 3.02 7.36 3.06
C CYS A 24 4.15 6.34 3.17
N ASP A 25 4.25 5.68 4.31
CA ASP A 25 5.30 4.69 4.54
C ASP A 25 5.20 3.52 3.56
N LEU A 26 4.09 2.79 3.62
CA LEU A 26 3.86 1.65 2.75
C LEU A 26 4.04 2.03 1.28
N LEU A 27 3.52 3.19 0.90
CA LEU A 27 3.60 3.65 -0.47
C LEU A 27 5.04 3.98 -0.86
N LYS A 28 5.62 4.97 -0.19
CA LYS A 28 6.99 5.38 -0.48
C LYS A 28 7.94 4.18 -0.44
N LEU A 29 7.96 3.48 0.69
CA LEU A 29 8.82 2.30 0.84
C LEU A 29 8.60 1.31 -0.30
N GLU A 30 7.37 1.26 -0.81
CA GLU A 30 7.04 0.34 -1.89
C GLU A 30 7.41 0.91 -3.26
N GLY A 31 7.68 2.21 -3.30
CA GLY A 31 8.04 2.84 -4.56
C GLY A 31 6.86 3.50 -5.24
N TRP A 32 5.79 3.74 -4.49
CA TRP A 32 4.60 4.38 -5.04
C TRP A 32 4.91 5.84 -5.37
N SER A 33 5.27 6.60 -4.33
CA SER A 33 5.61 8.00 -4.51
C SER A 33 7.12 8.20 -4.37
N GLU A 34 7.72 8.96 -5.28
CA GLU A 34 9.16 9.19 -5.25
C GLU A 34 9.56 9.95 -3.98
N SER A 35 8.70 10.85 -3.54
CA SER A 35 8.95 11.62 -2.33
C SER A 35 8.06 11.12 -1.19
N GLY A 36 6.77 11.03 -1.47
CA GLY A 36 5.82 10.56 -0.47
C GLY A 36 4.53 11.37 -0.49
N ALA A 37 4.65 12.68 -0.72
CA ALA A 37 3.49 13.55 -0.76
C ALA A 37 3.56 14.54 -1.94
N GLN A 38 4.50 14.31 -2.85
CA GLN A 38 4.66 15.19 -4.02
C GLN A 38 3.41 15.15 -4.88
N ALA A 39 3.15 13.99 -5.50
CA ALA A 39 1.99 13.82 -6.37
C ALA A 39 0.70 13.64 -5.56
N LYS A 40 0.76 13.95 -4.26
CA LYS A 40 -0.41 13.82 -3.40
C LYS A 40 -0.81 12.35 -3.26
N ILE A 41 0.16 11.45 -3.44
CA ILE A 41 -0.08 10.02 -3.33
C ILE A 41 -0.53 9.65 -1.93
N ALA A 42 -0.11 10.42 -0.94
CA ALA A 42 -0.48 10.16 0.44
C ALA A 42 -1.97 10.38 0.65
N ILE A 43 -2.37 11.65 0.77
CA ILE A 43 -3.77 11.99 0.97
C ILE A 43 -4.64 11.22 -0.02
N ALA A 44 -4.11 11.03 -1.23
CA ALA A 44 -4.82 10.29 -2.25
C ALA A 44 -5.01 8.85 -1.80
N GLU A 45 -3.89 8.14 -1.61
CA GLU A 45 -3.92 6.75 -1.16
C GLU A 45 -5.12 6.50 -0.25
N GLY A 46 -5.38 7.44 0.64
CA GLY A 46 -6.50 7.31 1.55
C GLY A 46 -7.83 7.41 0.80
N GLN A 47 -8.17 8.60 0.34
CA GLN A 47 -9.43 8.84 -0.37
C GLN A 47 -9.74 7.75 -1.39
N VAL A 48 -8.72 7.00 -1.81
CA VAL A 48 -8.93 5.93 -2.78
C VAL A 48 -9.59 4.71 -2.11
N LYS A 49 -8.80 3.83 -1.51
CA LYS A 49 -9.35 2.65 -0.85
C LYS A 49 -8.28 1.93 -0.03
N VAL A 50 -8.63 1.58 1.21
CA VAL A 50 -7.71 0.87 2.09
C VAL A 50 -8.42 -0.29 2.77
N ASP A 51 -7.71 -1.38 2.98
CA ASP A 51 -8.28 -2.57 3.62
C ASP A 51 -9.02 -2.20 4.90
N GLY A 52 -10.32 -1.92 4.78
CA GLY A 52 -11.12 -1.57 5.93
C GLY A 52 -11.21 -0.07 6.13
N ALA A 53 -10.47 0.71 5.35
CA ALA A 53 -10.50 2.15 5.48
C ALA A 53 -10.74 2.83 4.14
N VAL A 54 -11.68 3.75 4.10
CA VAL A 54 -12.01 4.50 2.89
C VAL A 54 -11.90 6.00 3.17
N GLU A 55 -10.98 6.38 4.06
CA GLU A 55 -10.80 7.77 4.42
C GLU A 55 -9.58 8.39 3.74
N THR A 56 -9.62 9.72 3.58
CA THR A 56 -8.55 10.44 2.93
C THR A 56 -7.52 10.96 3.94
N ARG A 57 -7.12 10.09 4.85
CA ARG A 57 -6.14 10.44 5.87
C ARG A 57 -4.73 10.43 5.31
N LYS A 58 -3.78 10.93 6.09
CA LYS A 58 -2.38 10.96 5.68
C LYS A 58 -1.70 9.65 6.07
N ARG A 59 -2.16 9.07 7.18
CA ARG A 59 -1.62 7.81 7.67
C ARG A 59 -2.76 6.83 7.92
N CYS A 60 -2.47 5.53 7.81
CA CYS A 60 -3.49 4.52 8.04
C CYS A 60 -2.94 3.37 8.87
N LYS A 61 -3.52 3.17 10.05
CA LYS A 61 -3.09 2.09 10.93
C LYS A 61 -3.56 0.74 10.40
N ILE A 62 -2.65 0.04 9.73
CA ILE A 62 -2.97 -1.27 9.15
C ILE A 62 -1.89 -2.29 9.47
N VAL A 63 -2.32 -3.51 9.72
CA VAL A 63 -1.39 -4.60 10.03
C VAL A 63 -1.93 -5.92 9.50
N ALA A 64 -1.10 -6.96 9.56
CA ALA A 64 -1.50 -8.28 9.09
C ALA A 64 -1.60 -8.34 7.56
N GLY A 65 -2.42 -9.27 7.05
CA GLY A 65 -2.59 -9.41 5.62
C GLY A 65 -3.67 -8.52 5.08
N GLN A 66 -3.32 -7.27 4.82
CA GLN A 66 -4.28 -6.28 4.32
C GLN A 66 -3.84 -5.70 2.98
N THR A 67 -4.79 -5.11 2.25
CA THR A 67 -4.52 -4.55 0.93
C THR A 67 -4.73 -3.02 0.90
N VAL A 68 -3.96 -2.36 0.04
CA VAL A 68 -4.06 -0.91 -0.13
C VAL A 68 -4.27 -0.58 -1.60
N SER A 69 -5.08 0.44 -1.89
CA SER A 69 -5.38 0.80 -3.28
C SER A 69 -5.38 2.31 -3.52
N PHE A 70 -4.71 2.73 -4.60
CA PHE A 70 -4.62 4.13 -5.00
C PHE A 70 -4.62 4.24 -6.53
N ALA A 71 -5.59 4.98 -7.08
CA ALA A 71 -5.69 5.17 -8.52
C ALA A 71 -5.55 3.84 -9.27
N GLY A 72 -4.32 3.44 -9.54
CA GLY A 72 -4.08 2.20 -10.24
C GLY A 72 -3.10 1.28 -9.52
N HIS A 73 -2.54 1.76 -8.41
CA HIS A 73 -1.58 0.97 -7.65
C HIS A 73 -2.27 0.18 -6.55
N SER A 74 -2.33 -1.13 -6.70
CA SER A 74 -2.95 -2.00 -5.71
C SER A 74 -1.94 -3.02 -5.19
N VAL A 75 -1.76 -3.06 -3.88
CA VAL A 75 -0.81 -3.99 -3.28
C VAL A 75 -1.27 -4.46 -1.91
N GLN A 76 -0.71 -5.58 -1.45
CA GLN A 76 -1.06 -6.14 -0.16
C GLN A 76 0.10 -6.05 0.83
N VAL A 77 -0.20 -6.22 2.11
CA VAL A 77 0.80 -6.14 3.16
C VAL A 77 0.61 -7.26 4.18
N VAL A 78 1.70 -7.75 4.76
CA VAL A 78 1.62 -8.81 5.77
C VAL A 78 2.51 -8.48 6.96
N ALA A 79 2.51 -9.35 7.96
CA ALA A 79 3.32 -9.15 9.16
C ALA A 79 3.53 -10.46 9.91
#